data_7ZNY
#
_entry.id   7ZNY
#
_cell.length_a   1.00
_cell.length_b   1.00
_cell.length_c   1.00
_cell.angle_alpha   90.00
_cell.angle_beta   90.00
_cell.angle_gamma   90.00
#
_symmetry.space_group_name_H-M   'P 1'
#
_entity_poly.entity_id   1
_entity_poly.type   'polypeptide(L)'
_entity_poly.pdbx_seq_one_letter_code
;MLSYQDKVSAFYKDNARANSSKLSLVTEEQGGRRPPYLLFVLLILLVGIMALLAITGVRFHQVSTSNMEFSRLLKEDMEK
SEAVHHQVIDVLTPLFKIIGDEIGLRLPQKLNEIKQFILQKTNFFNPNREFDFRDLHWCINPPSKIKVNFTNYCDTIGIR
KSIASAANPILLSALSGGRGDIFPPYRCSGATTSVGRVFPLSVSLSMSLISRTSEIINMLTAISDGVYGKTYLLVPDYIE
GGFDTQKIRVFEIGFIKRWLNDMPLLQTTNYMVLPENSKAKVCTIAVGELTLASLCVDESTVLLYHDSDGSQDGILVVTL
GIFGATPMDQVEEVIPVAHPSVEKIHITNHRGFIKDSIATWMVPALVSEKQEEQKNCLESACQRKSYPMCNQTSWEPFGG
GQLPSYGRLTLPLDPSIDLQLNISFTYGPVILNGDGMDYYESPLLDSGWLTIPPKNGTVLGLINKASRGDQFTVIPHVLT
FAPRESSGNCYLPIQTSQIMDKDVLTESNLVVLPTQNFRYVIATYDISRGDHAIVYYVYDPIRAISYTYPFRLTTKGRPD
FLRIECFVWDDDLWCHQFYRFEADSTNSTTSVENLVRIRFSCNRSKP
;
_entity_poly.pdbx_strand_id   A,B,C,D
#
# COMPACT_ATOMS: atom_id res chain seq x y z
N GLU A 130 29.05 -31.38 0.13
CA GLU A 130 27.78 -31.35 -0.58
C GLU A 130 26.61 -31.45 0.39
N PHE A 131 25.97 -30.31 0.65
CA PHE A 131 24.82 -30.30 1.55
C PHE A 131 23.53 -30.49 0.76
N ASP A 132 22.69 -31.40 1.23
CA ASP A 132 21.38 -31.59 0.63
C ASP A 132 20.52 -30.35 0.86
N PHE A 133 19.98 -29.80 -0.24
CA PHE A 133 19.33 -28.50 -0.16
C PHE A 133 17.97 -28.55 0.51
N ARG A 134 17.27 -29.68 0.43
CA ARG A 134 15.96 -29.78 1.06
C ARG A 134 16.06 -29.66 2.58
N ASP A 135 17.06 -30.32 3.18
CA ASP A 135 17.26 -30.18 4.62
C ASP A 135 17.90 -28.85 4.99
N LEU A 136 18.71 -28.29 4.08
CA LEU A 136 19.34 -27.00 4.33
C LEU A 136 18.31 -25.87 4.35
N HIS A 137 18.59 -24.85 5.16
CA HIS A 137 17.68 -23.72 5.31
C HIS A 137 18.45 -22.41 5.21
N TRP A 138 17.75 -21.37 4.76
CA TRP A 138 18.22 -20.01 4.96
C TRP A 138 17.87 -19.55 6.37
N CYS A 139 18.82 -18.86 7.02
CA CYS A 139 18.56 -18.28 8.33
C CYS A 139 18.81 -16.78 8.30
N ILE A 140 17.91 -16.05 8.96
CA ILE A 140 17.96 -14.59 9.05
C ILE A 140 18.52 -14.22 10.41
N ASN A 141 19.03 -12.99 10.53
CA ASN A 141 19.64 -12.55 11.77
C ASN A 141 18.80 -11.43 12.38
N PRO A 142 17.99 -11.72 13.40
CA PRO A 142 17.18 -10.67 14.02
C PRO A 142 18.02 -9.84 14.97
N PRO A 143 17.55 -8.65 15.34
CA PRO A 143 18.23 -7.88 16.38
C PRO A 143 18.17 -8.60 17.73
N SER A 144 19.09 -8.24 18.62
CA SER A 144 19.24 -8.97 19.88
C SER A 144 17.97 -8.89 20.73
N LYS A 145 17.33 -7.72 20.79
CA LYS A 145 16.13 -7.57 21.60
C LYS A 145 14.96 -8.36 21.01
N ILE A 146 14.90 -8.48 19.68
CA ILE A 146 13.83 -9.24 19.05
C ILE A 146 14.00 -10.73 19.31
N LYS A 147 15.23 -11.23 19.24
CA LYS A 147 15.47 -12.66 19.35
C LYS A 147 15.05 -13.21 20.70
N VAL A 148 15.37 -12.51 21.79
CA VAL A 148 15.08 -13.03 23.11
C VAL A 148 13.57 -13.12 23.36
N ASN A 149 12.84 -12.03 23.11
CA ASN A 149 11.38 -11.97 23.26
C ASN A 149 10.80 -11.14 22.12
N PHE A 150 10.50 -11.80 21.00
CA PHE A 150 9.83 -11.11 19.91
C PHE A 150 8.47 -10.59 20.33
N THR A 151 7.72 -11.38 21.10
CA THR A 151 6.40 -10.95 21.55
C THR A 151 6.48 -9.67 22.37
N ASN A 152 7.37 -9.65 23.37
CA ASN A 152 7.52 -8.46 24.19
C ASN A 152 8.03 -7.29 23.38
N TYR A 153 9.01 -7.52 22.49
CA TYR A 153 9.56 -6.44 21.68
C TYR A 153 8.47 -5.76 20.86
N CYS A 154 7.68 -6.54 20.12
CA CYS A 154 6.73 -5.89 19.24
C CYS A 154 5.45 -5.49 19.97
N ASP A 155 5.21 -6.02 21.17
CA ASP A 155 4.18 -5.42 22.03
C ASP A 155 4.60 -4.01 22.45
N THR A 156 5.87 -3.83 22.83
CA THR A 156 6.36 -2.49 23.12
C THR A 156 6.32 -1.61 21.89
N ILE A 157 6.63 -2.18 20.71
CA ILE A 157 6.55 -1.42 19.47
C ILE A 157 5.13 -0.93 19.21
N GLY A 158 4.16 -1.82 19.38
CA GLY A 158 2.77 -1.44 19.18
C GLY A 158 2.31 -0.39 20.17
N ILE A 159 2.69 -0.53 21.45
CA ILE A 159 2.32 0.45 22.45
C ILE A 159 2.92 1.81 22.11
N ARG A 160 4.21 1.83 21.72
CA ARG A 160 4.85 3.09 21.38
C ARG A 160 4.20 3.73 20.17
N LYS A 161 3.87 2.93 19.15
CA LYS A 161 3.23 3.49 17.96
C LYS A 161 1.84 4.04 18.30
N SER A 162 1.09 3.33 19.14
CA SER A 162 -0.23 3.81 19.54
C SER A 162 -0.14 5.10 20.33
N ILE A 163 0.82 5.20 21.25
CA ILE A 163 0.99 6.42 22.02
C ILE A 163 1.40 7.57 21.12
N ALA A 164 2.29 7.30 20.16
CA ALA A 164 2.68 8.34 19.21
C ALA A 164 1.50 8.81 18.38
N SER A 165 0.66 7.88 17.93
CA SER A 165 -0.54 8.27 17.17
C SER A 165 -1.49 9.10 18.03
N ALA A 166 -1.63 8.72 19.30
CA ALA A 166 -2.49 9.48 20.21
C ALA A 166 -1.97 10.89 20.41
N ALA A 167 -0.65 11.05 20.55
CA ALA A 167 -0.06 12.35 20.80
C ALA A 167 0.13 13.18 19.53
N ASN A 168 0.00 12.57 18.36
CA ASN A 168 0.21 13.29 17.11
C ASN A 168 -0.68 14.53 16.93
N PRO A 169 -1.98 14.52 17.25
CA PRO A 169 -2.78 15.74 17.05
C PRO A 169 -2.24 16.96 17.77
N ILE A 170 -1.69 16.80 18.98
CA ILE A 170 -1.14 17.94 19.70
C ILE A 170 0.04 18.52 18.95
N LEU A 171 0.95 17.66 18.49
CA LEU A 171 2.10 18.13 17.73
C LEU A 171 1.69 18.78 16.43
N LEU A 172 0.67 18.22 15.75
CA LEU A 172 0.19 18.82 14.51
C LEU A 172 -0.39 20.20 14.76
N SER A 173 -1.18 20.35 15.83
CA SER A 173 -1.71 21.67 16.15
C SER A 173 -0.61 22.66 16.48
N ALA A 174 0.39 22.23 17.25
CA ALA A 174 1.50 23.12 17.57
C ALA A 174 2.27 23.55 16.33
N LEU A 175 2.55 22.60 15.42
CA LEU A 175 3.26 22.93 14.20
C LEU A 175 2.44 23.87 13.31
N SER A 176 1.13 23.61 13.22
CA SER A 176 0.28 24.50 12.42
C SER A 176 0.26 25.90 13.00
N GLY A 177 0.22 26.02 14.33
CA GLY A 177 0.26 27.34 14.94
C GLY A 177 1.59 28.05 14.75
N GLY A 178 2.70 27.30 14.80
CA GLY A 178 4.01 27.90 14.79
C GLY A 178 4.68 28.07 13.43
N ARG A 179 4.19 27.40 12.38
CA ARG A 179 4.86 27.47 11.09
C ARG A 179 4.64 28.82 10.40
N GLY A 180 3.42 29.34 10.47
CA GLY A 180 3.09 30.52 9.68
C GLY A 180 3.81 31.76 10.16
N ASP A 181 4.18 32.61 9.20
CA ASP A 181 4.74 33.94 9.46
C ASP A 181 5.99 33.86 10.33
N ILE A 182 7.03 33.24 9.77
CA ILE A 182 8.31 33.15 10.47
C ILE A 182 8.91 34.55 10.68
N PHE A 183 8.83 35.39 9.66
CA PHE A 183 9.38 36.73 9.69
C PHE A 183 8.31 37.75 9.30
N PRO A 184 8.40 38.96 9.83
CA PRO A 184 7.48 40.02 9.40
C PRO A 184 7.79 40.44 7.97
N PRO A 185 6.84 41.11 7.30
CA PRO A 185 7.10 41.55 5.92
C PRO A 185 8.18 42.62 5.87
N TYR A 186 8.43 43.10 4.65
CA TYR A 186 9.47 44.09 4.44
C TYR A 186 9.18 45.36 5.23
N ARG A 187 10.25 46.10 5.55
CA ARG A 187 10.13 47.29 6.38
C ARG A 187 9.15 48.29 5.78
N CYS A 188 8.23 48.76 6.61
CA CYS A 188 7.19 49.69 6.15
C CYS A 188 7.59 51.14 6.30
N SER A 189 8.11 51.54 7.46
CA SER A 189 8.51 52.93 7.68
C SER A 189 9.95 53.02 8.15
N GLY A 190 10.38 52.05 8.95
CA GLY A 190 11.72 52.08 9.49
C GLY A 190 12.08 50.78 10.19
N ALA A 191 13.00 50.89 11.14
CA ALA A 191 13.49 49.72 11.86
C ALA A 191 12.38 49.13 12.73
N THR A 192 12.40 47.80 12.86
CA THR A 192 11.41 47.11 13.66
C THR A 192 11.67 47.34 15.15
N THR A 193 10.59 47.42 15.92
CA THR A 193 10.68 47.63 17.36
C THR A 193 10.43 46.33 18.11
N SER A 194 11.25 46.08 19.13
CA SER A 194 11.17 44.88 19.94
C SER A 194 10.20 45.10 21.09
N VAL A 195 9.31 44.13 21.29
CA VAL A 195 8.32 44.16 22.37
C VAL A 195 8.52 42.92 23.23
N GLY A 196 8.60 43.11 24.54
CA GLY A 196 8.86 42.02 25.48
C GLY A 196 7.67 41.78 26.38
N ARG A 197 7.47 40.51 26.73
CA ARG A 197 6.37 40.10 27.59
C ARG A 197 6.73 38.80 28.28
N VAL A 198 6.47 38.72 29.58
CA VAL A 198 6.72 37.52 30.36
C VAL A 198 5.44 36.71 30.44
N PHE A 199 5.59 35.42 30.75
CA PHE A 199 4.46 34.51 30.86
C PHE A 199 4.76 33.48 31.93
N PRO A 200 4.50 33.82 33.20
CA PRO A 200 4.89 32.92 34.30
C PRO A 200 4.01 31.69 34.44
N LEU A 201 2.87 31.63 33.75
CA LEU A 201 1.99 30.47 33.89
C LEU A 201 2.61 29.26 33.20
N SER A 202 2.67 28.14 33.91
CA SER A 202 3.19 26.90 33.36
C SER A 202 2.72 25.74 34.22
N VAL A 203 2.62 24.57 33.59
CA VAL A 203 2.21 23.35 34.27
C VAL A 203 3.41 22.40 34.43
N SER A 204 4.62 22.93 34.38
CA SER A 204 5.81 22.13 34.53
C SER A 204 6.10 21.85 36.00
N LEU A 205 6.81 20.74 36.25
CA LEU A 205 7.18 20.40 37.61
C LEU A 205 8.24 21.36 38.16
N SER A 206 9.15 21.81 37.28
CA SER A 206 10.23 22.69 37.74
C SER A 206 9.69 24.00 38.27
N MET A 207 8.71 24.59 37.59
CA MET A 207 8.14 25.85 38.06
C MET A 207 7.44 25.68 39.40
N SER A 208 6.70 24.58 39.56
CA SER A 208 6.03 24.31 40.84
C SER A 208 7.05 24.14 41.96
N LEU A 209 8.15 23.43 41.69
CA LEU A 209 9.19 23.28 42.70
C LEU A 209 9.85 24.60 43.04
N ILE A 210 10.07 25.45 42.03
CA ILE A 210 10.69 26.76 42.27
C ILE A 210 9.77 27.61 43.13
N SER A 211 8.46 27.60 42.85
CA SER A 211 7.52 28.43 43.59
C SER A 211 7.45 28.07 45.07
N ARG A 212 7.93 26.89 45.45
CA ARG A 212 7.91 26.46 46.85
C ARG A 212 9.22 26.76 47.57
N THR A 213 9.96 27.77 47.12
CA THR A 213 11.23 28.18 47.74
C THR A 213 12.21 27.02 47.85
N SER A 214 12.28 26.21 46.80
CA SER A 214 13.25 25.13 46.70
C SER A 214 14.19 25.43 45.53
N GLU A 215 15.49 25.36 45.79
CA GLU A 215 16.48 25.76 44.79
C GLU A 215 16.63 24.70 43.71
N ILE A 216 16.69 25.16 42.45
CA ILE A 216 16.92 24.32 41.30
C ILE A 216 18.28 24.69 40.72
N ILE A 217 19.13 23.68 40.51
CA ILE A 217 20.52 23.89 40.09
C ILE A 217 20.74 23.21 38.74
N ASN A 218 21.37 23.94 37.82
CA ASN A 218 21.89 23.38 36.58
C ASN A 218 20.79 22.70 35.76
N MET A 219 19.85 23.51 35.31
CA MET A 219 18.76 23.05 34.47
C MET A 219 19.11 23.25 32.99
N LEU A 220 18.88 22.21 32.19
CA LEU A 220 19.19 22.23 30.77
C LEU A 220 17.91 21.98 29.99
N THR A 221 17.17 23.04 29.69
CA THR A 221 15.94 22.93 28.93
C THR A 221 16.25 22.74 27.45
N ALA A 222 15.47 21.87 26.79
CA ALA A 222 15.59 21.65 25.36
C ALA A 222 14.19 21.53 24.78
N ILE A 223 13.87 22.37 23.79
CA ILE A 223 12.55 22.41 23.18
C ILE A 223 12.71 22.11 21.70
N SER A 224 11.96 21.13 21.21
CA SER A 224 12.01 20.75 19.81
C SER A 224 10.72 20.07 19.39
N ASP A 225 10.23 20.45 18.21
CA ASP A 225 9.07 19.83 17.55
C ASP A 225 7.90 19.60 18.50
N GLY A 226 7.63 20.60 19.35
CA GLY A 226 6.46 20.58 20.19
C GLY A 226 6.61 19.86 21.51
N VAL A 227 7.74 19.20 21.76
CA VAL A 227 8.00 18.51 23.02
C VAL A 227 9.26 19.08 23.62
N TYR A 228 9.22 19.37 24.91
CA TYR A 228 10.37 19.92 25.62
C TYR A 228 10.94 18.86 26.57
N GLY A 229 11.97 19.25 27.31
CA GLY A 229 12.59 18.37 28.27
C GLY A 229 13.54 19.10 29.20
N LYS A 230 13.57 18.70 30.47
CA LYS A 230 14.40 19.37 31.46
C LYS A 230 15.12 18.33 32.31
N THR A 231 16.35 18.65 32.69
CA THR A 231 17.10 17.88 33.68
C THR A 231 17.67 18.86 34.69
N TYR A 232 17.19 18.81 35.92
CA TYR A 232 17.59 19.80 36.91
C TYR A 232 17.86 19.13 38.25
N LEU A 233 18.93 19.57 38.90
CA LEU A 233 19.22 19.08 40.24
C LEU A 233 18.27 19.72 41.24
N LEU A 234 17.71 18.89 42.12
CA LEU A 234 16.73 19.32 43.11
C LEU A 234 17.34 19.23 44.50
N VAL A 235 17.21 20.29 45.27
CA VAL A 235 17.73 20.35 46.64
C VAL A 235 16.54 20.21 47.59
N PRO A 236 16.39 19.07 48.26
CA PRO A 236 15.25 18.89 49.17
C PRO A 236 15.43 19.69 50.45
N ASP A 237 14.60 20.72 50.62
CA ASP A 237 14.61 21.53 51.84
C ASP A 237 13.26 21.57 52.54
N TYR A 238 12.19 21.11 51.89
CA TYR A 238 10.88 21.09 52.54
C TYR A 238 10.90 20.15 53.74
N ILE A 239 11.53 18.99 53.60
CA ILE A 239 11.75 18.05 54.70
C ILE A 239 13.25 17.94 54.90
N GLU A 240 13.72 18.29 56.10
CA GLU A 240 15.14 18.35 56.41
C GLU A 240 15.48 17.37 57.52
N GLY A 241 16.50 16.55 57.29
CA GLY A 241 16.98 15.63 58.30
C GLY A 241 18.47 15.82 58.55
N GLY A 242 18.82 16.22 59.78
CA GLY A 242 20.19 16.52 60.10
C GLY A 242 20.65 17.82 59.49
N PHE A 243 21.61 17.75 58.57
CA PHE A 243 22.11 18.93 57.86
C PHE A 243 21.76 18.92 56.38
N ASP A 244 22.15 17.87 55.66
CA ASP A 244 21.84 17.74 54.25
C ASP A 244 21.89 16.27 53.88
N THR A 245 20.93 15.83 53.06
CA THR A 245 20.88 14.43 52.65
C THR A 245 21.59 14.22 51.31
N GLN A 246 21.10 14.87 50.25
CA GLN A 246 21.71 14.78 48.92
C GLN A 246 21.00 15.72 47.94
N LYS A 247 21.50 15.79 46.71
CA LYS A 247 20.83 16.48 45.62
C LYS A 247 20.32 15.44 44.64
N ILE A 248 19.11 15.67 44.10
CA ILE A 248 18.40 14.67 43.32
C ILE A 248 18.30 15.15 41.88
N ARG A 249 18.68 14.28 40.95
CA ARG A 249 18.44 14.55 39.54
C ARG A 249 16.98 14.25 39.19
N VAL A 250 16.39 15.13 38.39
CA VAL A 250 15.01 14.96 37.93
C VAL A 250 15.00 15.12 36.41
N PHE A 251 14.40 14.15 35.72
CA PHE A 251 14.24 14.21 34.27
C PHE A 251 12.76 14.37 33.96
N GLU A 252 12.43 15.43 33.21
CA GLU A 252 11.04 15.77 32.95
C GLU A 252 10.84 16.02 31.46
N ILE A 253 9.86 15.34 30.88
CA ILE A 253 9.44 15.59 29.51
C ILE A 253 8.05 16.20 29.56
N GLY A 254 7.57 16.67 28.41
CA GLY A 254 6.25 17.28 28.38
C GLY A 254 5.84 17.69 26.99
N PHE A 255 4.83 18.55 26.95
CA PHE A 255 4.19 18.99 25.72
C PHE A 255 4.18 20.51 25.66
N ILE A 256 4.14 21.03 24.44
CA ILE A 256 3.91 22.45 24.19
C ILE A 256 2.48 22.59 23.67
N LYS A 257 1.61 23.21 24.47
CA LYS A 257 0.19 23.27 24.15
C LYS A 257 -0.29 24.72 24.19
N ARG A 258 -1.34 24.99 23.42
CA ARG A 258 -1.95 26.31 23.38
C ARG A 258 -2.95 26.47 24.51
N TRP A 259 -3.02 27.68 25.06
CA TRP A 259 -3.90 27.94 26.20
C TRP A 259 -4.91 29.02 25.89
N LEU A 260 -5.61 28.89 24.75
CA LEU A 260 -6.75 29.71 24.35
C LEU A 260 -6.37 31.18 24.20
N ASN A 261 -5.09 31.51 24.36
CA ASN A 261 -4.60 32.87 24.15
C ASN A 261 -3.45 32.90 23.15
N ASP A 262 -3.21 31.80 22.45
CA ASP A 262 -2.15 31.69 21.44
C ASP A 262 -0.75 31.91 22.04
N MET A 263 -0.55 31.41 23.26
CA MET A 263 0.78 31.27 23.83
C MET A 263 0.98 29.86 24.35
N PRO A 264 2.20 29.36 24.35
CA PRO A 264 2.43 27.96 24.75
C PRO A 264 2.18 27.75 26.23
N LEU A 265 1.81 26.50 26.57
CA LEU A 265 1.60 26.07 27.94
C LEU A 265 2.46 24.83 28.16
N LEU A 266 3.61 25.01 28.82
CA LEU A 266 4.54 23.90 29.06
C LEU A 266 3.92 22.96 30.08
N GLN A 267 3.40 21.83 29.61
CA GLN A 267 2.72 20.86 30.45
C GLN A 267 3.57 19.59 30.54
N THR A 268 3.85 19.16 31.76
CA THR A 268 4.66 17.96 32.00
C THR A 268 3.75 16.74 31.97
N THR A 269 3.94 15.88 30.98
CA THR A 269 3.18 14.64 30.89
C THR A 269 3.89 13.45 31.51
N ASN A 270 5.20 13.57 31.76
CA ASN A 270 5.94 12.49 32.39
C ASN A 270 7.16 13.08 33.08
N TYR A 271 7.63 12.40 34.12
CA TYR A 271 8.82 12.84 34.84
C TYR A 271 9.45 11.63 35.49
N MET A 272 10.76 11.71 35.69
CA MET A 272 11.52 10.66 36.35
C MET A 272 12.44 11.27 37.40
N VAL A 273 12.46 10.69 38.59
CA VAL A 273 13.31 11.13 39.68
C VAL A 273 14.30 10.02 39.97
N LEU A 274 15.59 10.32 39.81
CA LEU A 274 16.62 9.31 40.02
C LEU A 274 16.75 9.00 41.51
N PRO A 275 17.21 7.79 41.86
CA PRO A 275 17.23 7.38 43.27
C PRO A 275 18.19 8.20 44.12
N GLU A 276 18.21 7.88 45.42
CA GLU A 276 18.99 8.67 46.39
C GLU A 276 20.49 8.60 46.13
N ASN A 277 21.00 7.49 45.58
CA ASN A 277 22.43 7.39 45.29
C ASN A 277 22.87 8.45 44.31
N SER A 278 22.06 8.72 43.28
CA SER A 278 22.29 9.83 42.35
C SER A 278 23.68 9.74 41.70
N LYS A 279 23.88 8.69 40.91
CA LYS A 279 25.11 8.59 40.12
C LYS A 279 25.19 9.68 39.05
N ALA A 280 24.08 10.38 38.80
CA ALA A 280 24.02 11.41 37.77
C ALA A 280 24.18 12.80 38.40
N LYS A 281 25.41 13.29 38.38
CA LYS A 281 25.67 14.64 38.87
C LYS A 281 25.68 15.65 37.73
N VAL A 282 26.11 15.22 36.54
CA VAL A 282 26.10 16.06 35.35
C VAL A 282 25.42 15.28 34.24
N CYS A 283 24.46 15.92 33.57
CA CYS A 283 23.71 15.26 32.51
C CYS A 283 23.50 16.20 31.34
N THR A 284 23.36 15.63 30.15
CA THR A 284 23.01 16.38 28.96
C THR A 284 21.49 16.37 28.79
N ILE A 285 21.01 16.80 27.63
CA ILE A 285 19.58 16.79 27.34
C ILE A 285 19.39 16.66 25.83
N ALA A 286 18.42 15.85 25.43
CA ALA A 286 18.06 15.68 24.03
C ALA A 286 16.62 15.22 23.97
N VAL A 287 15.81 15.93 23.19
CA VAL A 287 14.37 15.66 23.12
C VAL A 287 13.94 15.66 21.66
N GLY A 288 13.11 14.69 21.29
CA GLY A 288 12.62 14.57 19.94
C GLY A 288 11.97 13.24 19.69
N GLU A 289 10.98 13.20 18.79
CA GLU A 289 10.23 11.99 18.49
C GLU A 289 9.60 11.39 19.75
N LEU A 290 9.05 12.26 20.60
CA LEU A 290 8.33 11.86 21.81
C LEU A 290 9.23 11.05 22.74
N THR A 291 10.44 11.55 22.97
CA THR A 291 11.39 10.86 23.83
C THR A 291 12.35 11.88 24.43
N LEU A 292 12.88 11.55 25.60
CA LEU A 292 13.94 12.31 26.24
C LEU A 292 15.12 11.37 26.46
N ALA A 293 16.32 11.83 26.16
CA ALA A 293 17.52 11.04 26.37
C ALA A 293 18.60 11.93 26.96
N SER A 294 19.42 11.35 27.85
CA SER A 294 20.43 12.15 28.53
C SER A 294 21.55 11.24 29.03
N LEU A 295 22.75 11.44 28.51
CA LEU A 295 23.93 10.79 29.07
C LEU A 295 24.33 11.48 30.37
N CYS A 296 24.61 10.68 31.40
CA CYS A 296 24.87 11.20 32.72
C CYS A 296 26.19 10.64 33.25
N VAL A 297 27.07 11.53 33.70
CA VAL A 297 28.39 11.16 34.19
C VAL A 297 28.63 11.85 35.53
N ASP A 298 29.19 11.12 36.48
CA ASP A 298 29.47 11.68 37.80
C ASP A 298 30.51 12.79 37.72
N GLU A 299 31.57 12.59 36.94
CA GLU A 299 32.64 13.56 36.80
C GLU A 299 32.54 14.28 35.46
N SER A 300 33.12 15.48 35.41
CA SER A 300 33.08 16.26 34.17
C SER A 300 33.87 15.58 33.06
N THR A 301 35.05 15.05 33.38
CA THR A 301 35.94 14.44 32.40
C THR A 301 35.77 12.93 32.45
N VAL A 302 35.47 12.32 31.30
CA VAL A 302 35.30 10.88 31.18
C VAL A 302 36.55 10.32 30.52
N LEU A 303 37.30 9.49 31.25
CA LEU A 303 38.52 8.88 30.76
C LEU A 303 38.18 7.51 30.19
N LEU A 304 38.18 7.40 28.86
CA LEU A 304 37.77 6.18 28.19
C LEU A 304 38.80 5.06 28.29
N TYR A 305 40.09 5.40 28.23
CA TYR A 305 41.16 4.40 28.17
C TYR A 305 42.00 4.36 29.44
N HIS A 306 42.24 5.50 30.08
CA HIS A 306 43.15 5.54 31.23
C HIS A 306 42.60 4.74 32.40
N ASP A 307 41.29 4.85 32.66
CA ASP A 307 40.68 4.22 33.83
C ASP A 307 40.24 2.79 33.55
N SER A 308 40.81 2.14 32.54
CA SER A 308 40.50 0.74 32.25
C SER A 308 41.28 -0.23 33.13
N ASP A 309 42.31 0.25 33.83
CA ASP A 309 43.08 -0.62 34.71
C ASP A 309 42.23 -1.14 35.85
N GLY A 310 41.42 -0.27 36.46
CA GLY A 310 40.52 -0.68 37.52
C GLY A 310 39.10 -0.84 37.04
N SER A 311 38.24 0.11 37.39
CA SER A 311 36.85 0.12 36.94
C SER A 311 36.71 1.14 35.82
N GLN A 312 36.32 0.69 34.64
CA GLN A 312 36.15 1.59 33.51
C GLN A 312 34.99 2.54 33.75
N ASP A 313 35.18 3.80 33.37
CA ASP A 313 34.14 4.81 33.54
C ASP A 313 32.93 4.47 32.69
N GLY A 314 31.76 4.50 33.29
CA GLY A 314 30.51 4.22 32.60
C GLY A 314 29.60 5.44 32.62
N ILE A 315 28.79 5.56 31.58
CA ILE A 315 27.85 6.66 31.44
C ILE A 315 26.44 6.13 31.70
N LEU A 316 25.70 6.82 32.55
CA LEU A 316 24.33 6.44 32.87
C LEU A 316 23.40 7.05 31.83
N VAL A 317 22.79 6.20 31.01
CA VAL A 317 21.87 6.65 29.97
C VAL A 317 20.46 6.62 30.53
N VAL A 318 19.81 7.77 30.53
CA VAL A 318 18.46 7.92 31.06
C VAL A 318 17.55 8.31 29.89
N THR A 319 16.50 7.51 29.67
CA THR A 319 15.51 7.83 28.66
C THR A 319 14.13 7.64 29.25
N LEU A 320 13.16 8.39 28.73
CA LEU A 320 11.79 8.27 29.19
C LEU A 320 10.85 8.73 28.09
N GLY A 321 9.74 8.02 27.95
CA GLY A 321 8.77 8.34 26.93
C GLY A 321 7.87 9.48 27.32
N ILE A 322 7.04 9.91 26.36
CA ILE A 322 6.16 11.04 26.60
C ILE A 322 5.11 10.72 27.65
N PHE A 323 4.68 9.47 27.73
CA PHE A 323 3.63 9.06 28.65
C PHE A 323 3.74 7.57 28.90
N GLY A 324 3.30 7.15 30.09
CA GLY A 324 3.19 5.74 30.41
C GLY A 324 4.21 5.28 31.43
N ALA A 325 4.48 3.97 31.38
CA ALA A 325 5.39 3.34 32.32
C ALA A 325 6.41 2.41 31.68
N THR A 326 6.22 2.01 30.42
CA THR A 326 7.18 1.12 29.76
C THR A 326 8.44 1.80 29.22
N PRO A 327 8.37 2.99 28.60
CA PRO A 327 9.51 3.44 27.78
C PRO A 327 10.78 3.75 28.57
N MET A 328 10.71 4.03 29.87
CA MET A 328 11.88 4.44 30.63
C MET A 328 12.92 3.33 30.69
N ASP A 329 14.19 3.70 30.48
CA ASP A 329 15.33 2.85 30.70
C ASP A 329 16.38 3.65 31.46
N GLN A 330 17.13 2.96 32.32
CA GLN A 330 18.24 3.59 33.05
C GLN A 330 19.33 2.54 33.18
N VAL A 331 20.37 2.66 32.36
CA VAL A 331 21.43 1.65 32.28
C VAL A 331 22.78 2.35 32.21
N GLU A 332 23.76 1.79 32.90
CA GLU A 332 25.14 2.25 32.83
C GLU A 332 25.89 1.33 31.87
N GLU A 333 26.33 1.89 30.73
CA GLU A 333 26.96 1.10 29.69
C GLU A 333 28.33 1.67 29.35
N VAL A 334 29.23 0.79 28.95
CA VAL A 334 30.57 1.18 28.53
C VAL A 334 30.49 1.77 27.13
N ILE A 335 31.39 2.71 26.85
CA ILE A 335 31.35 3.49 25.62
C ILE A 335 32.21 2.79 24.57
N PRO A 336 31.64 2.27 23.48
CA PRO A 336 32.45 1.75 22.39
C PRO A 336 32.90 2.85 21.43
N VAL A 337 33.98 3.55 21.79
CA VAL A 337 34.49 4.62 20.94
C VAL A 337 35.02 4.02 19.63
N ALA A 338 34.99 4.84 18.57
CA ALA A 338 35.39 4.35 17.25
C ALA A 338 36.88 3.98 17.22
N HIS A 339 37.74 4.85 17.73
CA HIS A 339 39.17 4.60 17.70
C HIS A 339 39.76 4.83 19.08
N PRO A 340 40.89 4.16 19.39
CA PRO A 340 41.60 4.46 20.64
C PRO A 340 42.23 5.84 20.67
N SER A 341 42.28 6.55 19.54
CA SER A 341 42.87 7.88 19.52
C SER A 341 42.12 8.84 20.45
N VAL A 342 40.82 8.63 20.63
CA VAL A 342 40.05 9.42 21.57
C VAL A 342 40.27 8.86 22.98
N GLU A 343 40.74 9.71 23.89
CA GLU A 343 41.05 9.30 25.25
C GLU A 343 40.15 9.92 26.30
N LYS A 344 39.68 11.15 26.10
CA LYS A 344 38.83 11.82 27.08
C LYS A 344 37.76 12.62 26.36
N ILE A 345 36.66 12.88 27.09
CA ILE A 345 35.62 13.77 26.65
C ILE A 345 35.22 14.65 27.84
N HIS A 346 34.57 15.78 27.54
CA HIS A 346 34.11 16.72 28.56
C HIS A 346 32.61 16.86 28.43
N ILE A 347 31.88 16.40 29.44
CA ILE A 347 30.42 16.42 29.45
C ILE A 347 29.99 17.35 30.57
N THR A 348 29.69 18.61 30.23
CA THR A 348 29.17 19.55 31.21
C THR A 348 27.77 20.04 30.84
N ASN A 349 27.59 20.64 29.66
CA ASN A 349 26.32 21.24 29.25
C ASN A 349 26.20 21.07 27.74
N HIS A 350 25.49 20.04 27.30
CA HIS A 350 25.42 19.70 25.87
C HIS A 350 23.98 19.39 25.49
N ARG A 351 23.28 20.40 24.98
CA ARG A 351 21.96 20.17 24.41
C ARG A 351 22.07 19.53 23.04
N GLY A 352 21.30 18.47 22.82
CA GLY A 352 21.25 17.80 21.53
C GLY A 352 19.84 17.77 20.98
N PHE A 353 19.60 16.79 20.12
CA PHE A 353 18.26 16.53 19.62
C PHE A 353 18.19 15.08 19.14
N ILE A 354 16.96 14.60 18.98
CA ILE A 354 16.70 13.24 18.54
C ILE A 354 15.99 13.30 17.19
N LYS A 355 16.60 12.73 16.17
CA LYS A 355 16.01 12.65 14.85
C LYS A 355 16.30 11.29 14.26
N ASP A 356 15.31 10.71 13.56
CA ASP A 356 15.42 9.38 12.98
C ASP A 356 15.78 8.35 14.04
N SER A 357 15.20 8.50 15.22
CA SER A 357 15.40 7.58 16.35
C SER A 357 16.87 7.51 16.77
N ILE A 358 17.62 8.58 16.55
CA ILE A 358 19.02 8.67 16.93
C ILE A 358 19.23 9.99 17.67
N ALA A 359 19.81 9.92 18.86
CA ALA A 359 20.08 11.09 19.68
C ALA A 359 21.55 11.48 19.52
N THR A 360 21.79 12.76 19.28
CA THR A 360 23.12 13.26 18.97
C THR A 360 23.54 14.32 19.98
N TRP A 361 24.80 14.24 20.42
CA TRP A 361 25.40 15.23 21.30
C TRP A 361 26.80 15.56 20.78
N MET A 362 27.28 16.75 21.12
CA MET A 362 28.64 17.16 20.79
C MET A 362 29.37 17.56 22.06
N VAL A 363 30.50 16.93 22.32
CA VAL A 363 31.33 17.23 23.48
C VAL A 363 32.77 17.38 23.01
N PRO A 364 33.58 18.16 23.74
CA PRO A 364 35.02 18.22 23.43
C PRO A 364 35.67 16.86 23.62
N ALA A 365 36.70 16.60 22.81
CA ALA A 365 37.40 15.33 22.83
C ALA A 365 38.90 15.57 22.84
N LEU A 366 39.64 14.57 23.29
CA LEU A 366 41.10 14.62 23.36
C LEU A 366 41.68 13.61 22.39
N VAL A 367 42.52 14.08 21.47
CA VAL A 367 43.19 13.23 20.49
C VAL A 367 44.66 13.62 20.43
N SER A 368 45.46 12.73 19.85
CA SER A 368 46.89 12.94 19.75
C SER A 368 47.35 13.50 18.42
N GLU A 369 46.58 13.32 17.35
CA GLU A 369 46.98 13.76 16.02
C GLU A 369 46.57 15.20 15.71
N LYS A 370 45.91 15.88 16.63
CA LYS A 370 45.49 17.26 16.38
C LYS A 370 46.64 18.24 16.46
N GLN A 371 47.69 17.91 17.21
CA GLN A 371 48.75 18.86 17.47
C GLN A 371 49.48 19.26 16.19
N GLU A 372 49.77 18.28 15.33
CA GLU A 372 50.61 18.51 14.16
C GLU A 372 50.09 19.63 13.28
N GLU A 373 48.77 19.81 13.21
CA GLU A 373 48.19 20.90 12.45
C GLU A 373 47.78 22.08 13.33
N GLN A 374 47.29 21.83 14.53
CA GLN A 374 46.79 22.92 15.37
C GLN A 374 47.92 23.82 15.86
N LYS A 375 49.04 23.24 16.30
CA LYS A 375 50.15 24.06 16.74
C LYS A 375 50.72 24.88 15.58
N ASN A 376 50.82 24.27 14.40
CA ASN A 376 51.29 25.00 13.23
C ASN A 376 50.37 26.17 12.90
N CYS A 377 49.05 25.94 12.96
CA CYS A 377 48.10 27.01 12.71
C CYS A 377 48.22 28.11 13.78
N LEU A 378 48.42 27.70 15.04
CA LEU A 378 48.54 28.67 16.11
C LEU A 378 49.76 29.55 15.93
N GLU A 379 50.90 28.97 15.56
CA GLU A 379 52.07 29.78 15.29
C GLU A 379 51.91 30.62 14.03
N SER A 380 51.17 30.11 13.03
CA SER A 380 50.98 30.87 11.80
C SER A 380 50.08 32.08 12.02
N ALA A 381 49.11 31.98 12.92
CA ALA A 381 48.21 33.09 13.22
C ALA A 381 48.55 33.80 14.53
N CYS A 382 49.69 33.48 15.14
CA CYS A 382 50.01 34.03 16.45
C CYS A 382 50.51 35.46 16.39
N GLN A 383 51.12 35.88 15.27
CA GLN A 383 51.68 37.22 15.17
C GLN A 383 50.62 38.31 15.23
N ARG A 384 49.34 37.96 15.09
CA ARG A 384 48.26 38.93 15.16
C ARG A 384 48.06 39.38 16.61
N LYS A 385 47.03 40.18 16.85
CA LYS A 385 46.77 40.74 18.16
C LYS A 385 46.37 39.69 19.21
N SER A 386 46.07 38.47 18.79
CA SER A 386 45.61 37.42 19.72
C SER A 386 46.81 36.73 20.39
N TYR A 387 47.66 37.55 20.99
CA TYR A 387 48.81 37.02 21.73
C TYR A 387 48.41 36.18 22.94
N PRO A 388 47.44 36.59 23.78
CA PRO A 388 47.14 35.77 24.97
C PRO A 388 46.71 34.35 24.64
N MET A 389 46.14 34.12 23.45
CA MET A 389 45.80 32.76 23.05
C MET A 389 47.04 31.88 22.97
N CYS A 390 48.13 32.40 22.40
CA CYS A 390 49.39 31.68 22.42
C CYS A 390 49.99 31.63 23.82
N ASN A 391 49.81 32.72 24.59
CA ASN A 391 50.45 32.81 25.90
C ASN A 391 49.93 31.76 26.88
N GLN A 392 48.75 31.19 26.64
CA GLN A 392 48.22 30.19 27.54
C GLN A 392 49.00 28.89 27.40
N THR A 393 49.67 28.48 28.49
CA THR A 393 50.44 27.25 28.46
C THR A 393 49.54 26.01 28.53
N SER A 394 48.34 26.14 29.09
CA SER A 394 47.40 25.04 29.21
C SER A 394 46.02 25.49 28.77
N TRP A 395 45.26 24.57 28.20
CA TRP A 395 43.92 24.86 27.72
C TRP A 395 42.88 24.55 28.79
N GLU A 396 41.78 25.30 28.77
CA GLU A 396 40.76 25.17 29.80
C GLU A 396 40.08 23.81 29.83
N PRO A 397 39.60 23.24 28.70
CA PRO A 397 38.91 21.94 28.80
C PRO A 397 39.78 20.83 29.36
N PHE A 398 41.06 20.80 29.03
CA PHE A 398 41.96 19.76 29.51
C PHE A 398 43.27 20.39 29.94
N GLY A 399 43.69 20.10 31.17
CA GLY A 399 44.94 20.63 31.68
C GLY A 399 46.14 20.14 30.90
N GLY A 400 46.91 21.07 30.33
CA GLY A 400 48.04 20.69 29.50
C GLY A 400 47.59 19.91 28.28
N GLY A 401 48.32 18.85 27.97
CA GLY A 401 47.97 18.01 26.84
C GLY A 401 47.99 18.76 25.53
N GLN A 402 46.96 18.54 24.73
CA GLN A 402 46.82 19.16 23.42
C GLN A 402 45.51 19.93 23.35
N LEU A 403 45.26 20.53 22.19
CA LEU A 403 44.03 21.30 21.98
C LEU A 403 42.83 20.37 21.92
N PRO A 404 41.66 20.85 22.34
CA PRO A 404 40.45 20.02 22.27
C PRO A 404 40.02 19.76 20.83
N SER A 405 39.35 18.63 20.64
CA SER A 405 38.87 18.22 19.32
C SER A 405 37.37 17.97 19.39
N TYR A 406 36.70 18.18 18.27
CA TYR A 406 35.26 17.99 18.21
C TYR A 406 34.89 16.52 18.38
N GLY A 407 33.84 16.27 19.15
CA GLY A 407 33.37 14.92 19.37
C GLY A 407 31.87 14.80 19.20
N ARG A 408 31.40 13.65 18.73
CA ARG A 408 29.99 13.42 18.47
C ARG A 408 29.57 12.10 19.08
N LEU A 409 28.56 12.14 19.96
CA LEU A 409 27.99 10.94 20.55
C LEU A 409 26.62 10.69 19.96
N THR A 410 26.39 9.47 19.51
CA THR A 410 25.12 9.07 18.90
C THR A 410 24.51 7.94 19.70
N LEU A 411 23.22 8.07 20.02
CA LEU A 411 22.49 7.04 20.75
C LEU A 411 21.38 6.49 19.88
N PRO A 412 21.51 5.28 19.34
CA PRO A 412 20.39 4.69 18.59
C PRO A 412 19.24 4.31 19.53
N LEU A 413 18.15 5.07 19.48
CA LEU A 413 16.99 4.85 20.35
C LEU A 413 15.95 4.07 19.56
N ASP A 414 16.06 2.75 19.61
CA ASP A 414 15.12 1.88 18.93
C ASP A 414 14.95 0.62 19.78
N PRO A 415 13.73 0.12 19.92
CA PRO A 415 13.53 -1.09 20.74
C PRO A 415 14.29 -2.30 20.24
N SER A 416 14.50 -2.42 18.93
CA SER A 416 15.15 -3.60 18.38
C SER A 416 16.61 -3.71 18.82
N ILE A 417 17.32 -2.60 18.88
CA ILE A 417 18.76 -2.58 19.15
C ILE A 417 18.99 -2.08 20.56
N ASP A 418 19.94 -2.72 21.26
CA ASP A 418 20.29 -2.28 22.60
C ASP A 418 21.00 -0.94 22.57
N LEU A 419 21.10 -0.31 23.74
CA LEU A 419 21.67 1.02 23.85
C LEU A 419 23.19 0.95 23.78
N GLN A 420 23.77 1.62 22.79
CA GLN A 420 25.20 1.78 22.68
C GLN A 420 25.50 3.22 22.29
N LEU A 421 26.68 3.70 22.72
CA LEU A 421 27.08 5.08 22.53
C LEU A 421 28.43 5.13 21.85
N ASN A 422 28.44 5.42 20.55
CA ASN A 422 29.67 5.49 19.78
C ASN A 422 30.06 6.95 19.59
N ILE A 423 31.30 7.28 19.94
CA ILE A 423 31.81 8.64 19.86
C ILE A 423 32.67 8.75 18.61
N SER A 424 32.28 9.63 17.70
CA SER A 424 33.12 9.97 16.57
C SER A 424 33.93 11.21 16.89
N PHE A 425 34.82 11.59 15.96
CA PHE A 425 35.58 12.81 16.13
C PHE A 425 36.09 13.29 14.79
N THR A 426 36.21 14.61 14.67
CA THR A 426 36.76 15.26 13.49
C THR A 426 37.38 16.57 13.92
N TYR A 427 38.07 17.21 12.98
CA TYR A 427 38.94 18.33 13.28
C TYR A 427 38.26 19.64 12.90
N GLY A 428 38.60 20.71 13.61
CA GLY A 428 37.97 22.00 13.41
C GLY A 428 38.66 23.13 14.14
N PRO A 429 37.97 24.26 14.29
CA PRO A 429 38.55 25.40 15.01
C PRO A 429 38.84 25.07 16.46
N VAL A 430 39.70 25.88 17.07
CA VAL A 430 40.08 25.65 18.46
C VAL A 430 38.86 25.81 19.37
N ILE A 431 38.84 25.03 20.45
CA ILE A 431 37.80 25.11 21.46
C ILE A 431 38.34 25.98 22.59
N LEU A 432 37.84 27.21 22.68
CA LEU A 432 38.38 28.16 23.65
C LEU A 432 37.94 27.82 25.06
N ASN A 433 36.70 27.37 25.23
CA ASN A 433 36.15 27.07 26.54
C ASN A 433 35.54 25.68 26.55
N GLY A 434 35.56 25.04 27.71
CA GLY A 434 35.02 23.71 27.86
C GLY A 434 33.68 23.68 28.56
N ASP A 435 32.93 24.78 28.48
CA ASP A 435 31.61 24.84 29.12
C ASP A 435 30.66 23.81 28.52
N GLY A 436 30.70 23.64 27.21
CA GLY A 436 29.86 22.66 26.54
C GLY A 436 29.46 23.14 25.15
N MET A 437 29.21 22.18 24.27
CA MET A 437 28.85 22.45 22.88
C MET A 437 27.44 21.99 22.63
N ASP A 438 26.60 22.90 22.13
CA ASP A 438 25.18 22.64 21.92
C ASP A 438 24.95 22.30 20.46
N TYR A 439 24.32 21.15 20.22
CA TYR A 439 24.02 20.69 18.86
C TYR A 439 22.57 20.99 18.53
N TYR A 440 22.34 21.61 17.36
CA TYR A 440 21.02 22.05 16.97
C TYR A 440 20.63 21.44 15.62
N GLU A 441 19.33 21.47 15.34
CA GLU A 441 18.81 20.89 14.11
C GLU A 441 18.83 21.90 12.98
N SER A 442 19.33 21.48 11.83
CA SER A 442 19.43 22.30 10.64
C SER A 442 18.40 21.88 9.60
N PRO A 443 17.88 22.81 8.80
CA PRO A 443 16.89 22.44 7.77
C PRO A 443 17.43 21.51 6.71
N LEU A 444 18.75 21.42 6.55
CA LEU A 444 19.33 20.53 5.56
C LEU A 444 19.12 19.07 5.95
N LEU A 445 19.48 18.17 5.03
CA LEU A 445 19.18 16.75 5.22
C LEU A 445 19.96 16.16 6.39
N ASP A 446 21.27 16.37 6.43
CA ASP A 446 22.14 15.79 7.45
C ASP A 446 23.10 16.83 7.99
N SER A 447 22.57 18.01 8.33
CA SER A 447 23.37 19.10 8.86
C SER A 447 22.91 19.44 10.26
N GLY A 448 23.82 20.04 11.04
CA GLY A 448 23.51 20.47 12.38
C GLY A 448 24.35 21.64 12.82
N TRP A 449 23.70 22.69 13.33
CA TRP A 449 24.38 23.94 13.69
C TRP A 449 25.02 23.78 15.06
N LEU A 450 26.21 23.20 15.08
CA LEU A 450 26.99 23.12 16.30
C LEU A 450 27.26 24.53 16.84
N THR A 451 27.17 24.69 18.15
CA THR A 451 27.26 26.01 18.77
C THR A 451 28.10 25.93 20.04
N ILE A 452 28.92 26.95 20.26
CA ILE A 452 29.76 27.05 21.47
C ILE A 452 29.53 28.42 22.10
N PRO A 453 29.31 28.49 23.41
CA PRO A 453 29.08 29.79 24.04
C PRO A 453 30.39 30.52 24.28
N PRO A 454 30.36 31.86 24.30
CA PRO A 454 31.58 32.61 24.61
C PRO A 454 31.96 32.49 26.07
N LYS A 455 33.25 32.69 26.34
CA LYS A 455 33.79 32.68 27.69
C LYS A 455 34.19 34.10 28.08
N ASN A 456 34.47 34.32 29.36
CA ASN A 456 34.90 35.63 29.83
C ASN A 456 36.13 36.11 29.09
N GLY A 457 36.16 37.39 28.75
CA GLY A 457 37.22 37.95 27.94
C GLY A 457 36.87 37.95 26.46
N THR A 458 36.46 36.80 25.93
CA THR A 458 36.08 36.71 24.53
C THR A 458 34.63 37.12 24.33
N VAL A 459 34.39 37.98 23.36
CA VAL A 459 33.05 38.52 23.14
C VAL A 459 32.22 37.64 22.21
N LEU A 460 32.86 36.93 21.29
CA LEU A 460 32.17 36.19 20.25
C LEU A 460 32.41 34.70 20.43
N GLY A 461 31.32 33.92 20.40
CA GLY A 461 31.40 32.48 20.49
C GLY A 461 31.60 31.83 19.13
N LEU A 462 31.11 30.60 18.99
CA LEU A 462 31.25 29.84 17.76
C LEU A 462 29.90 29.28 17.34
N ILE A 463 29.64 29.30 16.03
CA ILE A 463 28.49 28.63 15.44
C ILE A 463 29.01 27.88 14.23
N ASN A 464 29.33 26.61 14.40
CA ASN A 464 29.93 25.81 13.34
C ASN A 464 28.84 25.10 12.55
N LYS A 465 29.25 24.16 11.71
CA LYS A 465 28.34 23.30 10.96
C LYS A 465 28.90 21.89 10.96
N ALA A 466 28.06 20.92 11.33
CA ALA A 466 28.50 19.54 11.45
C ALA A 466 27.47 18.62 10.82
N SER A 467 27.93 17.45 10.40
CA SER A 467 27.10 16.43 9.78
C SER A 467 26.75 15.34 10.77
N ARG A 468 25.68 14.62 10.46
CA ARG A 468 25.16 13.56 11.34
C ARG A 468 24.79 12.35 10.51
N GLY A 469 25.09 11.17 11.03
CA GLY A 469 24.75 9.91 10.38
C GLY A 469 25.85 9.31 9.54
N ASP A 470 26.90 10.08 9.23
CA ASP A 470 28.01 9.58 8.43
C ASP A 470 29.32 9.84 9.16
N GLN A 471 30.45 9.68 8.46
CA GLN A 471 31.73 10.02 9.04
C GLN A 471 31.73 11.47 9.49
N PHE A 472 32.21 11.73 10.69
CA PHE A 472 32.11 13.06 11.28
C PHE A 472 32.94 14.07 10.50
N THR A 473 32.34 15.23 10.23
CA THR A 473 33.01 16.29 9.50
C THR A 473 32.43 17.62 9.95
N VAL A 474 33.26 18.49 10.49
CA VAL A 474 32.85 19.81 10.97
C VAL A 474 33.46 20.87 10.06
N ILE A 475 32.61 21.64 9.40
CA ILE A 475 33.04 22.78 8.60
C ILE A 475 32.68 24.05 9.37
N PRO A 476 33.60 25.00 9.51
CA PRO A 476 33.30 26.21 10.29
C PRO A 476 32.54 27.25 9.51
N HIS A 477 31.22 27.13 9.45
CA HIS A 477 30.42 28.02 8.61
C HIS A 477 30.48 29.46 9.12
N VAL A 478 30.24 29.67 10.42
CA VAL A 478 30.05 31.01 10.96
C VAL A 478 31.03 31.24 12.11
N LEU A 479 31.27 32.51 12.44
CA LEU A 479 32.15 32.93 13.58
C LEU A 479 33.60 32.48 13.43
N THR A 480 34.01 32.07 12.23
CA THR A 480 35.45 31.79 11.99
C THR A 480 36.02 32.70 10.88
N PHE A 481 37.15 33.35 11.14
CA PHE A 481 37.84 34.17 10.10
C PHE A 481 39.24 33.58 9.85
N ALA A 482 39.48 32.96 8.69
CA ALA A 482 40.78 32.41 8.34
C ALA A 482 41.80 33.54 8.27
N PRO A 483 42.92 33.43 8.98
CA PRO A 483 43.92 34.50 8.94
C PRO A 483 44.50 34.67 7.53
N ARG A 484 44.74 35.92 7.17
CA ARG A 484 45.30 36.22 5.86
C ARG A 484 46.80 35.98 5.83
N GLU A 485 47.34 35.87 4.62
CA GLU A 485 48.76 35.61 4.41
C GLU A 485 49.22 34.35 5.14
N SER A 486 48.39 33.30 5.09
CA SER A 486 48.68 32.04 5.75
C SER A 486 48.33 30.91 4.80
N SER A 487 48.35 29.68 5.32
CA SER A 487 47.99 28.52 4.49
C SER A 487 46.53 28.58 4.06
N GLY A 488 45.64 29.02 4.95
CA GLY A 488 44.23 29.13 4.64
C GLY A 488 43.41 27.89 4.96
N ASN A 489 44.05 26.79 5.35
CA ASN A 489 43.35 25.56 5.70
C ASN A 489 42.93 25.51 7.16
N CYS A 490 43.22 26.55 7.93
CA CYS A 490 42.86 26.62 9.34
C CYS A 490 42.05 27.88 9.59
N TYR A 491 41.11 27.78 10.54
CA TYR A 491 40.20 28.87 10.86
C TYR A 491 40.26 29.17 12.35
N LEU A 492 40.15 30.46 12.69
CA LEU A 492 40.24 30.90 14.07
C LEU A 492 39.13 31.91 14.37
N PRO A 493 38.58 31.89 15.57
CA PRO A 493 37.58 32.88 15.96
C PRO A 493 38.24 34.21 16.33
N ILE A 494 37.39 35.21 16.60
CA ILE A 494 37.85 36.55 16.91
C ILE A 494 37.84 36.75 18.42
N GLN A 495 38.78 37.57 18.90
CA GLN A 495 38.88 37.89 20.31
C GLN A 495 39.12 39.39 20.48
N THR A 496 38.58 39.94 21.56
CA THR A 496 38.77 41.36 21.88
C THR A 496 38.53 41.53 23.38
N SER A 497 39.58 41.86 24.13
CA SER A 497 39.48 41.94 25.57
C SER A 497 38.95 43.28 26.07
N GLN A 498 38.90 44.31 25.22
CA GLN A 498 38.51 45.63 25.66
C GLN A 498 36.99 45.79 25.81
N ILE A 499 36.20 44.90 25.22
CA ILE A 499 34.75 45.06 25.25
C ILE A 499 34.20 44.81 26.65
N MET A 500 34.65 43.74 27.31
CA MET A 500 34.04 43.34 28.57
C MET A 500 34.39 44.29 29.71
N ASP A 501 35.49 45.02 29.61
CA ASP A 501 35.88 46.03 30.61
C ASP A 501 36.04 45.33 31.96
N LYS A 502 35.50 45.90 33.05
CA LYS A 502 35.62 45.31 34.38
C LYS A 502 34.28 45.33 35.10
N ASP A 503 33.22 44.90 34.43
CA ASP A 503 31.92 44.74 35.07
C ASP A 503 31.49 43.28 34.99
N VAL A 504 30.58 42.90 35.88
CA VAL A 504 30.11 41.51 36.00
C VAL A 504 29.01 41.34 34.96
N LEU A 505 29.42 40.98 33.75
CA LEU A 505 28.51 40.73 32.63
C LEU A 505 28.55 39.24 32.32
N THR A 506 27.38 38.61 32.30
CA THR A 506 27.26 37.18 32.06
C THR A 506 26.41 36.94 30.82
N GLU A 507 26.94 36.17 29.88
CA GLU A 507 26.26 35.82 28.64
C GLU A 507 25.91 34.33 28.66
N SER A 508 24.83 34.00 27.98
CA SER A 508 24.34 32.63 27.93
C SER A 508 24.72 31.99 26.59
N ASN A 509 24.26 30.76 26.40
CA ASN A 509 24.54 30.04 25.16
C ASN A 509 23.80 30.67 23.99
N LEU A 510 24.26 30.35 22.79
CA LEU A 510 23.63 30.85 21.57
C LEU A 510 22.66 29.80 21.05
N VAL A 511 21.43 30.22 20.78
CA VAL A 511 20.35 29.32 20.38
C VAL A 511 20.07 29.53 18.90
N VAL A 512 20.20 28.45 18.12
CA VAL A 512 19.94 28.47 16.69
C VAL A 512 18.47 28.14 16.49
N LEU A 513 17.68 29.14 16.10
CA LEU A 513 16.26 28.93 15.89
C LEU A 513 16.03 27.99 14.71
N PRO A 514 15.01 27.13 14.78
CA PRO A 514 14.74 26.18 13.69
C PRO A 514 13.89 26.79 12.58
N THR A 515 14.37 27.90 12.02
CA THR A 515 13.67 28.61 10.96
C THR A 515 14.38 28.41 9.63
N GLN A 516 13.68 28.78 8.56
CA GLN A 516 14.27 28.71 7.22
C GLN A 516 15.47 29.63 7.09
N ASN A 517 15.37 30.85 7.64
CA ASN A 517 16.46 31.80 7.63
C ASN A 517 17.33 31.58 8.86
N PHE A 518 18.64 31.48 8.63
CA PHE A 518 19.58 31.21 9.72
C PHE A 518 19.55 32.33 10.75
N ARG A 519 19.43 31.95 12.02
CA ARG A 519 19.36 32.91 13.12
C ARG A 519 20.14 32.36 14.31
N TYR A 520 20.48 33.24 15.24
CA TYR A 520 21.07 32.86 16.50
C TYR A 520 20.78 33.94 17.53
N VAL A 521 20.49 33.51 18.76
CA VAL A 521 20.08 34.39 19.83
C VAL A 521 21.00 34.19 21.02
N ILE A 522 21.42 35.30 21.64
CA ILE A 522 22.19 35.27 22.87
C ILE A 522 21.52 36.19 23.88
N ALA A 523 21.75 35.90 25.16
CA ALA A 523 21.16 36.66 26.25
C ALA A 523 22.25 37.08 27.22
N THR A 524 22.29 38.38 27.53
CA THR A 524 23.31 38.94 28.40
C THR A 524 22.65 39.58 29.62
N TYR A 525 23.19 39.28 30.80
CA TYR A 525 22.74 39.86 32.06
C TYR A 525 23.87 40.72 32.60
N ASP A 526 23.59 42.00 32.85
CA ASP A 526 24.64 42.93 33.24
C ASP A 526 24.08 43.98 34.19
N ILE A 527 24.97 44.52 35.02
CA ILE A 527 24.62 45.63 35.91
C ILE A 527 24.80 46.98 35.22
N SER A 528 25.48 47.03 34.07
CA SER A 528 25.69 48.28 33.37
C SER A 528 24.36 48.92 32.95
N ARG A 529 23.32 48.09 32.84
CA ARG A 529 21.96 48.59 32.49
C ARG A 529 21.39 49.33 33.71
N GLY A 530 20.73 50.48 33.48
CA GLY A 530 20.20 51.27 34.58
C GLY A 530 19.24 50.51 35.47
N ASP A 531 18.48 49.59 34.89
CA ASP A 531 17.47 48.82 35.62
C ASP A 531 17.97 47.44 36.04
N HIS A 532 19.27 47.17 35.91
CA HIS A 532 19.84 45.86 36.24
C HIS A 532 19.16 44.75 35.45
N ALA A 533 18.87 45.03 34.18
CA ALA A 533 18.03 44.19 33.36
C ALA A 533 18.83 43.09 32.67
N ILE A 534 18.15 42.31 31.84
CA ILE A 534 18.75 41.28 31.00
C ILE A 534 18.50 41.66 29.55
N VAL A 535 19.56 41.69 28.75
CA VAL A 535 19.48 42.13 27.37
C VAL A 535 19.49 40.92 26.46
N TYR A 536 18.60 40.90 25.47
CA TYR A 536 18.50 39.83 24.49
C TYR A 536 18.96 40.37 23.14
N TYR A 537 20.15 39.96 22.71
CA TYR A 537 20.69 40.37 21.41
C TYR A 537 20.18 39.41 20.35
N VAL A 538 19.00 39.70 19.81
CA VAL A 538 18.47 38.91 18.71
C VAL A 538 19.24 39.27 17.46
N TYR A 539 20.06 38.33 16.97
CA TYR A 539 20.99 38.61 15.89
C TYR A 539 20.36 38.34 14.54
N ASP A 540 20.65 39.23 13.59
CA ASP A 540 20.15 39.17 12.22
C ASP A 540 21.32 39.38 11.26
N PRO A 541 21.26 38.78 10.06
CA PRO A 541 22.38 38.93 9.13
C PRO A 541 22.69 40.37 8.74
N ILE A 542 21.76 41.30 8.88
CA ILE A 542 21.98 42.70 8.54
C ILE A 542 22.39 43.52 9.75
N ARG A 543 21.68 43.38 10.87
CA ARG A 543 21.96 44.16 12.06
C ARG A 543 21.63 43.31 13.28
N ALA A 544 21.70 43.92 14.47
CA ALA A 544 21.38 43.25 15.72
C ALA A 544 20.36 44.07 16.50
N ILE A 545 19.40 43.36 17.10
CA ILE A 545 18.33 44.00 17.86
C ILE A 545 18.44 43.57 19.31
N SER A 546 18.13 44.50 20.22
CA SER A 546 18.27 44.27 21.65
C SER A 546 17.00 44.70 22.37
N TYR A 547 16.71 44.01 23.47
CA TYR A 547 15.58 44.35 24.34
C TYR A 547 16.00 44.11 25.78
N THR A 548 15.57 44.99 26.67
CA THR A 548 15.92 44.94 28.08
C THR A 548 14.69 44.61 28.91
N TYR A 549 14.89 43.79 29.96
CA TYR A 549 13.81 43.35 30.83
C TYR A 549 13.99 43.98 32.21
N PRO A 550 13.38 45.13 32.48
CA PRO A 550 13.60 45.79 33.77
C PRO A 550 12.86 45.12 34.92
N PHE A 551 12.29 43.94 34.67
CA PHE A 551 11.59 43.20 35.72
C PHE A 551 12.53 42.64 36.78
N ARG A 552 13.81 42.99 36.75
CA ARG A 552 14.75 42.57 37.77
C ARG A 552 14.72 43.57 38.93
N LEU A 553 14.12 43.16 40.05
CA LEU A 553 14.00 44.03 41.23
C LEU A 553 14.98 43.63 42.33
N THR A 554 16.05 42.91 41.98
CA THR A 554 17.08 42.53 42.94
C THR A 554 18.42 43.03 42.43
N THR A 555 18.83 44.21 42.89
CA THR A 555 20.11 44.77 42.46
C THR A 555 21.27 43.90 42.92
N LYS A 556 21.21 43.40 44.16
CA LYS A 556 22.23 42.51 44.70
C LYS A 556 22.04 41.13 44.08
N GLY A 557 22.52 40.98 42.85
CA GLY A 557 22.40 39.72 42.13
C GLY A 557 23.67 39.28 41.46
N ARG A 558 24.17 38.10 41.84
CA ARG A 558 25.36 37.53 41.22
C ARG A 558 24.98 36.29 40.43
N PRO A 559 24.93 36.35 39.10
CA PRO A 559 24.49 35.18 38.34
C PRO A 559 25.51 34.06 38.32
N ASP A 560 25.24 32.98 39.07
CA ASP A 560 26.13 31.83 39.07
C ASP A 560 25.93 30.99 37.82
N PHE A 561 24.72 30.93 37.29
CA PHE A 561 24.40 30.13 36.12
C PHE A 561 23.36 30.88 35.30
N LEU A 562 23.41 30.68 33.98
CA LEU A 562 22.49 31.34 33.08
C LEU A 562 22.35 30.51 31.81
N ARG A 563 21.11 30.31 31.37
CA ARG A 563 20.84 29.53 30.18
C ARG A 563 19.48 29.93 29.62
N ILE A 564 19.39 30.01 28.30
CA ILE A 564 18.14 30.33 27.62
C ILE A 564 17.91 29.33 26.50
N GLU A 565 16.65 28.97 26.29
CA GLU A 565 16.24 28.13 25.18
C GLU A 565 15.08 28.81 24.47
N CYS A 566 15.15 28.86 23.14
CA CYS A 566 14.20 29.64 22.36
C CYS A 566 13.53 28.77 21.30
N PHE A 567 12.31 29.18 20.93
CA PHE A 567 11.56 28.52 19.87
C PHE A 567 10.59 29.53 19.27
N VAL A 568 10.12 29.22 18.07
CA VAL A 568 9.21 30.10 17.33
C VAL A 568 7.80 29.57 17.48
N TRP A 569 6.87 30.45 17.86
CA TRP A 569 5.50 30.05 18.17
C TRP A 569 4.59 31.24 17.94
N ASP A 570 3.65 31.10 17.00
CA ASP A 570 2.67 32.16 16.69
C ASP A 570 3.39 33.47 16.36
N ASP A 571 4.09 33.41 15.22
CA ASP A 571 4.83 34.49 14.55
C ASP A 571 5.55 35.42 15.54
N ASP A 572 6.09 34.84 16.61
CA ASP A 572 6.87 35.56 17.60
C ASP A 572 8.11 34.74 17.94
N LEU A 573 8.96 35.31 18.79
CA LEU A 573 10.11 34.60 19.33
C LEU A 573 9.85 34.33 20.81
N TRP A 574 9.78 33.06 21.18
CA TRP A 574 9.59 32.63 22.56
C TRP A 574 10.89 32.05 23.09
N CYS A 575 11.34 32.54 24.24
CA CYS A 575 12.57 32.08 24.85
C CYS A 575 12.30 31.71 26.30
N HIS A 576 12.90 30.60 26.74
CA HIS A 576 12.76 30.09 28.09
C HIS A 576 14.09 30.27 28.81
N GLN A 577 14.15 31.24 29.71
CA GLN A 577 15.39 31.60 30.38
C GLN A 577 15.45 31.02 31.78
N PHE A 578 16.68 30.84 32.27
CA PHE A 578 16.92 30.33 33.61
C PHE A 578 18.20 30.97 34.12
N TYR A 579 18.07 31.91 35.04
CA TYR A 579 19.22 32.62 35.61
C TYR A 579 19.23 32.39 37.11
N ARG A 580 20.06 31.46 37.56
CA ARG A 580 20.26 31.21 38.99
C ARG A 580 21.18 32.29 39.53
N PHE A 581 20.61 33.26 40.23
CA PHE A 581 21.36 34.40 40.74
C PHE A 581 21.40 34.36 42.27
N GLU A 582 22.53 34.77 42.83
CA GLU A 582 22.74 34.75 44.27
C GLU A 582 22.44 36.14 44.82
N ALA A 583 21.55 36.22 45.81
CA ALA A 583 21.18 37.47 46.43
C ALA A 583 22.16 37.77 47.58
N ASP A 584 22.91 38.87 47.43
CA ASP A 584 23.89 39.25 48.45
C ASP A 584 23.27 39.98 49.63
N SER A 585 21.99 40.36 49.54
CA SER A 585 21.33 41.01 50.68
C SER A 585 21.23 40.06 51.87
N THR A 586 20.87 38.80 51.61
CA THR A 586 20.76 37.79 52.66
C THR A 586 21.72 36.63 52.48
N ASN A 587 22.56 36.66 51.45
CA ASN A 587 23.53 35.59 51.16
C ASN A 587 22.83 34.24 51.01
N SER A 588 21.92 34.18 50.04
CA SER A 588 21.18 32.96 49.75
C SER A 588 20.83 32.95 48.26
N THR A 589 21.25 31.89 47.57
CA THR A 589 20.99 31.78 46.14
C THR A 589 19.50 31.59 45.87
N THR A 590 19.05 32.14 44.75
CA THR A 590 17.66 32.07 44.34
C THR A 590 17.59 31.80 42.85
N SER A 591 17.06 30.64 42.48
CA SER A 591 16.92 30.27 41.07
C SER A 591 15.61 30.82 40.53
N VAL A 592 15.71 31.54 39.41
CA VAL A 592 14.56 32.20 38.80
C VAL A 592 14.45 31.76 37.35
N GLU A 593 13.27 31.31 36.94
CA GLU A 593 13.03 30.86 35.59
C GLU A 593 11.65 31.33 35.14
N ASN A 594 11.56 31.81 33.91
CA ASN A 594 10.29 32.26 33.36
C ASN A 594 10.30 32.07 31.85
N LEU A 595 9.18 32.39 31.21
CA LEU A 595 9.03 32.32 29.76
C LEU A 595 8.86 33.74 29.24
N VAL A 596 9.74 34.15 28.32
CA VAL A 596 9.75 35.51 27.79
C VAL A 596 9.60 35.44 26.28
N ARG A 597 8.83 36.38 25.73
CA ARG A 597 8.56 36.46 24.31
C ARG A 597 8.98 37.82 23.77
N ILE A 598 9.64 37.80 22.61
CA ILE A 598 10.10 39.03 21.95
C ILE A 598 9.34 39.17 20.64
N ARG A 599 8.67 40.30 20.46
CA ARG A 599 7.86 40.58 19.29
C ARG A 599 8.50 41.71 18.48
N PHE A 600 8.69 41.48 17.19
CA PHE A 600 9.27 42.46 16.28
C PHE A 600 8.18 43.00 15.37
N SER A 601 7.89 44.29 15.49
CA SER A 601 6.84 44.94 14.73
C SER A 601 7.41 46.12 13.95
N CYS A 602 6.95 46.27 12.70
CA CYS A 602 7.40 47.36 11.84
C CYS A 602 6.96 48.71 12.40
N ARG B 134 15.26 -31.09 17.37
CA ARG B 134 14.96 -29.70 17.70
C ARG B 134 15.86 -28.76 16.89
N ASP B 135 17.16 -28.99 16.99
CA ASP B 135 18.15 -28.17 16.30
C ASP B 135 18.04 -28.43 14.80
N LEU B 136 17.79 -27.38 14.01
CA LEU B 136 17.46 -27.53 12.60
C LEU B 136 18.71 -27.43 11.72
N HIS B 137 19.68 -28.29 12.05
CA HIS B 137 20.84 -28.58 11.19
C HIS B 137 21.62 -27.30 10.94
N TRP B 138 21.93 -26.93 9.69
CA TRP B 138 22.88 -25.86 9.42
C TRP B 138 22.22 -24.70 8.67
N CYS B 139 23.04 -23.73 8.26
CA CYS B 139 22.58 -22.58 7.50
C CYS B 139 23.36 -22.42 6.21
N ILE B 140 22.97 -21.38 5.47
CA ILE B 140 23.72 -20.82 4.36
C ILE B 140 23.31 -19.36 4.25
N ASN B 141 24.26 -18.51 3.90
CA ASN B 141 23.97 -17.09 3.79
C ASN B 141 22.94 -16.85 2.68
N PRO B 142 21.80 -16.24 2.98
CA PRO B 142 20.81 -15.98 1.95
C PRO B 142 21.29 -14.91 0.99
N PRO B 143 20.70 -14.83 -0.21
CA PRO B 143 21.09 -13.77 -1.15
C PRO B 143 20.76 -12.40 -0.57
N SER B 144 21.54 -11.40 -1.02
CA SER B 144 21.45 -10.06 -0.45
C SER B 144 20.08 -9.43 -0.63
N LYS B 145 19.27 -9.93 -1.57
CA LYS B 145 17.91 -9.42 -1.75
C LYS B 145 16.98 -9.81 -0.60
N ILE B 146 17.39 -10.73 0.25
CA ILE B 146 16.53 -11.24 1.32
C ILE B 146 16.84 -10.42 2.57
N LYS B 147 16.02 -9.42 2.84
CA LYS B 147 16.08 -8.64 4.07
C LYS B 147 14.69 -8.52 4.67
N VAL B 148 14.56 -8.87 5.94
CA VAL B 148 13.28 -8.88 6.62
C VAL B 148 13.33 -7.93 7.80
N ASN B 149 12.25 -7.16 7.96
CA ASN B 149 12.18 -6.10 8.97
C ASN B 149 11.71 -6.58 10.33
N PHE B 150 11.15 -7.79 10.43
CA PHE B 150 10.66 -8.36 11.69
C PHE B 150 9.57 -7.51 12.34
N THR B 151 9.00 -6.55 11.62
CA THR B 151 8.06 -5.62 12.20
C THR B 151 6.63 -5.83 11.76
N ASN B 152 6.39 -6.17 10.50
CA ASN B 152 5.04 -6.36 9.98
C ASN B 152 4.40 -7.66 10.42
N TYR B 153 5.01 -8.39 11.35
CA TYR B 153 4.69 -9.79 11.58
C TYR B 153 3.92 -10.06 12.86
N CYS B 154 3.37 -9.04 13.52
CA CYS B 154 2.53 -9.29 14.70
C CYS B 154 1.38 -8.30 14.78
N ASP B 155 0.70 -8.33 15.92
CA ASP B 155 -0.57 -7.62 16.07
C ASP B 155 -0.35 -6.12 16.22
N THR B 156 -1.44 -5.38 16.03
CA THR B 156 -1.48 -3.94 16.27
C THR B 156 -2.32 -3.69 17.51
N ILE B 157 -1.70 -3.10 18.54
CA ILE B 157 -2.39 -2.86 19.80
C ILE B 157 -3.29 -1.64 19.67
N GLY B 158 -4.51 -1.75 20.18
CA GLY B 158 -5.44 -0.64 20.12
C GLY B 158 -5.02 0.52 21.01
N ILE B 159 -5.62 1.67 20.73
CA ILE B 159 -5.23 2.90 21.43
C ILE B 159 -5.58 2.80 22.91
N ARG B 160 -6.83 2.44 23.22
CA ARG B 160 -7.25 2.37 24.62
C ARG B 160 -6.51 1.28 25.37
N LYS B 161 -6.33 0.11 24.73
CA LYS B 161 -5.62 -0.98 25.38
C LYS B 161 -4.17 -0.60 25.66
N SER B 162 -3.51 0.03 24.68
CA SER B 162 -2.12 0.44 24.88
C SER B 162 -2.00 1.50 25.97
N ILE B 163 -2.93 2.46 25.98
CA ILE B 163 -2.88 3.50 27.00
C ILE B 163 -3.11 2.90 28.38
N ALA B 164 -4.05 1.96 28.50
CA ALA B 164 -4.28 1.29 29.77
C ALA B 164 -3.05 0.50 30.21
N SER B 165 -2.40 -0.18 29.28
CA SER B 165 -1.19 -0.93 29.63
C SER B 165 -0.08 0.01 30.09
N ALA B 166 0.05 1.17 29.44
CA ALA B 166 1.10 2.11 29.82
C ALA B 166 0.79 2.79 31.14
N ALA B 167 -0.47 2.97 31.48
CA ALA B 167 -0.86 3.66 32.71
C ALA B 167 -1.11 2.73 33.89
N ASN B 168 -1.17 1.42 33.66
CA ASN B 168 -1.46 0.50 34.76
C ASN B 168 -0.45 0.54 35.91
N PRO B 169 0.86 0.57 35.68
CA PRO B 169 1.78 0.60 36.84
C PRO B 169 1.58 1.79 37.76
N ILE B 170 1.21 2.96 37.23
CA ILE B 170 0.95 4.11 38.10
C ILE B 170 -0.26 3.85 38.98
N LEU B 171 -1.35 3.33 38.39
CA LEU B 171 -2.53 2.99 39.17
C LEU B 171 -2.21 1.92 40.21
N LEU B 172 -1.34 0.97 39.87
CA LEU B 172 -0.93 -0.03 40.84
C LEU B 172 -0.15 0.59 41.99
N SER B 173 0.83 1.43 41.68
CA SER B 173 1.62 2.09 42.71
C SER B 173 0.77 2.98 43.60
N ALA B 174 -0.35 3.50 43.09
CA ALA B 174 -1.25 4.26 43.94
C ALA B 174 -2.15 3.35 44.78
N LEU B 175 -2.87 2.44 44.13
CA LEU B 175 -3.86 1.61 44.81
C LEU B 175 -3.21 0.69 45.84
N SER B 176 -2.20 -0.08 45.43
CA SER B 176 -1.56 -1.01 46.36
C SER B 176 -0.88 -0.26 47.49
N GLY B 177 -0.27 0.89 47.19
CA GLY B 177 0.37 1.67 48.22
C GLY B 177 -0.61 2.22 49.25
N GLY B 178 -1.77 2.70 48.79
CA GLY B 178 -2.69 3.36 49.69
C GLY B 178 -3.72 2.48 50.37
N ARG B 179 -4.45 1.68 49.58
CA ARG B 179 -5.59 0.94 50.08
C ARG B 179 -5.22 -0.28 50.91
N GLY B 180 -3.93 -0.59 51.04
CA GLY B 180 -3.54 -1.75 51.84
C GLY B 180 -3.89 -1.59 53.31
N ASP B 181 -3.60 -0.43 53.89
CA ASP B 181 -3.87 -0.15 55.28
C ASP B 181 -4.74 1.10 55.38
N ILE B 182 -5.75 1.07 56.25
CA ILE B 182 -6.68 2.18 56.39
C ILE B 182 -6.76 2.64 57.83
N PHE B 183 -7.09 1.72 58.73
CA PHE B 183 -7.36 2.00 60.13
C PHE B 183 -6.26 1.48 61.03
N PRO B 184 -6.10 2.02 62.23
CA PRO B 184 -5.14 1.48 63.19
C PRO B 184 -5.46 0.02 63.51
N PRO B 185 -4.54 -0.89 63.21
CA PRO B 185 -4.85 -2.32 63.36
C PRO B 185 -5.23 -2.73 64.77
N TYR B 186 -4.63 -2.13 65.79
CA TYR B 186 -4.82 -2.55 67.17
C TYR B 186 -5.35 -1.40 68.01
N ARG B 187 -6.10 -1.74 69.07
CA ARG B 187 -6.70 -0.74 69.93
C ARG B 187 -5.65 0.08 70.65
N CYS B 188 -4.56 -0.56 71.09
CA CYS B 188 -3.43 0.03 71.84
C CYS B 188 -4.01 0.92 72.94
N SER B 189 -3.64 2.20 73.01
CA SER B 189 -4.14 3.06 74.08
C SER B 189 -5.65 3.22 74.01
N GLY B 190 -6.19 3.41 72.80
CA GLY B 190 -7.60 3.60 72.60
C GLY B 190 -8.02 5.04 72.44
N ALA B 191 -7.19 5.99 72.87
CA ALA B 191 -7.45 7.41 72.70
C ALA B 191 -6.42 7.97 71.72
N THR B 192 -6.90 8.44 70.58
CA THR B 192 -6.03 8.88 69.50
C THR B 192 -5.97 10.40 69.43
N THR B 193 -4.84 10.90 68.94
CA THR B 193 -4.64 12.31 68.69
C THR B 193 -4.52 12.54 67.19
N SER B 194 -4.85 13.77 66.77
CA SER B 194 -4.87 14.13 65.36
C SER B 194 -3.76 15.15 65.10
N VAL B 195 -2.85 14.80 64.18
CA VAL B 195 -1.77 15.68 63.76
C VAL B 195 -1.91 15.88 62.26
N GLY B 196 -1.95 17.13 61.83
CA GLY B 196 -2.19 17.44 60.43
C GLY B 196 -1.09 18.27 59.78
N ARG B 197 -1.03 18.22 58.45
CA ARG B 197 -0.02 18.96 57.72
C ARG B 197 -0.56 19.28 56.33
N VAL B 198 -0.10 20.39 55.78
CA VAL B 198 -0.55 20.89 54.48
C VAL B 198 0.55 20.66 53.45
N PHE B 199 0.20 20.09 52.31
CA PHE B 199 1.16 19.80 51.25
C PHE B 199 0.81 20.65 50.03
N PRO B 200 1.47 21.80 49.83
CA PRO B 200 1.06 22.71 48.77
C PRO B 200 1.59 22.37 47.38
N LEU B 201 2.59 21.51 47.29
CA LEU B 201 3.17 21.19 45.98
C LEU B 201 2.22 20.31 45.17
N SER B 202 2.05 20.64 43.91
CA SER B 202 1.23 19.86 42.98
C SER B 202 1.47 20.38 41.57
N VAL B 203 1.48 19.45 40.61
CA VAL B 203 1.61 19.78 39.20
C VAL B 203 0.25 20.03 38.57
N SER B 204 -0.80 20.14 39.37
CA SER B 204 -2.13 20.38 38.83
C SER B 204 -2.20 21.73 38.14
N LEU B 205 -2.92 21.78 37.02
CA LEU B 205 -3.07 23.02 36.27
C LEU B 205 -3.83 24.06 37.09
N SER B 206 -4.85 23.63 37.82
CA SER B 206 -5.63 24.57 38.62
C SER B 206 -4.78 25.21 39.71
N MET B 207 -3.84 24.44 40.28
CA MET B 207 -2.95 25.01 41.29
C MET B 207 -2.07 26.11 40.69
N SER B 208 -1.55 25.87 39.49
CA SER B 208 -0.73 26.89 38.82
C SER B 208 -1.57 28.11 38.49
N LEU B 209 -2.81 27.91 38.04
CA LEU B 209 -3.69 29.03 37.73
C LEU B 209 -3.98 29.86 38.98
N ILE B 210 -4.21 29.19 40.11
CA ILE B 210 -4.43 29.90 41.37
C ILE B 210 -3.17 30.66 41.77
N SER B 211 -2.00 30.06 41.55
CA SER B 211 -0.75 30.72 41.92
C SER B 211 -0.53 32.01 41.16
N ARG B 212 -1.14 32.14 39.97
CA ARG B 212 -1.05 33.36 39.18
C ARG B 212 -2.20 34.32 39.46
N THR B 213 -2.89 34.16 40.59
CA THR B 213 -3.97 35.06 41.01
C THR B 213 -5.07 35.16 39.95
N SER B 214 -5.52 34.00 39.48
CA SER B 214 -6.65 33.91 38.56
C SER B 214 -7.82 33.22 39.27
N GLU B 215 -8.97 33.89 39.28
CA GLU B 215 -10.10 33.40 40.06
C GLU B 215 -10.66 32.11 39.47
N ILE B 216 -10.90 31.14 40.34
CA ILE B 216 -11.63 29.91 40.01
C ILE B 216 -12.83 29.83 40.94
N ILE B 217 -14.02 29.70 40.34
CA ILE B 217 -15.26 29.92 41.10
C ILE B 217 -15.77 28.62 41.71
N ASN B 218 -16.12 27.64 40.88
CA ASN B 218 -16.75 26.40 41.34
C ASN B 218 -15.97 25.22 40.79
N MET B 219 -15.13 24.60 41.62
CA MET B 219 -14.34 23.45 41.22
C MET B 219 -14.85 22.21 41.93
N LEU B 220 -15.15 21.16 41.16
CA LEU B 220 -15.49 19.85 41.67
C LEU B 220 -14.37 18.89 41.31
N THR B 221 -13.79 18.24 42.31
CA THR B 221 -12.72 17.27 42.10
C THR B 221 -13.17 15.90 42.57
N ALA B 222 -12.92 14.88 41.76
CA ALA B 222 -13.36 13.52 42.02
C ALA B 222 -12.16 12.59 41.92
N ILE B 223 -11.64 12.17 43.08
CA ILE B 223 -10.47 11.31 43.16
C ILE B 223 -10.96 9.87 43.33
N SER B 224 -10.49 8.98 42.45
CA SER B 224 -10.88 7.58 42.54
C SER B 224 -9.82 6.71 41.84
N ASP B 225 -9.58 5.53 42.43
CA ASP B 225 -8.76 4.46 41.83
C ASP B 225 -7.39 4.93 41.37
N GLY B 226 -6.90 6.06 41.89
CA GLY B 226 -5.59 6.55 41.54
C GLY B 226 -5.54 7.61 40.45
N VAL B 227 -6.69 8.09 39.99
CA VAL B 227 -6.75 9.19 39.04
C VAL B 227 -7.65 10.27 39.61
N TYR B 228 -7.42 11.50 39.18
CA TYR B 228 -8.21 12.63 39.64
C TYR B 228 -8.74 13.40 38.44
N GLY B 229 -9.75 14.21 38.68
CA GLY B 229 -10.32 15.04 37.65
C GLY B 229 -10.97 16.26 38.25
N LYS B 230 -10.90 17.37 37.52
CA LYS B 230 -11.42 18.64 38.00
C LYS B 230 -12.26 19.30 36.92
N THR B 231 -13.28 20.04 37.37
CA THR B 231 -14.07 20.91 36.50
C THR B 231 -14.32 22.21 37.24
N TYR B 232 -13.99 23.33 36.60
CA TYR B 232 -14.02 24.60 37.31
C TYR B 232 -14.22 25.75 36.32
N LEU B 233 -14.93 26.77 36.78
CA LEU B 233 -15.11 28.00 36.02
C LEU B 233 -13.85 28.84 36.14
N LEU B 234 -13.22 29.12 35.01
CA LEU B 234 -12.02 29.93 34.96
C LEU B 234 -12.40 31.33 34.48
N VAL B 235 -12.09 32.34 35.29
CA VAL B 235 -12.49 33.71 35.03
C VAL B 235 -11.24 34.50 34.67
N PRO B 236 -11.06 34.91 33.41
CA PRO B 236 -9.91 35.76 33.06
C PRO B 236 -10.12 37.19 33.54
N ASP B 237 -9.33 37.61 34.51
CA ASP B 237 -9.45 38.95 35.10
C ASP B 237 -8.43 39.94 34.53
N TYR B 238 -7.75 39.57 33.45
CA TYR B 238 -6.77 40.49 32.86
C TYR B 238 -7.44 41.76 32.37
N ILE B 239 -8.59 41.64 31.72
CA ILE B 239 -9.42 42.78 31.34
C ILE B 239 -10.82 42.54 31.90
N GLU B 240 -11.31 43.48 32.70
CA GLU B 240 -12.57 43.32 33.39
C GLU B 240 -13.54 44.43 33.00
N GLY B 241 -14.83 44.09 32.97
CA GLY B 241 -15.88 45.04 32.67
C GLY B 241 -17.20 44.66 33.30
N GLY B 242 -17.81 45.57 34.04
CA GLY B 242 -19.06 45.29 34.70
C GLY B 242 -18.92 44.33 35.86
N PHE B 243 -19.45 43.12 35.70
CA PHE B 243 -19.38 42.09 36.73
C PHE B 243 -18.52 40.91 36.33
N ASP B 244 -18.75 40.34 35.14
CA ASP B 244 -17.97 39.21 34.66
C ASP B 244 -18.02 39.21 33.15
N THR B 245 -16.87 39.44 32.51
CA THR B 245 -16.81 39.43 31.05
C THR B 245 -17.14 38.04 30.50
N GLN B 246 -16.51 37.01 31.06
CA GLN B 246 -16.77 35.63 30.67
C GLN B 246 -16.12 34.71 31.68
N LYS B 247 -16.73 33.55 31.88
CA LYS B 247 -16.16 32.46 32.68
C LYS B 247 -16.18 31.20 31.84
N ILE B 248 -15.02 30.58 31.67
CA ILE B 248 -14.81 29.53 30.69
C ILE B 248 -14.40 28.24 31.40
N ARG B 249 -15.11 27.16 31.11
CA ARG B 249 -14.91 25.89 31.82
C ARG B 249 -13.63 25.20 31.37
N VAL B 250 -12.99 24.52 32.32
CA VAL B 250 -11.83 23.69 32.06
C VAL B 250 -12.06 22.33 32.71
N PHE B 251 -11.86 21.26 31.95
CA PHE B 251 -11.89 19.90 32.46
C PHE B 251 -10.48 19.32 32.36
N GLU B 252 -9.95 18.84 33.47
CA GLU B 252 -8.61 18.25 33.47
C GLU B 252 -8.63 16.95 34.25
N ILE B 253 -7.85 15.97 33.76
CA ILE B 253 -7.75 14.66 34.39
C ILE B 253 -6.27 14.27 34.43
N GLY B 254 -5.84 13.72 35.57
CA GLY B 254 -4.46 13.33 35.71
C GLY B 254 -4.30 12.26 36.77
N PHE B 255 -3.05 11.84 36.95
CA PHE B 255 -2.73 10.75 37.86
C PHE B 255 -2.53 11.27 39.28
N ILE B 256 -2.16 10.35 40.17
CA ILE B 256 -1.70 10.67 41.51
C ILE B 256 -0.38 9.95 41.71
N LYS B 257 0.71 10.72 41.87
CA LYS B 257 2.04 10.16 41.94
C LYS B 257 2.64 10.44 43.30
N ARG B 258 3.56 9.57 43.73
CA ARG B 258 4.33 9.78 44.94
C ARG B 258 5.57 10.61 44.61
N TRP B 259 5.94 11.49 45.53
CA TRP B 259 6.95 12.52 45.29
C TRP B 259 8.15 12.38 46.23
N LEU B 260 8.70 11.17 46.32
CA LEU B 260 9.95 10.81 46.99
C LEU B 260 9.88 11.02 48.49
N ASN B 261 8.78 11.53 49.02
CA ASN B 261 8.48 11.49 50.45
C ASN B 261 7.26 10.62 50.74
N ASP B 262 6.86 9.80 49.76
CA ASP B 262 5.62 9.02 49.84
C ASP B 262 4.41 9.91 50.09
N MET B 263 4.30 10.97 49.32
CA MET B 263 3.22 11.94 49.38
C MET B 263 2.60 12.14 48.01
N PRO B 264 1.31 12.44 47.94
CA PRO B 264 0.63 12.48 46.63
C PRO B 264 0.99 13.74 45.85
N LEU B 265 1.32 13.55 44.58
CA LEU B 265 1.62 14.63 43.65
C LEU B 265 0.59 14.56 42.52
N LEU B 266 -0.39 15.46 42.55
CA LEU B 266 -1.48 15.45 41.57
C LEU B 266 -0.96 15.97 40.25
N GLN B 267 -0.40 15.08 39.45
CA GLN B 267 0.02 15.46 38.10
C GLN B 267 -1.18 15.58 37.19
N THR B 268 -1.15 16.57 36.30
CA THR B 268 -2.17 16.75 35.28
C THR B 268 -1.64 16.21 33.97
N THR B 269 -2.38 15.30 33.35
CA THR B 269 -1.92 14.65 32.12
C THR B 269 -2.68 15.13 30.90
N ASN B 270 -3.97 15.46 31.05
CA ASN B 270 -4.75 15.97 29.93
C ASN B 270 -5.74 16.98 30.45
N TYR B 271 -6.15 17.90 29.58
CA TYR B 271 -7.16 18.88 29.93
C TYR B 271 -7.85 19.38 28.68
N MET B 272 -9.08 19.87 28.85
CA MET B 272 -9.89 20.38 27.76
C MET B 272 -10.65 21.61 28.23
N VAL B 273 -10.74 22.62 27.37
CA VAL B 273 -11.35 23.90 27.70
C VAL B 273 -12.59 24.09 26.85
N LEU B 274 -13.68 24.51 27.47
CA LEU B 274 -14.96 24.70 26.78
C LEU B 274 -15.26 26.19 26.65
N PRO B 275 -15.23 26.76 25.45
CA PRO B 275 -15.59 28.18 25.30
C PRO B 275 -17.03 28.43 25.74
N GLU B 276 -17.25 29.57 26.39
CA GLU B 276 -18.54 29.90 26.97
C GLU B 276 -19.48 30.34 25.84
N ASN B 277 -19.91 29.37 25.04
CA ASN B 277 -20.88 29.66 23.98
C ASN B 277 -22.30 29.66 24.54
N SER B 278 -22.78 28.50 24.99
CA SER B 278 -24.11 28.42 25.58
C SER B 278 -24.14 27.69 26.91
N LYS B 279 -23.36 26.62 27.07
CA LYS B 279 -23.49 25.71 28.20
C LYS B 279 -22.17 25.68 28.97
N ALA B 280 -22.02 26.59 29.93
CA ALA B 280 -20.85 26.63 30.78
C ALA B 280 -21.20 27.04 32.21
N LYS B 281 -22.39 26.67 32.68
CA LYS B 281 -22.86 27.13 33.99
C LYS B 281 -22.55 26.12 35.10
N VAL B 282 -23.09 24.91 34.99
CA VAL B 282 -22.92 23.88 36.02
C VAL B 282 -22.58 22.56 35.34
N CYS B 283 -21.82 21.73 36.06
CA CYS B 283 -21.42 20.42 35.56
C CYS B 283 -21.32 19.46 36.73
N THR B 284 -21.23 18.17 36.40
CA THR B 284 -20.97 17.11 37.35
C THR B 284 -19.69 16.38 36.95
N ILE B 285 -18.96 15.90 37.94
CA ILE B 285 -17.66 15.27 37.72
C ILE B 285 -17.76 13.80 38.10
N ALA B 286 -17.13 12.95 37.29
CA ALA B 286 -17.14 11.50 37.52
C ALA B 286 -15.89 10.93 36.87
N VAL B 287 -14.90 10.57 37.68
CA VAL B 287 -13.60 10.11 37.19
C VAL B 287 -13.44 8.64 37.53
N GLY B 288 -13.02 7.86 36.55
CA GLY B 288 -12.76 6.45 36.75
C GLY B 288 -12.43 5.74 35.46
N GLU B 289 -11.75 4.60 35.55
CA GLU B 289 -11.37 3.80 34.38
C GLU B 289 -10.61 4.63 33.36
N LEU B 290 -9.72 5.50 33.85
CA LEU B 290 -8.91 6.38 33.00
C LEU B 290 -9.77 7.22 32.07
N THR B 291 -10.87 7.76 32.61
CA THR B 291 -11.83 8.48 31.79
C THR B 291 -12.58 9.48 32.67
N LEU B 292 -12.85 10.65 32.12
CA LEU B 292 -13.65 11.68 32.77
C LEU B 292 -15.02 11.75 32.09
N ALA B 293 -16.02 12.17 32.86
CA ALA B 293 -17.37 12.32 32.34
C ALA B 293 -18.01 13.56 32.96
N SER B 294 -18.93 14.18 32.23
CA SER B 294 -19.56 15.39 32.71
C SER B 294 -20.91 15.59 32.01
N LEU B 295 -21.83 16.22 32.73
CA LEU B 295 -23.16 16.56 32.24
C LEU B 295 -23.39 18.03 32.52
N CYS B 296 -23.16 18.88 31.52
CA CYS B 296 -23.19 20.32 31.69
C CYS B 296 -24.45 20.91 31.08
N VAL B 297 -25.14 21.76 31.85
CA VAL B 297 -26.37 22.41 31.41
C VAL B 297 -26.33 23.86 31.85
N ASP B 298 -26.73 24.76 30.94
CA ASP B 298 -26.76 26.19 31.28
C ASP B 298 -27.78 26.47 32.38
N GLU B 299 -28.96 25.86 32.29
CA GLU B 299 -29.99 26.10 33.28
C GLU B 299 -29.67 25.39 34.58
N SER B 300 -30.09 26.00 35.70
CA SER B 300 -29.88 25.40 37.00
C SER B 300 -30.63 24.08 37.12
N THR B 301 -31.87 24.04 36.65
CA THR B 301 -32.69 22.83 36.67
C THR B 301 -33.13 22.51 35.25
N VAL B 302 -33.03 21.24 34.86
CA VAL B 302 -33.41 20.84 33.52
C VAL B 302 -34.92 20.75 33.41
N LEU B 303 -35.49 21.43 32.41
CA LEU B 303 -36.90 21.35 32.10
C LEU B 303 -37.08 20.20 31.11
N LEU B 304 -37.14 18.98 31.64
CA LEU B 304 -37.09 17.79 30.80
C LEU B 304 -38.35 17.64 29.96
N TYR B 305 -39.52 17.89 30.54
CA TYR B 305 -40.79 17.58 29.88
C TYR B 305 -41.61 18.80 29.49
N HIS B 306 -41.50 19.91 30.22
CA HIS B 306 -42.33 21.08 29.95
C HIS B 306 -41.97 21.77 28.63
N ASP B 307 -40.78 21.51 28.09
CA ASP B 307 -40.36 22.09 26.82
C ASP B 307 -40.54 21.12 25.66
N SER B 308 -41.24 20.00 25.86
CA SER B 308 -41.43 19.01 24.81
C SER B 308 -42.31 19.51 23.67
N ASP B 309 -43.02 20.63 23.85
CA ASP B 309 -43.83 21.17 22.76
C ASP B 309 -42.96 21.57 21.58
N GLY B 310 -41.83 22.21 21.84
CA GLY B 310 -40.88 22.55 20.79
C GLY B 310 -39.69 21.62 20.80
N SER B 311 -38.57 22.08 21.36
CA SER B 311 -37.38 21.27 21.51
C SER B 311 -37.02 21.20 22.99
N GLN B 312 -36.99 19.98 23.53
CA GLN B 312 -36.69 19.81 24.95
C GLN B 312 -35.22 20.12 25.22
N ASP B 313 -34.94 20.54 26.45
CA ASP B 313 -33.60 20.92 26.84
C ASP B 313 -32.66 19.72 26.80
N GLY B 314 -31.37 19.99 26.56
CA GLY B 314 -30.36 18.91 26.48
C GLY B 314 -29.15 19.10 27.40
N ILE B 315 -28.38 18.04 27.60
CA ILE B 315 -27.25 18.13 28.57
C ILE B 315 -25.94 17.88 27.80
N LEU B 316 -25.06 18.88 27.77
CA LEU B 316 -23.79 18.76 27.02
C LEU B 316 -22.90 17.71 27.68
N VAL B 317 -22.94 16.47 27.17
CA VAL B 317 -22.08 15.41 27.70
C VAL B 317 -20.64 15.67 27.28
N VAL B 318 -19.74 15.66 28.25
CA VAL B 318 -18.31 15.88 28.01
C VAL B 318 -17.54 14.69 28.57
N THR B 319 -16.62 14.16 27.77
CA THR B 319 -15.83 13.01 28.17
C THR B 319 -14.36 13.26 27.83
N LEU B 320 -13.48 12.93 28.78
CA LEU B 320 -12.05 13.09 28.60
C LEU B 320 -11.35 11.76 28.85
N GLY B 321 -10.16 11.63 28.26
CA GLY B 321 -9.29 10.50 28.50
C GLY B 321 -8.00 10.95 29.16
N ILE B 322 -7.25 9.97 29.67
CA ILE B 322 -5.97 10.28 30.30
C ILE B 322 -5.02 10.91 29.29
N PHE B 323 -4.93 10.34 28.10
CA PHE B 323 -4.07 10.86 27.05
C PHE B 323 -4.91 11.11 25.81
N GLY B 324 -4.57 12.19 25.09
CA GLY B 324 -5.36 12.63 23.95
C GLY B 324 -5.59 11.54 22.92
N ALA B 325 -6.84 11.10 22.78
CA ALA B 325 -7.14 9.95 21.94
C ALA B 325 -8.62 9.95 21.59
N THR B 326 -9.07 8.83 21.04
CA THR B 326 -10.46 8.64 20.60
C THR B 326 -11.51 8.85 21.68
N PRO B 327 -11.35 8.36 22.93
CA PRO B 327 -12.43 8.55 23.91
C PRO B 327 -12.78 9.99 24.18
N MET B 328 -11.85 10.92 23.96
CA MET B 328 -12.14 12.34 24.14
C MET B 328 -13.17 12.80 23.12
N ASP B 329 -14.40 13.06 23.57
CA ASP B 329 -15.47 13.50 22.68
C ASP B 329 -16.44 14.37 23.46
N GLN B 330 -17.19 15.18 22.72
CA GLN B 330 -18.20 16.09 23.29
C GLN B 330 -19.39 16.06 22.34
N VAL B 331 -20.35 15.19 22.63
CA VAL B 331 -21.52 14.98 21.78
C VAL B 331 -22.76 15.26 22.60
N GLU B 332 -23.40 16.42 22.37
CA GLU B 332 -24.66 16.75 23.08
C GLU B 332 -25.70 15.72 22.64
N GLU B 333 -26.44 15.13 23.59
CA GLU B 333 -27.35 14.01 23.23
C GLU B 333 -28.82 14.30 23.51
N VAL B 334 -29.71 14.01 22.55
CA VAL B 334 -31.17 14.20 22.76
C VAL B 334 -31.71 13.04 23.60
N ILE B 335 -32.55 13.34 24.60
CA ILE B 335 -32.79 12.40 25.75
C ILE B 335 -34.08 11.62 25.48
N PRO B 336 -34.05 10.28 25.33
CA PRO B 336 -35.21 9.42 25.56
C PRO B 336 -35.46 9.28 27.07
N VAL B 337 -36.70 9.47 27.52
CA VAL B 337 -36.94 9.47 28.99
C VAL B 337 -37.59 8.14 29.39
N ALA B 338 -37.00 7.46 30.38
CA ALA B 338 -37.55 6.17 30.87
C ALA B 338 -38.92 6.38 31.50
N HIS B 339 -39.11 7.47 32.25
CA HIS B 339 -40.39 7.66 32.98
C HIS B 339 -41.15 8.90 32.49
N PRO B 340 -42.46 8.80 32.13
CA PRO B 340 -43.23 10.00 31.76
C PRO B 340 -43.39 10.92 32.99
N SER B 341 -43.45 10.34 34.20
CA SER B 341 -43.65 11.17 35.42
C SER B 341 -42.50 12.16 35.64
N VAL B 342 -41.24 11.75 35.41
CA VAL B 342 -40.11 12.69 35.72
C VAL B 342 -40.25 13.90 34.79
N GLU B 343 -39.99 15.12 35.31
CA GLU B 343 -40.16 16.35 34.49
C GLU B 343 -39.03 17.34 34.75
N LYS B 344 -38.44 17.34 35.95
CA LYS B 344 -37.32 18.23 36.23
C LYS B 344 -36.10 17.40 36.62
N ILE B 345 -34.92 17.92 36.27
CA ILE B 345 -33.64 17.41 36.75
C ILE B 345 -32.83 18.59 37.24
N HIS B 346 -32.33 18.50 38.47
CA HIS B 346 -31.71 19.64 39.15
C HIS B 346 -30.20 19.41 39.23
N ILE B 347 -29.50 19.81 38.18
CA ILE B 347 -28.04 19.68 38.11
C ILE B 347 -27.44 20.96 38.68
N THR B 348 -26.90 20.87 39.90
CA THR B 348 -26.15 21.97 40.49
C THR B 348 -24.69 21.63 40.72
N ASN B 349 -24.44 20.61 41.54
CA ASN B 349 -23.05 20.15 41.84
C ASN B 349 -23.11 18.69 42.31
N HIS B 350 -22.71 17.73 41.47
CA HIS B 350 -22.82 16.33 41.83
C HIS B 350 -21.54 15.60 41.47
N ARG B 351 -21.26 14.53 42.19
CA ARG B 351 -20.11 13.68 41.95
C ARG B 351 -20.57 12.25 41.75
N GLY B 352 -20.04 11.60 40.73
CA GLY B 352 -20.33 10.20 40.47
C GLY B 352 -19.07 9.42 40.21
N PHE B 353 -19.21 8.17 39.78
CA PHE B 353 -18.05 7.35 39.43
C PHE B 353 -18.33 6.61 38.14
N ILE B 354 -17.27 6.20 37.48
CA ILE B 354 -17.33 5.42 36.24
C ILE B 354 -16.98 3.99 36.62
N LYS B 355 -17.98 3.13 36.73
CA LYS B 355 -17.79 1.74 37.11
C LYS B 355 -18.21 0.84 35.96
N ASP B 356 -17.31 -0.05 35.55
CA ASP B 356 -17.56 -1.01 34.48
C ASP B 356 -18.00 -0.30 33.20
N SER B 357 -17.27 0.77 32.86
CA SER B 357 -17.52 1.55 31.64
C SER B 357 -18.92 2.12 31.61
N ILE B 358 -19.47 2.46 32.77
CA ILE B 358 -20.81 3.06 32.86
C ILE B 358 -20.73 4.18 33.89
N ALA B 359 -20.90 5.42 33.44
CA ALA B 359 -20.82 6.59 34.30
C ALA B 359 -22.19 6.91 34.86
N THR B 360 -22.33 6.84 36.18
CA THR B 360 -23.61 7.07 36.84
C THR B 360 -23.47 8.16 37.88
N TRP B 361 -24.47 9.05 37.92
CA TRP B 361 -24.54 10.10 38.91
C TRP B 361 -25.81 9.93 39.74
N MET B 362 -26.11 10.89 40.61
CA MET B 362 -27.35 10.89 41.36
C MET B 362 -27.87 12.32 41.47
N VAL B 363 -29.02 12.57 40.85
CA VAL B 363 -29.60 13.91 40.79
C VAL B 363 -31.04 13.84 41.30
N PRO B 364 -31.45 14.73 42.19
CA PRO B 364 -32.85 14.75 42.62
C PRO B 364 -33.78 15.08 41.45
N ALA B 365 -34.95 14.44 41.45
CA ALA B 365 -35.92 14.60 40.37
C ALA B 365 -37.30 14.84 40.97
N LEU B 366 -38.16 15.50 40.20
CA LEU B 366 -39.49 15.88 40.65
C LEU B 366 -40.53 14.94 40.05
N VAL B 367 -41.36 14.36 40.92
CA VAL B 367 -42.45 13.48 40.51
C VAL B 367 -43.65 13.76 41.41
N SER B 368 -44.86 13.53 40.87
CA SER B 368 -46.07 13.82 41.62
C SER B 368 -46.62 12.61 42.36
N GLU B 369 -46.30 11.40 41.90
CA GLU B 369 -46.89 10.20 42.49
C GLU B 369 -46.39 9.97 43.90
N LYS B 370 -45.10 10.20 44.16
CA LYS B 370 -44.52 9.88 45.46
C LYS B 370 -45.11 10.76 46.57
N GLN B 371 -45.55 11.97 46.24
CA GLN B 371 -46.13 12.85 47.24
C GLN B 371 -47.40 12.27 47.83
N GLU B 372 -48.13 11.43 47.08
CA GLU B 372 -49.32 10.80 47.64
C GLU B 372 -48.96 9.91 48.82
N GLU B 373 -47.87 9.16 48.72
CA GLU B 373 -47.42 8.34 49.83
C GLU B 373 -46.80 9.19 50.94
N GLN B 374 -46.05 10.23 50.56
CA GLN B 374 -45.40 11.07 51.56
C GLN B 374 -46.37 11.95 52.33
N LYS B 375 -47.59 12.15 51.80
CA LYS B 375 -48.53 13.07 52.43
C LYS B 375 -48.98 12.57 53.79
N ASN B 376 -49.18 11.26 53.93
CA ASN B 376 -49.60 10.71 55.22
C ASN B 376 -48.54 10.96 56.28
N CYS B 377 -47.27 10.73 55.95
CA CYS B 377 -46.19 11.00 56.90
C CYS B 377 -46.09 12.48 57.20
N LEU B 378 -46.27 13.34 56.19
CA LEU B 378 -46.21 14.77 56.42
C LEU B 378 -47.32 15.23 57.35
N GLU B 379 -48.53 14.71 57.16
CA GLU B 379 -49.65 15.05 58.05
C GLU B 379 -49.41 14.53 59.46
N SER B 380 -48.86 13.31 59.59
CA SER B 380 -48.56 12.77 60.91
C SER B 380 -47.53 13.62 61.64
N ALA B 381 -46.50 14.07 60.92
CA ALA B 381 -45.48 14.91 61.53
C ALA B 381 -45.97 16.33 61.80
N CYS B 382 -46.97 16.81 61.05
CA CYS B 382 -47.47 18.16 61.26
C CYS B 382 -48.13 18.31 62.62
N GLN B 383 -48.94 17.32 63.02
CA GLN B 383 -49.58 17.36 64.33
C GLN B 383 -48.62 16.99 65.47
N ARG B 384 -47.43 16.47 65.14
CA ARG B 384 -46.43 16.15 66.13
C ARG B 384 -45.76 17.42 66.64
N LYS B 385 -44.95 17.26 67.69
CA LYS B 385 -44.27 18.41 68.29
C LYS B 385 -43.24 19.03 67.35
N SER B 386 -42.81 18.31 66.31
CA SER B 386 -41.82 18.82 65.38
C SER B 386 -42.50 19.80 64.42
N TYR B 387 -42.78 21.01 64.93
CA TYR B 387 -43.38 22.05 64.11
C TYR B 387 -42.52 22.49 62.93
N PRO B 388 -41.21 22.73 63.06
CA PRO B 388 -40.44 23.25 61.91
C PRO B 388 -40.45 22.35 60.70
N MET B 389 -40.72 21.05 60.86
CA MET B 389 -40.82 20.17 59.69
C MET B 389 -41.99 20.57 58.82
N CYS B 390 -43.17 20.72 59.42
CA CYS B 390 -44.37 21.11 58.68
C CYS B 390 -44.45 22.61 58.43
N ASN B 391 -43.57 23.40 59.06
CA ASN B 391 -43.57 24.83 58.84
C ASN B 391 -43.24 25.15 57.38
N GLN B 392 -42.34 24.37 56.77
CA GLN B 392 -41.98 24.59 55.38
C GLN B 392 -43.19 24.38 54.47
N THR B 393 -43.37 25.29 53.52
CA THR B 393 -44.43 25.20 52.52
C THR B 393 -43.93 25.05 51.10
N SER B 394 -42.77 25.64 50.78
CA SER B 394 -42.16 25.52 49.46
C SER B 394 -40.69 25.18 49.63
N TRP B 395 -40.18 24.32 48.77
CA TRP B 395 -38.79 23.86 48.84
C TRP B 395 -37.91 24.63 47.86
N GLU B 396 -36.63 24.71 48.21
CA GLU B 396 -35.68 25.45 47.38
C GLU B 396 -35.53 24.85 45.98
N PRO B 397 -35.35 23.53 45.79
CA PRO B 397 -35.08 23.02 44.43
C PRO B 397 -36.18 23.35 43.43
N PHE B 398 -37.44 23.28 43.87
CA PHE B 398 -38.57 23.52 42.95
C PHE B 398 -39.63 24.31 43.73
N GLY B 399 -39.98 25.52 43.27
CA GLY B 399 -40.93 26.33 44.06
C GLY B 399 -42.29 25.65 44.11
N GLY B 400 -42.95 25.70 45.28
CA GLY B 400 -44.22 24.95 45.43
C GLY B 400 -43.97 23.48 45.14
N GLY B 401 -44.80 22.87 44.29
CA GLY B 401 -44.54 21.47 43.87
C GLY B 401 -44.62 20.45 44.97
N GLN B 402 -43.91 19.32 44.82
CA GLN B 402 -43.98 18.22 45.75
C GLN B 402 -42.57 17.87 46.23
N LEU B 403 -42.48 16.83 47.04
CA LEU B 403 -41.19 16.38 47.56
C LEU B 403 -40.36 15.75 46.46
N PRO B 404 -39.15 16.26 46.19
CA PRO B 404 -38.32 15.64 45.14
C PRO B 404 -37.90 14.24 45.54
N SER B 405 -37.54 13.45 44.53
CA SER B 405 -37.10 12.07 44.72
C SER B 405 -35.76 11.87 44.01
N TYR B 406 -35.03 10.86 44.45
CA TYR B 406 -33.71 10.58 43.90
C TYR B 406 -33.83 10.00 42.50
N GLY B 407 -33.06 10.53 41.57
CA GLY B 407 -33.06 10.03 40.20
C GLY B 407 -31.70 9.58 39.74
N ARG B 408 -31.53 8.28 39.51
CA ARG B 408 -30.26 7.71 39.10
C ARG B 408 -30.02 8.04 37.64
N LEU B 409 -29.17 9.04 37.39
CA LEU B 409 -28.72 9.32 36.04
C LEU B 409 -27.61 8.35 35.65
N THR B 410 -27.71 7.78 34.47
CA THR B 410 -26.77 6.77 34.02
C THR B 410 -26.36 7.07 32.59
N LEU B 411 -25.06 7.00 32.32
CA LEU B 411 -24.50 7.26 30.99
C LEU B 411 -23.57 6.12 30.64
N PRO B 412 -24.06 5.08 29.95
CA PRO B 412 -23.18 4.00 29.52
C PRO B 412 -22.12 4.48 28.54
N LEU B 413 -20.86 4.46 28.96
CA LEU B 413 -19.76 5.02 28.16
C LEU B 413 -19.24 3.94 27.23
N ASP B 414 -19.78 3.91 26.01
CA ASP B 414 -19.32 3.05 24.96
C ASP B 414 -18.88 3.90 23.77
N PRO B 415 -17.66 3.71 23.26
CA PRO B 415 -17.17 4.59 22.18
C PRO B 415 -17.95 4.46 20.89
N SER B 416 -18.72 3.39 20.69
CA SER B 416 -19.34 3.10 19.41
C SER B 416 -20.82 3.49 19.36
N ILE B 417 -21.63 2.94 20.25
CA ILE B 417 -23.09 2.94 20.08
C ILE B 417 -23.77 3.52 21.32
N ASP B 418 -24.78 4.36 21.10
CA ASP B 418 -25.80 4.72 22.08
C ASP B 418 -25.18 5.40 23.32
N LEU B 419 -24.62 6.58 23.07
CA LEU B 419 -24.24 7.49 24.16
C LEU B 419 -25.48 8.28 24.56
N GLN B 420 -26.30 7.65 25.40
CA GLN B 420 -27.55 8.27 25.84
C GLN B 420 -27.71 8.08 27.34
N LEU B 421 -28.50 8.96 27.94
CA LEU B 421 -28.72 8.97 29.38
C LEU B 421 -29.91 8.09 29.75
N ASN B 422 -30.04 7.82 31.05
CA ASN B 422 -31.16 7.06 31.59
C ASN B 422 -31.48 7.62 32.96
N ILE B 423 -32.74 7.99 33.17
CA ILE B 423 -33.21 8.56 34.43
C ILE B 423 -34.22 7.59 35.04
N SER B 424 -33.93 7.11 36.25
CA SER B 424 -34.75 6.13 36.95
C SER B 424 -35.03 6.63 38.35
N PHE B 425 -36.16 7.31 38.53
CA PHE B 425 -36.53 7.84 39.83
C PHE B 425 -36.87 6.72 40.81
N THR B 426 -36.85 7.05 42.09
CA THR B 426 -37.10 6.09 43.15
C THR B 426 -37.51 6.85 44.41
N TYR B 427 -38.31 6.21 45.26
CA TYR B 427 -38.71 6.77 46.55
C TYR B 427 -37.57 6.65 47.53
N GLY B 428 -37.65 7.42 48.62
CA GLY B 428 -36.64 7.38 49.65
C GLY B 428 -36.90 8.39 50.74
N PRO B 429 -35.88 8.65 51.57
CA PRO B 429 -36.02 9.69 52.60
C PRO B 429 -36.26 11.06 51.97
N VAL B 430 -37.01 11.89 52.70
CA VAL B 430 -37.36 13.21 52.18
C VAL B 430 -36.09 14.05 52.01
N ILE B 431 -36.10 14.91 51.01
CA ILE B 431 -34.96 15.76 50.69
C ILE B 431 -35.20 17.14 51.30
N LEU B 432 -34.44 17.47 52.35
CA LEU B 432 -34.53 18.80 52.94
C LEU B 432 -33.81 19.85 52.09
N ASN B 433 -32.71 19.45 51.44
CA ASN B 433 -31.96 20.36 50.57
C ASN B 433 -31.49 19.61 49.34
N GLY B 434 -31.82 20.13 48.17
CA GLY B 434 -31.41 19.53 46.91
C GLY B 434 -30.22 20.22 46.28
N ASP B 435 -29.49 20.99 47.09
CA ASP B 435 -28.38 21.78 46.56
C ASP B 435 -27.29 20.89 45.97
N GLY B 436 -26.97 19.79 46.64
CA GLY B 436 -25.94 18.88 46.15
C GLY B 436 -26.24 17.46 46.54
N MET B 437 -25.67 16.53 45.77
CA MET B 437 -25.89 15.08 46.02
C MET B 437 -24.75 14.29 45.38
N ASP B 438 -23.87 13.69 46.19
CA ASP B 438 -22.74 12.93 45.70
C ASP B 438 -23.14 11.47 45.47
N TYR B 439 -22.21 10.71 44.90
CA TYR B 439 -22.43 9.29 44.64
C TYR B 439 -21.09 8.57 44.75
N TYR B 440 -20.82 7.98 45.91
CA TYR B 440 -19.58 7.28 46.17
C TYR B 440 -19.77 5.77 46.02
N GLU B 441 -18.73 5.10 45.52
CA GLU B 441 -18.78 3.66 45.37
C GLU B 441 -18.81 2.97 46.73
N SER B 442 -19.51 1.84 46.79
CA SER B 442 -19.66 1.05 48.00
C SER B 442 -18.94 -0.28 47.84
N PRO B 443 -18.40 -0.84 48.93
CA PRO B 443 -17.68 -2.12 48.84
C PRO B 443 -18.58 -3.34 48.63
N LEU B 444 -19.86 -3.14 48.35
CA LEU B 444 -20.77 -4.26 48.09
C LEU B 444 -20.64 -4.69 46.64
N LEU B 445 -21.57 -5.53 46.18
CA LEU B 445 -21.47 -6.09 44.83
C LEU B 445 -21.78 -5.04 43.77
N ASP B 446 -23.00 -4.50 43.79
CA ASP B 446 -23.40 -3.47 42.83
C ASP B 446 -24.14 -2.35 43.55
N SER B 447 -23.63 -1.96 44.70
CA SER B 447 -24.23 -0.93 45.52
C SER B 447 -23.35 0.33 45.53
N GLY B 448 -23.97 1.45 45.86
CA GLY B 448 -23.26 2.71 45.94
C GLY B 448 -23.83 3.59 47.02
N TRP B 449 -22.98 4.42 47.60
CA TRP B 449 -23.41 5.32 48.67
C TRP B 449 -24.19 6.50 48.10
N LEU B 450 -24.54 7.43 48.98
CA LEU B 450 -25.27 8.62 48.58
C LEU B 450 -25.24 9.59 49.75
N THR B 451 -24.88 10.85 49.47
CA THR B 451 -24.75 11.86 50.51
C THR B 451 -25.47 13.13 50.08
N ILE B 452 -25.89 13.91 51.08
CA ILE B 452 -26.45 15.22 50.86
C ILE B 452 -25.75 16.18 51.82
N PRO B 453 -25.03 17.18 51.32
CA PRO B 453 -24.29 18.06 52.23
C PRO B 453 -25.24 18.82 53.13
N PRO B 454 -24.85 19.09 54.37
CA PRO B 454 -25.71 19.85 55.27
C PRO B 454 -25.92 21.27 54.79
N LYS B 455 -27.08 21.82 55.13
CA LYS B 455 -27.47 23.17 54.75
C LYS B 455 -27.78 23.97 56.01
N ASN B 456 -27.52 25.28 55.96
CA ASN B 456 -27.80 26.14 57.09
C ASN B 456 -29.28 26.05 57.48
N GLY B 457 -29.52 25.92 58.78
CA GLY B 457 -30.84 25.66 59.32
C GLY B 457 -31.05 24.22 59.73
N THR B 458 -30.47 23.28 58.99
CA THR B 458 -30.50 21.86 59.34
C THR B 458 -29.13 21.44 59.86
N VAL B 459 -29.12 20.67 60.95
CA VAL B 459 -27.89 20.33 61.65
C VAL B 459 -27.18 19.11 61.08
N LEU B 460 -27.81 18.35 60.20
CA LEU B 460 -27.24 17.09 59.75
C LEU B 460 -27.51 16.89 58.26
N GLY B 461 -26.66 16.09 57.63
CA GLY B 461 -26.84 15.68 56.26
C GLY B 461 -27.70 14.45 56.15
N LEU B 462 -27.35 13.57 55.20
CA LEU B 462 -28.13 12.36 54.97
C LEU B 462 -27.28 11.40 54.14
N ILE B 463 -27.12 10.18 54.62
CA ILE B 463 -26.42 9.12 53.90
C ILE B 463 -27.36 7.93 53.77
N ASN B 464 -27.62 7.53 52.53
CA ASN B 464 -28.53 6.39 52.28
C ASN B 464 -27.94 5.48 51.21
N LYS B 465 -28.20 4.17 51.29
CA LYS B 465 -27.71 3.21 50.33
C LYS B 465 -28.40 3.38 48.98
N ALA B 466 -27.75 2.89 47.93
CA ALA B 466 -28.31 2.90 46.59
C ALA B 466 -27.64 1.84 45.75
N SER B 467 -28.43 1.18 44.90
CA SER B 467 -27.95 0.10 44.06
C SER B 467 -28.00 0.52 42.60
N ARG B 468 -27.01 0.08 41.84
CA ARG B 468 -26.90 0.41 40.42
C ARG B 468 -27.13 -0.84 39.58
N GLY B 469 -27.93 -0.71 38.53
CA GLY B 469 -28.23 -1.83 37.66
C GLY B 469 -29.67 -2.27 37.74
N ASP B 470 -30.37 -2.26 36.61
CA ASP B 470 -31.78 -2.68 36.49
C ASP B 470 -32.61 -1.78 37.41
N GLN B 471 -33.34 -2.33 38.37
CA GLN B 471 -34.18 -1.51 39.24
C GLN B 471 -33.34 -0.68 40.20
N PHE B 472 -33.87 0.49 40.54
CA PHE B 472 -33.19 1.41 41.47
C PHE B 472 -34.01 1.51 42.75
N THR B 473 -33.36 1.21 43.87
CA THR B 473 -33.97 1.30 45.19
C THR B 473 -33.00 1.98 46.16
N VAL B 474 -33.56 2.72 47.12
CA VAL B 474 -32.78 3.45 48.11
C VAL B 474 -33.29 3.07 49.49
N ILE B 475 -32.40 2.53 50.32
CA ILE B 475 -32.68 2.20 51.70
C ILE B 475 -31.75 3.01 52.59
N PRO B 476 -32.26 3.79 53.53
CA PRO B 476 -31.37 4.61 54.36
C PRO B 476 -30.40 3.75 55.17
N HIS B 477 -29.15 4.18 55.21
CA HIS B 477 -28.11 3.46 55.95
C HIS B 477 -27.92 4.05 57.33
N VAL B 478 -27.55 5.33 57.40
CA VAL B 478 -27.32 6.01 58.67
C VAL B 478 -27.80 7.46 58.58
N LEU B 479 -27.84 8.13 59.74
CA LEU B 479 -28.13 9.56 59.83
C LEU B 479 -29.53 9.89 59.32
N THR B 480 -30.44 8.93 59.46
CA THR B 480 -31.86 9.16 59.18
C THR B 480 -32.67 8.68 60.37
N PHE B 481 -33.60 9.52 60.82
CA PHE B 481 -34.44 9.21 61.97
C PHE B 481 -35.81 8.71 61.50
N ALA B 482 -36.20 7.54 61.97
CA ALA B 482 -37.50 6.98 61.62
C ALA B 482 -38.56 7.50 62.58
N PRO B 483 -39.55 8.25 62.11
CA PRO B 483 -40.58 8.77 63.01
C PRO B 483 -41.41 7.64 63.63
N ARG B 484 -41.89 7.90 64.84
CA ARG B 484 -42.73 6.95 65.54
C ARG B 484 -44.18 7.09 65.10
N GLU B 485 -44.92 5.97 65.17
CA GLU B 485 -46.32 5.91 64.76
C GLU B 485 -46.48 6.35 63.30
N SER B 486 -45.63 5.81 62.44
CA SER B 486 -45.65 6.12 61.02
C SER B 486 -45.82 4.84 60.21
N SER B 487 -46.29 5.00 58.97
CA SER B 487 -46.51 3.86 58.09
C SER B 487 -45.21 3.16 57.70
N GLY B 488 -44.08 3.83 57.84
CA GLY B 488 -42.78 3.27 57.51
C GLY B 488 -42.24 3.70 56.15
N ASN B 489 -43.09 4.20 55.27
CA ASN B 489 -42.64 4.69 53.96
C ASN B 489 -42.32 6.18 54.01
N CYS B 490 -41.50 6.58 54.99
CA CYS B 490 -41.11 7.96 55.17
C CYS B 490 -39.97 8.01 56.18
N TYR B 491 -38.99 8.88 55.92
CA TYR B 491 -37.85 9.05 56.81
C TYR B 491 -37.51 10.52 56.90
N LEU B 492 -36.95 10.92 58.05
CA LEU B 492 -36.64 12.32 58.33
C LEU B 492 -35.27 12.44 58.96
N PRO B 493 -34.37 13.24 58.39
CA PRO B 493 -33.10 13.51 59.05
C PRO B 493 -33.29 14.31 60.33
N ILE B 494 -32.36 14.13 61.27
CA ILE B 494 -32.44 14.81 62.56
C ILE B 494 -32.14 16.29 62.38
N GLN B 495 -32.95 17.14 63.01
CA GLN B 495 -32.78 18.58 62.94
C GLN B 495 -33.05 19.20 64.30
N THR B 496 -32.19 20.11 64.73
CA THR B 496 -32.38 20.88 65.95
C THR B 496 -32.21 22.35 65.63
N SER B 497 -33.13 23.18 66.13
CA SER B 497 -33.15 24.60 65.81
C SER B 497 -32.49 25.47 66.89
N GLN B 498 -31.82 24.86 67.87
CA GLN B 498 -31.17 25.60 68.94
C GLN B 498 -29.70 25.29 69.12
N ILE B 499 -29.23 24.13 68.67
CA ILE B 499 -27.82 23.78 68.85
C ILE B 499 -26.91 24.63 67.97
N MET B 500 -27.40 25.06 66.81
CA MET B 500 -26.57 25.78 65.86
C MET B 500 -26.05 27.09 66.45
N ASP B 501 -24.77 27.37 66.21
CA ASP B 501 -24.14 28.58 66.70
C ASP B 501 -24.42 29.75 65.77
N LYS B 502 -24.20 30.96 66.30
CA LYS B 502 -24.55 32.17 65.55
C LYS B 502 -23.65 32.36 64.33
N ASP B 503 -22.35 32.09 64.47
CA ASP B 503 -21.41 32.37 63.40
C ASP B 503 -21.74 31.53 62.15
N VAL B 504 -21.50 32.13 60.99
CA VAL B 504 -21.80 31.46 59.73
C VAL B 504 -20.75 30.40 59.45
N LEU B 505 -21.20 29.17 59.29
CA LEU B 505 -20.32 28.03 59.01
C LEU B 505 -20.71 27.44 57.66
N THR B 506 -19.78 27.44 56.72
CA THR B 506 -19.99 26.87 55.40
C THR B 506 -19.40 25.46 55.38
N GLU B 507 -20.26 24.46 55.51
CA GLU B 507 -19.82 23.08 55.57
C GLU B 507 -19.60 22.52 54.17
N SER B 508 -18.69 21.56 54.08
CA SER B 508 -18.42 20.88 52.83
C SER B 508 -19.25 19.61 52.70
N ASN B 509 -19.21 19.02 51.51
CA ASN B 509 -20.00 17.82 51.24
C ASN B 509 -19.50 16.65 52.08
N LEU B 510 -20.43 15.76 52.42
CA LEU B 510 -20.06 14.52 53.07
C LEU B 510 -19.27 13.64 52.11
N VAL B 511 -18.15 13.11 52.58
CA VAL B 511 -17.25 12.30 51.76
C VAL B 511 -17.10 10.93 52.42
N VAL B 512 -17.28 9.87 51.63
CA VAL B 512 -17.17 8.50 52.10
C VAL B 512 -15.80 7.98 51.70
N LEU B 513 -15.02 7.54 52.67
CA LEU B 513 -13.67 7.09 52.40
C LEU B 513 -13.68 5.74 51.69
N PRO B 514 -12.76 5.51 50.76
CA PRO B 514 -12.74 4.25 49.98
C PRO B 514 -12.09 3.09 50.73
N THR B 515 -12.87 2.45 51.59
CA THR B 515 -12.39 1.33 52.37
C THR B 515 -13.58 0.43 52.73
N GLN B 516 -13.26 -0.73 53.31
CA GLN B 516 -14.32 -1.66 53.72
C GLN B 516 -15.18 -1.07 54.83
N ASN B 517 -14.57 -0.32 55.75
CA ASN B 517 -15.32 0.31 56.82
C ASN B 517 -16.17 1.45 56.26
N PHE B 518 -16.93 2.09 57.14
CA PHE B 518 -17.76 3.24 56.76
C PHE B 518 -17.37 4.42 57.64
N ARG B 519 -16.50 5.29 57.12
CA ARG B 519 -16.12 6.52 57.78
C ARG B 519 -16.43 7.67 56.84
N TYR B 520 -17.28 8.59 57.27
CA TYR B 520 -17.65 9.74 56.47
C TYR B 520 -17.13 11.01 57.13
N VAL B 521 -16.44 11.83 56.35
CA VAL B 521 -15.73 13.00 56.84
C VAL B 521 -16.32 14.25 56.19
N ILE B 522 -16.62 15.26 57.01
CA ILE B 522 -17.14 16.53 56.54
C ILE B 522 -16.27 17.64 57.13
N ALA B 523 -15.84 18.57 56.29
CA ALA B 523 -15.04 19.71 56.71
C ALA B 523 -15.96 20.89 56.97
N THR B 524 -15.76 21.55 58.11
CA THR B 524 -16.58 22.67 58.53
C THR B 524 -15.69 23.89 58.77
N TYR B 525 -16.08 25.02 58.19
CA TYR B 525 -15.41 26.29 58.43
C TYR B 525 -16.00 26.94 59.67
N ASP B 526 -15.14 27.32 60.61
CA ASP B 526 -15.57 27.84 61.89
C ASP B 526 -15.03 29.25 62.11
N ILE B 527 -15.89 30.13 62.63
CA ILE B 527 -15.51 31.50 62.94
C ILE B 527 -15.39 31.74 64.44
N SER B 528 -16.01 30.90 65.27
CA SER B 528 -15.94 31.11 66.72
C SER B 528 -14.50 31.02 67.23
N ARG B 529 -13.74 30.06 66.72
CA ARG B 529 -12.33 29.98 67.07
C ARG B 529 -11.60 31.21 66.56
N GLY B 530 -10.60 31.66 67.33
CA GLY B 530 -9.90 32.89 67.00
C GLY B 530 -8.95 32.78 65.83
N ASP B 531 -8.65 31.57 65.37
CA ASP B 531 -7.70 31.36 64.28
C ASP B 531 -8.39 31.17 62.93
N HIS B 532 -9.71 31.35 62.88
CA HIS B 532 -10.49 31.15 61.62
C HIS B 532 -10.03 29.83 60.99
N ALA B 533 -10.08 28.75 61.78
CA ALA B 533 -9.59 27.46 61.34
C ALA B 533 -10.66 26.67 60.59
N ILE B 534 -10.20 25.73 59.77
CA ILE B 534 -11.07 24.75 59.14
C ILE B 534 -11.02 23.48 59.95
N VAL B 535 -12.19 22.99 60.36
CA VAL B 535 -12.30 21.84 61.26
C VAL B 535 -12.79 20.64 60.46
N TYR B 536 -12.05 19.54 60.52
CA TYR B 536 -12.39 18.32 59.82
C TYR B 536 -13.03 17.35 60.81
N TYR B 537 -14.35 17.25 60.75
CA TYR B 537 -15.10 16.35 61.64
C TYR B 537 -15.18 14.98 61.00
N VAL B 538 -14.22 14.11 61.33
CA VAL B 538 -14.24 12.73 60.86
C VAL B 538 -15.21 11.97 61.75
N TYR B 539 -16.39 11.68 61.22
CA TYR B 539 -17.48 11.09 61.98
C TYR B 539 -17.51 9.59 61.78
N ASP B 540 -17.57 8.84 62.88
CA ASP B 540 -17.80 7.41 62.88
C ASP B 540 -18.91 7.11 63.87
N PRO B 541 -19.80 6.15 63.59
CA PRO B 541 -20.92 5.92 64.50
C PRO B 541 -20.52 5.50 65.91
N ILE B 542 -19.30 5.02 66.11
CA ILE B 542 -18.86 4.61 67.44
C ILE B 542 -18.05 5.72 68.13
N ARG B 543 -17.02 6.24 67.46
CA ARG B 543 -16.16 7.26 68.03
C ARG B 543 -15.99 8.40 67.04
N ALA B 544 -16.22 9.64 67.49
CA ALA B 544 -16.11 10.82 66.66
C ALA B 544 -14.84 11.57 67.00
N ILE B 545 -14.07 11.95 65.97
CA ILE B 545 -12.80 12.63 66.14
C ILE B 545 -12.84 13.92 65.32
N SER B 546 -12.04 14.90 65.75
CA SER B 546 -12.02 16.21 65.11
C SER B 546 -10.59 16.76 65.10
N TYR B 547 -10.34 17.68 64.18
CA TYR B 547 -9.04 18.34 64.08
C TYR B 547 -9.23 19.73 63.50
N THR B 548 -8.44 20.68 63.99
CA THR B 548 -8.54 22.08 63.63
C THR B 548 -7.25 22.55 62.95
N TYR B 549 -7.41 23.41 61.94
CA TYR B 549 -6.31 23.89 61.11
C TYR B 549 -6.05 25.37 61.39
N PRO B 550 -5.24 25.70 62.40
CA PRO B 550 -4.96 27.12 62.68
C PRO B 550 -4.07 27.75 61.62
N PHE B 551 -4.57 27.86 60.39
CA PHE B 551 -3.82 28.40 59.28
C PHE B 551 -4.70 29.34 58.46
N ARG B 552 -4.05 30.28 57.78
CA ARG B 552 -4.71 31.19 56.85
C ARG B 552 -5.82 31.98 57.55
N LEU B 553 -5.38 32.83 58.48
CA LEU B 553 -6.29 33.65 59.28
C LEU B 553 -7.33 34.35 58.42
N THR B 554 -6.88 35.28 57.58
CA THR B 554 -7.73 36.01 56.63
C THR B 554 -9.07 36.39 57.27
N THR B 555 -8.96 37.15 58.37
CA THR B 555 -10.14 37.48 59.17
C THR B 555 -11.20 38.21 58.35
N LYS B 556 -10.78 39.07 57.42
CA LYS B 556 -11.73 39.77 56.56
C LYS B 556 -12.46 38.83 55.60
N GLY B 557 -11.93 37.63 55.39
CA GLY B 557 -12.52 36.73 54.41
C GLY B 557 -13.66 35.91 55.00
N ARG B 558 -14.72 35.76 54.21
CA ARG B 558 -15.86 34.91 54.55
C ARG B 558 -16.04 33.88 53.44
N PRO B 559 -15.95 32.59 53.73
CA PRO B 559 -16.00 31.58 52.66
C PRO B 559 -17.33 31.62 51.92
N ASP B 560 -17.25 31.39 50.60
CA ASP B 560 -18.43 31.30 49.75
C ASP B 560 -18.70 29.89 49.23
N PHE B 561 -17.66 29.09 49.02
CA PHE B 561 -17.84 27.73 48.50
C PHE B 561 -16.64 26.91 48.96
N LEU B 562 -16.85 26.07 49.98
CA LEU B 562 -15.81 25.19 50.49
C LEU B 562 -16.16 23.76 50.10
N ARG B 563 -15.24 23.10 49.39
CA ARG B 563 -15.43 21.72 48.96
C ARG B 563 -14.18 20.92 49.26
N ILE B 564 -14.37 19.63 49.54
CA ILE B 564 -13.27 18.71 49.84
C ILE B 564 -13.47 17.43 49.04
N GLU B 565 -12.39 16.67 48.91
CA GLU B 565 -12.44 15.34 48.30
C GLU B 565 -11.33 14.51 48.94
N CYS B 566 -11.70 13.69 49.92
CA CYS B 566 -10.76 12.96 50.73
C CYS B 566 -10.50 11.56 50.17
N PHE B 567 -9.33 11.02 50.48
CA PHE B 567 -8.96 9.67 50.07
C PHE B 567 -7.89 9.15 51.03
N VAL B 568 -7.72 7.83 51.02
CA VAL B 568 -6.76 7.17 51.90
C VAL B 568 -5.48 6.91 51.11
N TRP B 569 -4.34 7.31 51.69
CA TRP B 569 -3.04 7.21 51.03
C TRP B 569 -2.01 6.87 52.08
N ASP B 570 -1.52 5.63 52.05
CA ASP B 570 -0.51 5.12 52.99
C ASP B 570 -0.98 5.27 54.45
N ASP B 571 -2.12 4.61 54.74
CA ASP B 571 -2.73 4.57 56.07
C ASP B 571 -3.06 5.96 56.61
N ASP B 572 -3.16 6.96 55.75
CA ASP B 572 -3.44 8.32 56.18
C ASP B 572 -4.62 8.89 55.40
N LEU B 573 -5.28 9.87 56.00
CA LEU B 573 -6.45 10.51 55.42
C LEU B 573 -6.00 11.78 54.72
N TRP B 574 -5.91 11.73 53.39
CA TRP B 574 -5.55 12.88 52.58
C TRP B 574 -6.80 13.51 52.01
N CYS B 575 -6.97 14.81 52.24
CA CYS B 575 -8.15 15.55 51.78
C CYS B 575 -7.70 16.69 50.88
N HIS B 576 -8.50 16.97 49.86
CA HIS B 576 -8.20 17.99 48.87
C HIS B 576 -9.24 19.10 49.01
N GLN B 577 -8.95 20.07 49.88
CA GLN B 577 -9.89 21.14 50.15
C GLN B 577 -9.78 22.25 49.11
N PHE B 578 -10.79 23.11 49.10
CA PHE B 578 -10.85 24.25 48.19
C PHE B 578 -11.89 25.22 48.72
N TYR B 579 -11.56 26.51 48.71
CA TYR B 579 -12.50 27.52 49.20
C TYR B 579 -12.14 28.87 48.60
N ARG B 580 -13.09 29.80 48.70
CA ARG B 580 -12.91 31.16 48.22
C ARG B 580 -13.32 32.13 49.32
N PHE B 581 -12.54 33.19 49.49
CA PHE B 581 -12.80 34.17 50.54
C PHE B 581 -13.70 35.29 50.03
N GLU B 582 -14.14 36.13 50.97
CA GLU B 582 -14.88 37.34 50.69
C GLU B 582 -14.00 38.55 51.02
N ALA B 583 -14.36 39.69 50.45
CA ALA B 583 -13.59 40.92 50.61
C ALA B 583 -14.45 41.98 51.29
N ASP B 584 -13.87 42.64 52.30
CA ASP B 584 -14.49 43.84 52.84
C ASP B 584 -14.46 44.97 51.81
N SER B 585 -13.41 45.00 50.98
CA SER B 585 -13.31 45.97 49.91
C SER B 585 -14.05 45.53 48.64
N THR B 586 -14.63 44.34 48.63
CA THR B 586 -15.45 43.79 47.55
C THR B 586 -14.62 43.56 46.28
N ASN B 587 -13.29 43.65 46.37
CA ASN B 587 -12.43 43.50 45.21
C ASN B 587 -11.37 42.42 45.38
N SER B 588 -11.49 41.57 46.41
CA SER B 588 -10.49 40.56 46.71
C SER B 588 -11.16 39.21 46.87
N THR B 589 -11.02 38.35 45.86
CA THR B 589 -11.51 36.96 45.90
C THR B 589 -10.36 36.06 45.51
N THR B 590 -9.91 35.22 46.46
CA THR B 590 -8.73 34.38 46.26
C THR B 590 -9.10 32.93 46.54
N SER B 591 -9.18 32.14 45.48
CA SER B 591 -9.39 30.70 45.64
C SER B 591 -8.17 30.06 46.28
N VAL B 592 -8.40 29.18 47.24
CA VAL B 592 -7.32 28.53 47.99
C VAL B 592 -7.51 27.02 47.89
N GLU B 593 -6.70 26.39 47.05
CA GLU B 593 -6.70 24.94 46.89
C GLU B 593 -5.39 24.37 47.42
N ASN B 594 -5.49 23.40 48.31
CA ASN B 594 -4.30 22.77 48.87
C ASN B 594 -4.68 21.45 49.51
N LEU B 595 -3.92 20.40 49.20
CA LEU B 595 -4.13 19.11 49.85
C LEU B 595 -3.74 19.20 51.32
N VAL B 596 -4.52 18.54 52.17
CA VAL B 596 -4.23 18.45 53.59
C VAL B 596 -4.30 16.99 54.00
N ARG B 597 -3.60 16.67 55.09
CA ARG B 597 -3.55 15.31 55.61
C ARG B 597 -3.79 15.34 57.12
N ILE B 598 -4.61 14.40 57.59
CA ILE B 598 -4.88 14.22 59.01
C ILE B 598 -4.39 12.85 59.42
N ARG B 599 -3.56 12.80 60.45
CA ARG B 599 -2.92 11.57 60.90
C ARG B 599 -3.43 11.19 62.28
N PHE B 600 -3.92 9.96 62.41
CA PHE B 600 -4.35 9.39 63.68
C PHE B 600 -3.42 8.25 64.05
N SER B 601 -2.83 8.32 65.25
CA SER B 601 -1.86 7.33 65.69
C SER B 601 -2.20 6.94 67.13
N CYS B 602 -2.76 5.74 67.30
CA CYS B 602 -3.12 5.20 68.61
C CYS B 602 -4.00 6.16 69.41
N LEU C 136 22.14 -19.84 18.28
CA LEU C 136 20.92 -20.34 17.66
C LEU C 136 20.18 -19.24 16.91
N HIS C 137 20.29 -19.28 15.59
CA HIS C 137 19.62 -18.31 14.74
C HIS C 137 18.26 -18.82 14.30
N TRP C 138 17.61 -18.03 13.43
CA TRP C 138 16.27 -18.34 12.97
C TRP C 138 16.32 -18.75 11.51
N CYS C 139 16.09 -20.04 11.24
CA CYS C 139 16.02 -20.55 9.88
C CYS C 139 14.58 -20.54 9.40
N ILE C 140 14.33 -19.83 8.30
CA ILE C 140 13.06 -19.89 7.60
C ILE C 140 13.21 -20.85 6.43
N ASN C 141 12.31 -21.82 6.31
CA ASN C 141 12.42 -22.84 5.29
C ASN C 141 11.85 -22.31 3.98
N PRO C 142 12.66 -22.14 2.94
CA PRO C 142 12.12 -21.74 1.64
C PRO C 142 11.69 -22.96 0.85
N PRO C 143 10.76 -22.80 -0.11
CA PRO C 143 10.40 -23.92 -0.96
C PRO C 143 11.59 -24.36 -1.82
N SER C 144 11.60 -25.64 -2.17
CA SER C 144 12.64 -26.14 -3.06
C SER C 144 12.53 -25.42 -4.41
N LYS C 145 13.65 -25.36 -5.12
CA LYS C 145 13.81 -24.77 -6.44
C LYS C 145 13.85 -23.24 -6.39
N ILE C 146 13.71 -22.63 -5.21
CA ILE C 146 13.87 -21.18 -5.08
C ILE C 146 15.27 -20.88 -4.58
N LYS C 147 15.81 -21.81 -3.77
CA LYS C 147 17.16 -21.63 -3.26
C LYS C 147 18.23 -22.01 -4.26
N VAL C 148 17.87 -22.75 -5.31
CA VAL C 148 18.82 -23.06 -6.37
C VAL C 148 19.18 -21.78 -7.12
N ASN C 149 18.17 -21.01 -7.53
CA ASN C 149 18.40 -19.70 -8.15
C ASN C 149 17.19 -18.83 -7.82
N PHE C 150 17.29 -18.07 -6.73
CA PHE C 150 16.25 -17.12 -6.37
C PHE C 150 16.06 -16.07 -7.47
N THR C 151 17.16 -15.58 -8.05
CA THR C 151 17.05 -14.58 -9.11
C THR C 151 16.29 -15.14 -10.30
N ASN C 152 16.58 -16.37 -10.72
CA ASN C 152 15.87 -16.96 -11.85
C ASN C 152 14.41 -17.23 -11.52
N TYR C 153 14.14 -17.73 -10.31
CA TYR C 153 12.76 -17.91 -9.86
C TYR C 153 11.98 -16.61 -9.93
N CYS C 154 12.57 -15.52 -9.44
CA CYS C 154 11.84 -14.27 -9.37
C CYS C 154 11.76 -13.57 -10.72
N ASP C 155 12.72 -13.80 -11.62
CA ASP C 155 12.56 -13.36 -13.00
C ASP C 155 11.40 -14.08 -13.66
N THR C 156 11.27 -15.38 -13.40
CA THR C 156 10.11 -16.12 -13.88
C THR C 156 8.81 -15.56 -13.32
N ILE C 157 8.79 -15.24 -12.02
CA ILE C 157 7.60 -14.67 -11.40
C ILE C 157 7.22 -13.35 -12.08
N GLY C 158 8.20 -12.48 -12.28
CA GLY C 158 7.93 -11.20 -12.90
C GLY C 158 7.45 -11.33 -14.35
N ILE C 159 8.09 -12.21 -15.11
CA ILE C 159 7.67 -12.42 -16.50
C ILE C 159 6.24 -12.96 -16.56
N ARG C 160 5.94 -13.93 -15.70
CA ARG C 160 4.59 -14.50 -15.67
C ARG C 160 3.55 -13.43 -15.30
N LYS C 161 3.87 -12.62 -14.29
CA LYS C 161 2.93 -11.57 -13.87
C LYS C 161 2.73 -10.55 -14.98
N SER C 162 3.80 -10.15 -15.66
CA SER C 162 3.68 -9.18 -16.75
C SER C 162 2.87 -9.75 -17.91
N ILE C 163 3.10 -11.03 -18.26
CA ILE C 163 2.33 -11.65 -19.34
C ILE C 163 0.85 -11.72 -18.96
N ALA C 164 0.55 -12.10 -17.71
CA ALA C 164 -0.83 -12.14 -17.27
C ALA C 164 -1.48 -10.77 -17.32
N SER C 165 -0.76 -9.73 -16.88
CA SER C 165 -1.30 -8.38 -16.93
C SER C 165 -1.55 -7.94 -18.37
N ALA C 166 -0.64 -8.27 -19.28
CA ALA C 166 -0.81 -7.88 -20.68
C ALA C 166 -1.97 -8.61 -21.34
N ALA C 167 -2.20 -9.88 -20.97
CA ALA C 167 -3.27 -10.65 -21.59
C ALA C 167 -4.61 -10.52 -20.88
N ASN C 168 -4.65 -9.90 -19.70
CA ASN C 168 -5.91 -9.76 -18.99
C ASN C 168 -6.98 -8.98 -19.75
N PRO C 169 -6.69 -7.85 -20.40
CA PRO C 169 -7.77 -7.15 -21.12
C PRO C 169 -8.46 -8.00 -22.18
N ILE C 170 -7.72 -8.84 -22.89
CA ILE C 170 -8.33 -9.72 -23.88
C ILE C 170 -9.24 -10.73 -23.20
N LEU C 171 -8.80 -11.28 -22.06
CA LEU C 171 -9.64 -12.20 -21.30
C LEU C 171 -10.94 -11.52 -20.85
N LEU C 172 -10.84 -10.30 -20.35
CA LEU C 172 -12.02 -9.58 -19.91
C LEU C 172 -12.97 -9.32 -21.07
N SER C 173 -12.43 -8.88 -22.20
CA SER C 173 -13.26 -8.60 -23.36
C SER C 173 -13.95 -9.86 -23.88
N ALA C 174 -13.26 -11.00 -23.84
CA ALA C 174 -13.86 -12.24 -24.29
C ALA C 174 -14.87 -12.81 -23.30
N LEU C 175 -14.64 -12.61 -22.00
CA LEU C 175 -15.46 -13.25 -20.98
C LEU C 175 -16.67 -12.41 -20.55
N SER C 176 -16.65 -11.10 -20.81
CA SER C 176 -17.76 -10.26 -20.38
C SER C 176 -19.07 -10.72 -21.00
N GLY C 177 -19.07 -10.95 -22.31
CA GLY C 177 -20.27 -11.45 -22.96
C GLY C 177 -20.60 -12.88 -22.58
N GLY C 178 -19.58 -13.72 -22.44
CA GLY C 178 -19.82 -15.14 -22.18
C GLY C 178 -20.40 -15.41 -20.82
N ARG C 179 -19.97 -14.67 -19.80
CA ARG C 179 -20.31 -14.98 -18.42
C ARG C 179 -21.71 -14.54 -18.03
N GLY C 180 -22.46 -13.88 -18.90
CA GLY C 180 -23.76 -13.36 -18.54
C GLY C 180 -24.77 -14.40 -18.12
N ASP C 181 -25.26 -15.21 -19.07
CA ASP C 181 -26.27 -16.22 -18.81
C ASP C 181 -26.44 -17.06 -20.07
N ILE C 182 -27.17 -18.17 -19.93
CA ILE C 182 -27.46 -19.05 -21.06
C ILE C 182 -28.97 -19.23 -21.17
N PHE C 183 -29.68 -19.10 -20.04
CA PHE C 183 -31.10 -19.38 -20.04
C PHE C 183 -31.87 -18.27 -20.74
N PRO C 184 -32.94 -18.59 -21.47
CA PRO C 184 -33.79 -17.55 -22.04
C PRO C 184 -34.48 -16.76 -20.94
N PRO C 185 -34.38 -15.44 -20.98
CA PRO C 185 -34.93 -14.62 -19.88
C PRO C 185 -36.45 -14.69 -19.78
N TYR C 186 -37.15 -14.48 -20.90
CA TYR C 186 -38.60 -14.40 -20.92
C TYR C 186 -39.17 -15.53 -21.78
N ARG C 187 -40.16 -16.22 -21.23
CA ARG C 187 -40.86 -17.27 -21.97
C ARG C 187 -42.01 -16.63 -22.76
N CYS C 188 -41.83 -16.52 -24.08
CA CYS C 188 -42.78 -15.82 -24.92
C CYS C 188 -43.58 -16.72 -25.85
N SER C 189 -42.96 -17.78 -26.37
CA SER C 189 -43.62 -18.65 -27.35
C SER C 189 -43.72 -20.09 -26.86
N GLY C 190 -43.47 -20.35 -25.59
CA GLY C 190 -43.50 -21.72 -25.09
C GLY C 190 -42.39 -22.57 -25.67
N ALA C 191 -42.75 -23.48 -26.57
CA ALA C 191 -41.74 -24.28 -27.26
C ALA C 191 -40.86 -23.38 -28.11
N THR C 192 -39.55 -23.61 -28.04
CA THR C 192 -38.57 -22.79 -28.75
C THR C 192 -38.11 -23.50 -30.02
N THR C 193 -37.30 -22.79 -30.80
CA THR C 193 -36.76 -23.31 -32.03
C THR C 193 -35.24 -23.37 -31.95
N SER C 194 -34.65 -24.22 -32.78
CA SER C 194 -33.20 -24.42 -32.83
C SER C 194 -32.67 -23.91 -34.16
N VAL C 195 -31.73 -22.97 -34.08
CA VAL C 195 -31.08 -22.41 -35.26
C VAL C 195 -29.59 -22.71 -35.14
N GLY C 196 -29.04 -23.37 -36.15
CA GLY C 196 -27.64 -23.78 -36.13
C GLY C 196 -26.88 -23.15 -37.28
N ARG C 197 -25.67 -22.69 -36.99
CA ARG C 197 -24.80 -22.08 -37.99
C ARG C 197 -23.38 -22.56 -37.79
N VAL C 198 -22.71 -22.88 -38.89
CA VAL C 198 -21.31 -23.32 -38.87
C VAL C 198 -20.43 -22.10 -39.13
N PHE C 199 -19.44 -21.90 -38.27
CA PHE C 199 -18.51 -20.78 -38.39
C PHE C 199 -17.15 -21.31 -38.78
N PRO C 200 -16.77 -21.25 -40.06
CA PRO C 200 -15.54 -21.91 -40.52
C PRO C 200 -14.28 -21.06 -40.45
N LEU C 201 -14.27 -19.95 -39.72
CA LEU C 201 -13.12 -19.06 -39.66
C LEU C 201 -12.39 -19.25 -38.34
N SER C 202 -11.08 -19.43 -38.41
CA SER C 202 -10.25 -19.55 -37.22
C SER C 202 -8.81 -19.24 -37.58
N VAL C 203 -8.02 -18.92 -36.57
CA VAL C 203 -6.60 -18.64 -36.71
C VAL C 203 -5.76 -19.77 -36.11
N SER C 204 -6.39 -20.85 -35.67
CA SER C 204 -5.69 -21.93 -35.01
C SER C 204 -4.79 -22.69 -35.98
N LEU C 205 -3.77 -23.34 -35.42
CA LEU C 205 -2.85 -24.13 -36.22
C LEU C 205 -3.52 -25.40 -36.75
N SER C 206 -4.43 -25.97 -35.96
CA SER C 206 -5.05 -27.24 -36.34
C SER C 206 -5.86 -27.10 -37.63
N MET C 207 -6.66 -26.04 -37.74
CA MET C 207 -7.47 -25.88 -38.93
C MET C 207 -6.61 -25.52 -40.14
N SER C 208 -5.52 -24.80 -39.93
CA SER C 208 -4.58 -24.53 -41.01
C SER C 208 -3.93 -25.81 -41.52
N LEU C 209 -3.56 -26.72 -40.61
CA LEU C 209 -3.00 -28.00 -41.02
C LEU C 209 -4.03 -28.86 -41.74
N ILE C 210 -5.28 -28.86 -41.23
CA ILE C 210 -6.33 -29.66 -41.85
C ILE C 210 -6.65 -29.14 -43.25
N SER C 211 -6.60 -27.82 -43.44
CA SER C 211 -6.91 -27.24 -44.74
C SER C 211 -5.93 -27.71 -45.81
N ARG C 212 -4.76 -28.19 -45.42
CA ARG C 212 -3.77 -28.69 -46.35
C ARG C 212 -3.78 -30.21 -46.48
N THR C 213 -4.90 -30.85 -46.11
CA THR C 213 -5.07 -32.31 -46.21
C THR C 213 -3.95 -33.05 -45.46
N SER C 214 -3.66 -32.59 -44.25
CA SER C 214 -2.68 -33.25 -43.39
C SER C 214 -3.43 -34.02 -42.30
N GLU C 215 -2.99 -35.26 -42.06
CA GLU C 215 -3.69 -36.13 -41.12
C GLU C 215 -3.54 -35.62 -39.69
N ILE C 216 -4.64 -35.16 -39.11
CA ILE C 216 -4.70 -34.76 -37.71
C ILE C 216 -5.63 -35.74 -37.01
N ILE C 217 -5.09 -36.52 -36.09
CA ILE C 217 -5.87 -37.56 -35.41
C ILE C 217 -5.79 -37.37 -33.91
N ASN C 218 -6.82 -37.86 -33.22
CA ASN C 218 -6.85 -37.90 -31.75
C ASN C 218 -6.65 -36.51 -31.15
N MET C 219 -7.46 -35.55 -31.59
CA MET C 219 -7.37 -34.20 -31.04
C MET C 219 -8.23 -34.06 -29.80
N LEU C 220 -7.61 -33.61 -28.71
CA LEU C 220 -8.31 -33.27 -27.48
C LEU C 220 -8.24 -31.77 -27.30
N THR C 221 -9.39 -31.13 -27.12
CA THR C 221 -9.47 -29.68 -26.96
C THR C 221 -10.21 -29.35 -25.68
N ALA C 222 -9.73 -28.31 -24.99
CA ALA C 222 -10.33 -27.83 -23.76
C ALA C 222 -10.45 -26.33 -23.82
N ILE C 223 -11.59 -25.80 -23.38
CA ILE C 223 -11.88 -24.37 -23.41
C ILE C 223 -12.28 -23.94 -22.00
N SER C 224 -11.49 -23.06 -21.40
CA SER C 224 -11.78 -22.61 -20.06
C SER C 224 -11.07 -21.28 -19.80
N ASP C 225 -11.65 -20.48 -18.91
CA ASP C 225 -11.09 -19.20 -18.48
C ASP C 225 -10.88 -18.23 -19.63
N GLY C 226 -11.57 -18.43 -20.75
CA GLY C 226 -11.41 -17.58 -21.91
C GLY C 226 -10.29 -17.99 -22.85
N VAL C 227 -9.49 -18.98 -22.48
CA VAL C 227 -8.43 -19.50 -23.33
C VAL C 227 -8.79 -20.92 -23.76
N TYR C 228 -8.04 -21.45 -24.71
CA TYR C 228 -8.29 -22.77 -25.26
C TYR C 228 -6.98 -23.50 -25.46
N GLY C 229 -7.07 -24.83 -25.54
CA GLY C 229 -5.90 -25.66 -25.75
C GLY C 229 -6.23 -26.84 -26.63
N LYS C 230 -5.19 -27.39 -27.26
CA LYS C 230 -5.35 -28.54 -28.14
C LYS C 230 -4.10 -29.40 -28.07
N THR C 231 -4.31 -30.72 -28.11
CA THR C 231 -3.23 -31.68 -28.31
C THR C 231 -3.70 -32.66 -29.37
N TYR C 232 -2.83 -32.95 -30.35
CA TYR C 232 -3.22 -33.86 -31.42
C TYR C 232 -1.97 -34.51 -32.00
N LEU C 233 -2.18 -35.61 -32.70
CA LEU C 233 -1.10 -36.32 -33.38
C LEU C 233 -1.09 -35.90 -34.85
N LEU C 234 0.04 -35.38 -35.31
CA LEU C 234 0.19 -34.88 -36.67
C LEU C 234 1.05 -35.85 -37.47
N VAL C 235 0.58 -36.17 -38.68
CA VAL C 235 1.31 -37.03 -39.60
C VAL C 235 1.87 -36.13 -40.72
N PRO C 236 3.18 -35.92 -40.79
CA PRO C 236 3.72 -35.00 -41.80
C PRO C 236 3.62 -35.57 -43.21
N ASP C 237 2.71 -35.03 -44.01
CA ASP C 237 2.49 -35.46 -45.38
C ASP C 237 3.21 -34.57 -46.39
N TYR C 238 4.01 -33.61 -45.93
CA TYR C 238 4.74 -32.75 -46.85
C TYR C 238 5.74 -33.56 -47.67
N ILE C 239 6.43 -34.50 -47.03
CA ILE C 239 7.32 -35.44 -47.70
C ILE C 239 6.69 -36.83 -47.65
N GLU C 240 6.64 -37.49 -48.79
CA GLU C 240 6.00 -38.80 -48.92
C GLU C 240 7.08 -39.88 -48.88
N GLY C 241 7.13 -40.61 -47.76
CA GLY C 241 8.02 -41.74 -47.63
C GLY C 241 7.36 -42.90 -46.92
N GLY C 242 7.30 -44.05 -47.57
CA GLY C 242 6.59 -45.18 -47.00
C GLY C 242 5.11 -44.89 -46.88
N PHE C 243 4.49 -45.48 -45.87
CA PHE C 243 3.08 -45.26 -45.57
C PHE C 243 2.84 -44.71 -44.17
N ASP C 244 3.57 -45.21 -43.17
CA ASP C 244 3.43 -44.73 -41.79
C ASP C 244 4.80 -44.84 -41.14
N THR C 245 5.55 -43.73 -41.13
CA THR C 245 6.89 -43.72 -40.57
C THR C 245 6.91 -43.21 -39.13
N GLN C 246 6.39 -42.01 -38.89
CA GLN C 246 6.36 -41.45 -37.56
C GLN C 246 5.17 -40.51 -37.43
N LYS C 247 4.70 -40.33 -36.20
CA LYS C 247 3.60 -39.44 -35.88
C LYS C 247 4.06 -38.46 -34.82
N ILE C 248 3.81 -37.18 -35.06
CA ILE C 248 4.31 -36.11 -34.20
C ILE C 248 3.16 -35.52 -33.42
N ARG C 249 3.45 -35.12 -32.18
CA ARG C 249 2.45 -34.54 -31.28
C ARG C 249 2.63 -33.04 -31.19
N VAL C 250 1.55 -32.30 -31.34
CA VAL C 250 1.56 -30.84 -31.32
C VAL C 250 0.63 -30.36 -30.22
N PHE C 251 1.13 -29.49 -29.35
CA PHE C 251 0.31 -28.78 -28.37
C PHE C 251 0.10 -27.35 -28.86
N GLU C 252 -1.01 -26.74 -28.44
CA GLU C 252 -1.21 -25.34 -28.75
C GLU C 252 -2.23 -24.74 -27.79
N ILE C 253 -1.93 -23.53 -27.30
CA ILE C 253 -2.80 -22.79 -26.41
C ILE C 253 -2.98 -21.39 -26.97
N GLY C 254 -4.22 -20.92 -27.02
CA GLY C 254 -4.48 -19.62 -27.59
C GLY C 254 -5.61 -18.84 -26.95
N PHE C 255 -6.12 -17.84 -27.66
CA PHE C 255 -7.17 -16.95 -27.18
C PHE C 255 -8.48 -17.25 -27.88
N ILE C 256 -9.54 -16.60 -27.38
CA ILE C 256 -10.83 -16.52 -28.05
C ILE C 256 -11.17 -15.05 -28.18
N LYS C 257 -11.39 -14.60 -29.42
CA LYS C 257 -11.53 -13.17 -29.69
C LYS C 257 -12.76 -12.93 -30.57
N ARG C 258 -13.25 -11.70 -30.49
CA ARG C 258 -14.38 -11.28 -31.31
C ARG C 258 -13.92 -10.94 -32.72
N TRP C 259 -14.82 -11.10 -33.68
CA TRP C 259 -14.51 -10.87 -35.09
C TRP C 259 -15.56 -9.97 -35.72
N LEU C 260 -15.83 -8.83 -35.07
CA LEU C 260 -16.59 -7.72 -35.67
C LEU C 260 -18.07 -8.07 -35.81
N ASN C 261 -18.43 -9.33 -35.50
CA ASN C 261 -19.82 -9.77 -35.53
C ASN C 261 -20.20 -10.46 -34.23
N ASP C 262 -19.46 -10.18 -33.15
CA ASP C 262 -19.66 -10.85 -31.86
C ASP C 262 -19.55 -12.36 -32.00
N MET C 263 -18.62 -12.82 -32.83
CA MET C 263 -18.36 -14.22 -33.05
C MET C 263 -16.97 -14.60 -32.52
N PRO C 264 -16.81 -15.79 -31.95
CA PRO C 264 -15.49 -16.18 -31.43
C PRO C 264 -14.52 -16.45 -32.57
N LEU C 265 -13.28 -15.99 -32.39
CA LEU C 265 -12.20 -16.22 -33.33
C LEU C 265 -11.06 -16.89 -32.57
N LEU C 266 -10.94 -18.21 -32.72
CA LEU C 266 -9.88 -18.94 -32.04
C LEU C 266 -8.54 -18.59 -32.67
N GLN C 267 -7.67 -17.94 -31.89
CA GLN C 267 -6.35 -17.54 -32.35
C GLN C 267 -5.30 -18.24 -31.50
N THR C 268 -4.33 -18.87 -32.17
CA THR C 268 -3.24 -19.55 -31.49
C THR C 268 -2.11 -18.57 -31.21
N THR C 269 -1.71 -18.47 -29.94
CA THR C 269 -0.61 -17.60 -29.55
C THR C 269 0.66 -18.35 -29.19
N ASN C 270 0.60 -19.68 -29.09
CA ASN C 270 1.78 -20.48 -28.79
C ASN C 270 1.51 -21.91 -29.20
N TYR C 271 2.59 -22.66 -29.44
CA TYR C 271 2.49 -24.07 -29.74
C TYR C 271 3.83 -24.74 -29.45
N MET C 272 3.79 -26.05 -29.28
CA MET C 272 4.99 -26.83 -29.01
C MET C 272 4.90 -28.16 -29.73
N VAL C 273 6.02 -28.57 -30.34
CA VAL C 273 6.09 -29.83 -31.06
C VAL C 273 7.11 -30.71 -30.35
N LEU C 274 6.68 -31.88 -29.91
CA LEU C 274 7.57 -32.76 -29.17
C LEU C 274 8.49 -33.53 -30.13
N PRO C 275 9.69 -33.88 -29.67
CA PRO C 275 10.56 -34.74 -30.50
C PRO C 275 9.94 -36.11 -30.69
N GLU C 276 10.29 -36.74 -31.81
CA GLU C 276 9.68 -38.03 -32.16
C GLU C 276 10.01 -39.11 -31.15
N ASN C 277 11.24 -39.15 -30.64
CA ASN C 277 11.64 -40.19 -29.70
C ASN C 277 11.17 -39.87 -28.28
N SER C 278 9.85 -39.78 -28.09
CA SER C 278 9.27 -39.46 -26.80
C SER C 278 7.96 -40.24 -26.62
N LYS C 279 7.51 -40.30 -25.37
CA LYS C 279 6.29 -41.03 -25.02
C LYS C 279 5.09 -40.08 -25.06
N ALA C 280 4.70 -39.72 -26.28
CA ALA C 280 3.64 -38.74 -26.51
C ALA C 280 2.46 -39.31 -27.28
N LYS C 281 2.23 -40.63 -27.19
CA LYS C 281 1.11 -41.21 -27.92
C LYS C 281 -0.23 -40.84 -27.31
N VAL C 282 -0.35 -40.91 -25.99
CA VAL C 282 -1.60 -40.62 -25.29
C VAL C 282 -1.33 -39.51 -24.29
N CYS C 283 -2.07 -38.40 -24.42
CA CYS C 283 -1.92 -37.27 -23.53
C CYS C 283 -3.28 -36.70 -23.17
N THR C 284 -3.33 -35.96 -22.07
CA THR C 284 -4.54 -35.35 -21.57
C THR C 284 -4.41 -33.83 -21.64
N ILE C 285 -5.53 -33.15 -21.79
CA ILE C 285 -5.53 -31.70 -21.96
C ILE C 285 -6.18 -31.04 -20.75
N ALA C 286 -5.56 -29.96 -20.28
CA ALA C 286 -6.09 -29.20 -19.14
C ALA C 286 -5.55 -27.78 -19.26
N VAL C 287 -6.41 -26.83 -19.60
CA VAL C 287 -6.02 -25.45 -19.87
C VAL C 287 -6.72 -24.52 -18.89
N GLY C 288 -5.98 -23.53 -18.40
CA GLY C 288 -6.52 -22.55 -17.48
C GLY C 288 -5.45 -21.62 -16.95
N GLU C 289 -5.86 -20.47 -16.41
CA GLU C 289 -4.96 -19.48 -15.81
C GLU C 289 -3.83 -19.10 -16.77
N LEU C 290 -4.14 -19.06 -18.08
CA LEU C 290 -3.14 -18.73 -19.13
C LEU C 290 -2.02 -19.78 -19.13
N THR C 291 -2.38 -21.06 -18.99
CA THR C 291 -1.40 -22.13 -18.98
C THR C 291 -2.03 -23.37 -19.59
N LEU C 292 -1.20 -24.25 -20.13
CA LEU C 292 -1.62 -25.55 -20.63
C LEU C 292 -0.77 -26.62 -19.98
N ALA C 293 -1.40 -27.72 -19.56
CA ALA C 293 -0.70 -28.82 -18.93
C ALA C 293 -1.17 -30.13 -19.56
N SER C 294 -0.30 -31.14 -19.49
CA SER C 294 -0.62 -32.43 -20.09
C SER C 294 0.14 -33.53 -19.36
N LEU C 295 -0.38 -34.75 -19.51
CA LEU C 295 0.19 -35.95 -18.90
C LEU C 295 0.38 -36.96 -20.02
N CYS C 296 1.57 -37.01 -20.59
CA CYS C 296 1.85 -37.81 -21.77
C CYS C 296 2.48 -39.13 -21.36
N VAL C 297 1.97 -40.23 -21.92
CA VAL C 297 2.49 -41.56 -21.65
C VAL C 297 2.30 -42.40 -22.92
N ASP C 298 3.32 -43.20 -23.24
CA ASP C 298 3.26 -44.01 -24.45
C ASP C 298 2.19 -45.10 -24.34
N GLU C 299 2.13 -45.78 -23.20
CA GLU C 299 1.15 -46.84 -22.99
C GLU C 299 -0.15 -46.25 -22.44
N SER C 300 -1.27 -46.88 -22.80
CA SER C 300 -2.56 -46.43 -22.30
C SER C 300 -2.65 -46.61 -20.78
N THR C 301 -2.16 -47.72 -20.27
CA THR C 301 -2.25 -48.05 -18.85
C THR C 301 -0.89 -47.85 -18.19
N VAL C 302 -0.83 -46.91 -17.24
CA VAL C 302 0.40 -46.67 -16.48
C VAL C 302 0.48 -47.68 -15.34
N LEU C 303 1.64 -48.29 -15.17
CA LEU C 303 1.85 -49.28 -14.12
C LEU C 303 2.35 -48.55 -12.88
N LEU C 304 1.42 -48.22 -11.98
CA LEU C 304 1.77 -47.41 -10.82
C LEU C 304 2.65 -48.18 -9.84
N TYR C 305 2.29 -49.41 -9.51
CA TYR C 305 2.91 -50.10 -8.38
C TYR C 305 3.46 -51.47 -8.77
N HIS C 306 2.86 -52.09 -9.80
CA HIS C 306 3.32 -53.40 -10.24
C HIS C 306 4.75 -53.34 -10.75
N ASP C 307 5.09 -52.29 -11.48
CA ASP C 307 6.42 -52.12 -12.05
C ASP C 307 7.39 -51.41 -11.10
N SER C 308 7.11 -51.45 -9.79
CA SER C 308 8.01 -50.82 -8.83
C SER C 308 9.37 -51.51 -8.81
N ASP C 309 9.38 -52.85 -8.93
CA ASP C 309 10.64 -53.57 -8.94
C ASP C 309 11.49 -53.19 -10.14
N GLY C 310 10.87 -53.05 -11.31
CA GLY C 310 11.56 -52.59 -12.50
C GLY C 310 11.53 -51.08 -12.61
N SER C 311 11.88 -50.59 -13.80
CA SER C 311 11.83 -49.16 -14.07
C SER C 311 10.38 -48.70 -14.06
N GLN C 312 10.01 -47.92 -13.04
CA GLN C 312 8.64 -47.46 -12.91
C GLN C 312 8.28 -46.52 -14.07
N ASP C 313 7.07 -46.70 -14.60
CA ASP C 313 6.63 -45.88 -15.73
C ASP C 313 6.51 -44.42 -15.31
N GLY C 314 7.01 -43.53 -16.16
CA GLY C 314 6.93 -42.11 -15.93
C GLY C 314 5.90 -41.46 -16.83
N ILE C 315 5.41 -40.31 -16.38
CA ILE C 315 4.42 -39.54 -17.13
C ILE C 315 5.08 -38.23 -17.55
N LEU C 316 5.25 -38.04 -18.85
CA LEU C 316 5.91 -36.86 -19.38
C LEU C 316 4.98 -35.67 -19.25
N VAL C 317 5.20 -34.84 -18.23
CA VAL C 317 4.38 -33.66 -18.01
C VAL C 317 4.83 -32.58 -18.99
N VAL C 318 3.88 -32.09 -19.79
CA VAL C 318 4.15 -31.03 -20.76
C VAL C 318 3.33 -29.81 -20.37
N THR C 319 4.01 -28.70 -20.13
CA THR C 319 3.39 -27.46 -19.71
C THR C 319 3.66 -26.39 -20.75
N LEU C 320 2.64 -25.60 -21.07
CA LEU C 320 2.72 -24.56 -22.08
C LEU C 320 2.27 -23.23 -21.50
N GLY C 321 3.05 -22.18 -21.77
CA GLY C 321 2.62 -20.82 -21.50
C GLY C 321 1.85 -20.25 -22.67
N ILE C 322 1.30 -19.06 -22.46
CA ILE C 322 0.57 -18.38 -23.53
C ILE C 322 1.48 -17.52 -24.39
N PHE C 323 2.73 -17.32 -23.98
CA PHE C 323 3.72 -16.63 -24.77
C PHE C 323 5.07 -17.29 -24.52
N GLY C 324 5.89 -17.37 -25.57
CA GLY C 324 7.11 -18.17 -25.49
C GLY C 324 8.01 -17.69 -24.35
N ALA C 325 8.11 -18.50 -23.31
CA ALA C 325 8.94 -18.14 -22.14
C ALA C 325 9.30 -19.39 -21.32
N THR C 326 9.80 -19.20 -20.10
CA THR C 326 10.18 -20.35 -19.22
C THR C 326 8.99 -21.26 -18.84
N PRO C 327 7.75 -20.79 -18.53
CA PRO C 327 6.66 -21.70 -18.14
C PRO C 327 6.57 -22.93 -19.05
N MET C 328 6.93 -22.78 -20.33
CA MET C 328 6.93 -23.89 -21.26
C MET C 328 8.08 -24.84 -20.96
N ASP C 329 7.77 -25.94 -20.29
CA ASP C 329 8.77 -26.94 -19.96
C ASP C 329 8.15 -28.33 -19.99
N GLN C 330 8.99 -29.33 -20.21
CA GLN C 330 8.56 -30.72 -20.18
C GLN C 330 9.58 -31.54 -19.42
N VAL C 331 9.10 -32.46 -18.58
CA VAL C 331 9.97 -33.29 -17.76
C VAL C 331 9.24 -34.59 -17.44
N GLU C 332 9.89 -35.72 -17.74
CA GLU C 332 9.36 -37.02 -17.38
C GLU C 332 9.65 -37.28 -15.91
N GLU C 333 8.60 -37.36 -15.10
CA GLU C 333 8.73 -37.45 -13.66
C GLU C 333 8.04 -38.70 -13.14
N VAL C 334 8.69 -39.37 -12.18
CA VAL C 334 8.04 -40.47 -11.49
C VAL C 334 6.86 -39.95 -10.69
N ILE C 335 5.75 -40.68 -10.79
CA ILE C 335 4.47 -40.22 -10.17
C ILE C 335 4.27 -40.91 -8.83
N PRO C 336 4.22 -40.16 -7.71
CA PRO C 336 4.04 -40.76 -6.38
C PRO C 336 2.63 -41.30 -6.21
N VAL C 337 2.55 -42.57 -5.81
CA VAL C 337 1.27 -43.23 -5.61
C VAL C 337 0.50 -42.55 -4.48
N ALA C 338 -0.82 -42.71 -4.49
CA ALA C 338 -1.62 -42.29 -3.35
C ALA C 338 -1.32 -43.15 -2.14
N HIS C 339 -1.52 -44.46 -2.28
CA HIS C 339 -1.19 -45.46 -1.27
C HIS C 339 -0.55 -46.63 -1.98
N PRO C 340 0.02 -47.58 -1.24
CA PRO C 340 0.37 -48.87 -1.85
C PRO C 340 -0.82 -49.61 -2.40
N SER C 341 -2.04 -49.23 -2.00
CA SER C 341 -3.25 -49.88 -2.51
C SER C 341 -3.41 -49.66 -4.00
N VAL C 342 -3.14 -48.45 -4.48
CA VAL C 342 -3.31 -48.15 -5.90
C VAL C 342 -2.26 -48.91 -6.70
N GLU C 343 -2.72 -49.60 -7.75
CA GLU C 343 -1.87 -50.49 -8.53
C GLU C 343 -1.59 -49.98 -9.93
N LYS C 344 -2.62 -49.54 -10.66
CA LYS C 344 -2.46 -49.09 -12.04
C LYS C 344 -3.19 -47.77 -12.23
N ILE C 345 -3.03 -47.22 -13.44
CA ILE C 345 -3.74 -46.01 -13.86
C ILE C 345 -4.02 -46.14 -15.35
N HIS C 346 -5.23 -45.79 -15.77
CA HIS C 346 -5.63 -45.88 -17.17
C HIS C 346 -5.77 -44.47 -17.71
N ILE C 347 -4.99 -44.17 -18.75
CA ILE C 347 -5.01 -42.87 -19.40
C ILE C 347 -5.25 -43.10 -20.89
N THR C 348 -6.48 -42.86 -21.35
CA THR C 348 -6.81 -42.97 -22.77
C THR C 348 -7.22 -41.64 -23.38
N ASN C 349 -8.26 -40.99 -22.84
CA ASN C 349 -8.78 -39.75 -23.42
C ASN C 349 -9.44 -38.97 -22.29
N HIS C 350 -8.71 -38.04 -21.68
CA HIS C 350 -9.17 -37.36 -20.49
C HIS C 350 -9.02 -35.85 -20.65
N ARG C 351 -9.73 -35.11 -19.81
CA ARG C 351 -9.72 -33.66 -19.82
C ARG C 351 -9.93 -33.15 -18.41
N GLY C 352 -9.13 -32.17 -18.00
CA GLY C 352 -9.27 -31.51 -16.73
C GLY C 352 -9.33 -30.01 -16.90
N PHE C 353 -8.91 -29.31 -15.83
CA PHE C 353 -8.79 -27.87 -15.91
C PHE C 353 -7.72 -27.41 -14.93
N ILE C 354 -7.43 -26.11 -14.97
CA ILE C 354 -6.43 -25.49 -14.11
C ILE C 354 -7.09 -24.36 -13.34
N LYS C 355 -6.93 -24.36 -12.02
CA LYS C 355 -7.50 -23.33 -11.18
C LYS C 355 -6.70 -23.25 -9.88
N ASP C 356 -6.39 -22.04 -9.43
CA ASP C 356 -5.58 -21.81 -8.23
C ASP C 356 -4.23 -22.51 -8.35
N SER C 357 -3.64 -22.45 -9.55
CA SER C 357 -2.33 -23.03 -9.84
C SER C 357 -2.30 -24.52 -9.54
N ILE C 358 -3.38 -25.24 -9.84
CA ILE C 358 -3.45 -26.68 -9.69
C ILE C 358 -3.96 -27.26 -10.99
N ALA C 359 -3.53 -28.48 -11.31
CA ALA C 359 -3.96 -29.18 -12.51
C ALA C 359 -4.58 -30.51 -12.09
N THR C 360 -5.86 -30.69 -12.38
CA THR C 360 -6.61 -31.84 -11.90
C THR C 360 -7.13 -32.65 -13.08
N TRP C 361 -6.94 -33.96 -13.04
CA TRP C 361 -7.50 -34.90 -13.99
C TRP C 361 -8.23 -35.98 -13.22
N MET C 362 -9.08 -36.74 -13.92
CA MET C 362 -9.77 -37.87 -13.33
C MET C 362 -9.61 -39.07 -14.26
N VAL C 363 -8.94 -40.11 -13.77
CA VAL C 363 -8.67 -41.30 -14.58
C VAL C 363 -9.06 -42.53 -13.78
N PRO C 364 -9.44 -43.63 -14.42
CA PRO C 364 -9.70 -44.87 -13.68
C PRO C 364 -8.41 -45.40 -13.05
N ALA C 365 -8.57 -46.04 -11.89
CA ALA C 365 -7.45 -46.63 -11.19
C ALA C 365 -7.72 -48.09 -10.89
N LEU C 366 -6.88 -48.73 -10.09
CA LEU C 366 -7.07 -50.13 -9.74
C LEU C 366 -6.60 -50.32 -8.31
N VAL C 367 -7.55 -50.56 -7.40
CA VAL C 367 -7.25 -50.72 -5.98
C VAL C 367 -7.87 -52.02 -5.48
N SER C 368 -7.38 -52.47 -4.33
CA SER C 368 -7.75 -53.77 -3.77
C SER C 368 -8.63 -53.68 -2.54
N GLU C 369 -9.28 -52.54 -2.30
CA GLU C 369 -10.13 -52.34 -1.13
C GLU C 369 -11.58 -52.06 -1.48
N LYS C 370 -11.84 -51.43 -2.62
CA LYS C 370 -13.19 -51.20 -3.12
C LYS C 370 -13.88 -52.49 -3.55
N GLN C 371 -13.11 -53.58 -3.68
CA GLN C 371 -13.59 -54.78 -4.35
C GLN C 371 -14.74 -55.43 -3.59
N GLU C 372 -14.65 -55.53 -2.26
CA GLU C 372 -15.66 -56.27 -1.51
C GLU C 372 -17.02 -55.57 -1.56
N GLU C 373 -17.04 -54.28 -1.24
CA GLU C 373 -18.30 -53.53 -1.26
C GLU C 373 -18.87 -53.45 -2.67
N GLN C 374 -18.03 -53.21 -3.67
CA GLN C 374 -18.53 -53.11 -5.03
C GLN C 374 -19.05 -54.46 -5.53
N LYS C 375 -18.40 -55.55 -5.13
CA LYS C 375 -18.88 -56.88 -5.50
C LYS C 375 -20.21 -57.18 -4.85
N ASN C 376 -20.37 -56.80 -3.57
CA ASN C 376 -21.65 -56.98 -2.91
C ASN C 376 -22.75 -56.20 -3.61
N CYS C 377 -22.48 -54.95 -3.97
CA CYS C 377 -23.47 -54.14 -4.66
C CYS C 377 -23.80 -54.72 -6.04
N LEU C 378 -22.79 -55.18 -6.77
CA LEU C 378 -23.01 -55.77 -8.08
C LEU C 378 -23.83 -57.04 -7.99
N GLU C 379 -23.55 -57.88 -6.98
CA GLU C 379 -24.38 -59.07 -6.76
C GLU C 379 -25.80 -58.72 -6.38
N SER C 380 -25.98 -57.66 -5.58
CA SER C 380 -27.33 -57.20 -5.26
C SER C 380 -28.08 -56.76 -6.52
N ALA C 381 -27.39 -56.09 -7.44
CA ALA C 381 -28.01 -55.70 -8.70
C ALA C 381 -28.19 -56.87 -9.67
N CYS C 382 -27.40 -57.94 -9.51
CA CYS C 382 -27.44 -59.05 -10.47
C CYS C 382 -28.76 -59.82 -10.41
N GLN C 383 -29.43 -59.82 -9.26
CA GLN C 383 -30.71 -60.54 -9.16
C GLN C 383 -31.78 -59.94 -10.06
N ARG C 384 -31.59 -58.71 -10.53
CA ARG C 384 -32.53 -58.07 -11.43
C ARG C 384 -32.36 -58.63 -12.84
N LYS C 385 -33.03 -58.01 -13.81
CA LYS C 385 -32.93 -58.43 -15.21
C LYS C 385 -31.58 -58.11 -15.83
N SER C 386 -30.74 -57.32 -15.15
CA SER C 386 -29.42 -56.95 -15.67
C SER C 386 -28.45 -58.11 -15.46
N TYR C 387 -28.67 -59.18 -16.23
CA TYR C 387 -27.86 -60.39 -16.14
C TYR C 387 -26.51 -60.27 -16.85
N PRO C 388 -26.43 -59.67 -18.05
CA PRO C 388 -25.12 -59.56 -18.71
C PRO C 388 -24.08 -58.80 -17.91
N MET C 389 -24.49 -57.86 -17.06
CA MET C 389 -23.53 -57.08 -16.28
C MET C 389 -22.71 -57.98 -15.35
N CYS C 390 -23.39 -58.87 -14.63
CA CYS C 390 -22.71 -59.84 -13.78
C CYS C 390 -22.30 -61.10 -14.52
N ASN C 391 -22.73 -61.27 -15.78
CA ASN C 391 -22.25 -62.37 -16.59
C ASN C 391 -20.82 -62.15 -17.08
N GLN C 392 -20.39 -60.90 -17.17
CA GLN C 392 -19.04 -60.60 -17.62
C GLN C 392 -18.01 -61.09 -16.62
N THR C 393 -16.92 -61.67 -17.14
CA THR C 393 -15.81 -62.11 -16.30
C THR C 393 -14.61 -61.17 -16.36
N SER C 394 -14.47 -60.40 -17.44
CA SER C 394 -13.39 -59.45 -17.60
C SER C 394 -13.97 -58.06 -17.79
N TRP C 395 -13.48 -57.10 -17.01
CA TRP C 395 -14.00 -55.74 -17.08
C TRP C 395 -13.25 -54.95 -18.16
N GLU C 396 -13.84 -53.80 -18.53
CA GLU C 396 -13.36 -53.08 -19.71
C GLU C 396 -12.00 -52.42 -19.48
N PRO C 397 -11.83 -51.48 -18.55
CA PRO C 397 -10.56 -50.75 -18.48
C PRO C 397 -9.36 -51.64 -18.19
N PHE C 398 -9.53 -52.64 -17.32
CA PHE C 398 -8.46 -53.59 -17.00
C PHE C 398 -9.01 -54.99 -17.17
N GLY C 399 -8.32 -55.80 -17.96
CA GLY C 399 -8.77 -57.15 -18.26
C GLY C 399 -8.89 -58.02 -17.03
N GLY C 400 -10.10 -58.53 -16.78
CA GLY C 400 -10.34 -59.35 -15.61
C GLY C 400 -10.12 -58.59 -14.33
N GLY C 401 -9.76 -59.32 -13.27
CA GLY C 401 -9.46 -58.68 -12.01
C GLY C 401 -10.67 -58.05 -11.37
N GLN C 402 -10.44 -56.93 -10.68
CA GLN C 402 -11.45 -56.25 -9.89
C GLN C 402 -11.96 -55.02 -10.64
N LEU C 403 -12.92 -54.34 -10.02
CA LEU C 403 -13.51 -53.14 -10.61
C LEU C 403 -12.55 -51.97 -10.52
N PRO C 404 -12.59 -51.05 -11.48
CA PRO C 404 -11.79 -49.83 -11.37
C PRO C 404 -12.35 -48.89 -10.32
N SER C 405 -11.49 -48.00 -9.85
CA SER C 405 -11.88 -46.98 -8.88
C SER C 405 -11.49 -45.61 -9.42
N TYR C 406 -12.23 -44.60 -8.99
CA TYR C 406 -11.95 -43.24 -9.43
C TYR C 406 -10.56 -42.80 -8.96
N GLY C 407 -9.85 -42.07 -9.81
CA GLY C 407 -8.51 -41.62 -9.47
C GLY C 407 -8.24 -40.20 -9.90
N ARG C 408 -7.86 -39.36 -8.96
CA ARG C 408 -7.60 -37.95 -9.23
C ARG C 408 -6.11 -37.72 -9.34
N LEU C 409 -5.67 -37.18 -10.48
CA LEU C 409 -4.28 -36.82 -10.70
C LEU C 409 -4.15 -35.32 -10.47
N THR C 410 -3.40 -34.94 -9.45
CA THR C 410 -3.22 -33.54 -9.08
C THR C 410 -1.78 -33.13 -9.37
N LEU C 411 -1.62 -32.04 -10.13
CA LEU C 411 -0.30 -31.53 -10.51
C LEU C 411 -0.19 -30.08 -10.09
N PRO C 412 0.43 -29.80 -8.94
CA PRO C 412 0.60 -28.40 -8.52
C PRO C 412 1.49 -27.63 -9.48
N LEU C 413 0.91 -26.66 -10.19
CA LEU C 413 1.62 -25.89 -11.21
C LEU C 413 1.98 -24.52 -10.63
N ASP C 414 3.10 -24.49 -9.92
CA ASP C 414 3.62 -23.24 -9.41
C ASP C 414 5.12 -23.14 -9.69
N PRO C 415 5.63 -21.96 -10.01
CA PRO C 415 7.07 -21.82 -10.26
C PRO C 415 7.92 -22.00 -9.02
N SER C 416 7.31 -22.03 -7.83
CA SER C 416 8.09 -22.19 -6.60
C SER C 416 8.72 -23.58 -6.53
N ILE C 417 7.89 -24.62 -6.47
CA ILE C 417 8.36 -25.97 -6.24
C ILE C 417 8.38 -26.74 -7.55
N ASP C 418 9.01 -27.92 -7.52
CA ASP C 418 9.12 -28.76 -8.70
C ASP C 418 7.81 -29.50 -8.95
N LEU C 419 7.72 -30.12 -10.12
CA LEU C 419 6.51 -30.82 -10.54
C LEU C 419 6.39 -32.16 -9.82
N GLN C 420 5.16 -32.51 -9.46
CA GLN C 420 4.89 -33.75 -8.73
C GLN C 420 3.44 -34.14 -8.95
N LEU C 421 3.20 -35.30 -9.55
CA LEU C 421 1.85 -35.75 -9.86
C LEU C 421 1.28 -36.47 -8.64
N ASN C 422 0.42 -35.78 -7.90
CA ASN C 422 -0.16 -36.32 -6.67
C ASN C 422 -1.43 -37.09 -7.03
N ILE C 423 -1.30 -38.41 -7.14
CA ILE C 423 -2.44 -39.27 -7.45
C ILE C 423 -3.24 -39.52 -6.19
N SER C 424 -4.56 -39.62 -6.34
CA SER C 424 -5.45 -39.99 -5.26
C SER C 424 -6.50 -40.96 -5.81
N PHE C 425 -7.32 -41.50 -4.92
CA PHE C 425 -8.37 -42.41 -5.35
C PHE C 425 -9.49 -42.42 -4.31
N THR C 426 -10.66 -42.87 -4.74
CA THR C 426 -11.84 -42.91 -3.88
C THR C 426 -12.93 -43.78 -4.51
N TYR C 427 -13.49 -44.69 -3.72
CA TYR C 427 -14.57 -45.54 -4.20
C TYR C 427 -15.81 -44.72 -4.50
N GLY C 428 -16.57 -45.17 -5.50
CA GLY C 428 -17.78 -44.49 -5.89
C GLY C 428 -18.70 -45.36 -6.72
N PRO C 429 -19.49 -44.74 -7.59
CA PRO C 429 -20.40 -45.50 -8.45
C PRO C 429 -19.64 -46.44 -9.38
N VAL C 430 -20.31 -47.54 -9.74
CA VAL C 430 -19.68 -48.55 -10.59
C VAL C 430 -19.36 -47.95 -11.95
N ILE C 431 -18.11 -48.13 -12.39
CA ILE C 431 -17.65 -47.63 -13.69
C ILE C 431 -17.70 -48.80 -14.67
N LEU C 432 -18.40 -48.61 -15.78
CA LEU C 432 -18.57 -49.67 -16.77
C LEU C 432 -17.65 -49.53 -17.97
N ASN C 433 -17.23 -48.32 -18.32
CA ASN C 433 -16.34 -48.09 -19.44
C ASN C 433 -15.22 -47.15 -19.03
N GLY C 434 -14.05 -47.36 -19.62
CA GLY C 434 -12.89 -46.54 -19.31
C GLY C 434 -12.32 -45.83 -20.51
N ASP C 435 -13.17 -45.56 -21.51
CA ASP C 435 -12.72 -44.84 -22.70
C ASP C 435 -12.26 -43.44 -22.32
N GLY C 436 -13.00 -42.76 -21.46
CA GLY C 436 -12.63 -41.42 -21.07
C GLY C 436 -13.31 -41.01 -19.77
N MET C 437 -12.72 -40.02 -19.11
CA MET C 437 -13.27 -39.50 -17.87
C MET C 437 -12.87 -38.03 -17.76
N ASP C 438 -13.78 -37.15 -18.16
CA ASP C 438 -13.53 -35.72 -18.13
C ASP C 438 -13.76 -35.17 -16.72
N TYR C 439 -13.42 -33.89 -16.55
CA TYR C 439 -13.53 -33.23 -15.25
C TYR C 439 -13.75 -31.74 -15.49
N TYR C 440 -14.99 -31.29 -15.40
CA TYR C 440 -15.35 -29.91 -15.66
C TYR C 440 -15.53 -29.14 -14.36
N GLU C 441 -15.50 -27.82 -14.48
CA GLU C 441 -15.61 -26.95 -13.32
C GLU C 441 -17.07 -26.72 -12.95
N SER C 442 -17.31 -26.44 -11.68
CA SER C 442 -18.62 -26.20 -11.12
C SER C 442 -18.62 -24.88 -10.36
N PRO C 443 -19.77 -24.20 -10.31
CA PRO C 443 -19.82 -22.90 -9.59
C PRO C 443 -19.52 -23.02 -8.10
N LEU C 444 -19.56 -24.22 -7.53
CA LEU C 444 -19.35 -24.39 -6.10
C LEU C 444 -17.90 -24.10 -5.74
N LEU C 445 -17.58 -24.26 -4.45
CA LEU C 445 -16.29 -23.83 -3.94
C LEU C 445 -15.16 -24.73 -4.42
N ASP C 446 -15.20 -26.01 -4.04
CA ASP C 446 -14.11 -26.94 -4.33
C ASP C 446 -14.66 -28.27 -4.84
N SER C 447 -15.59 -28.20 -5.79
CA SER C 447 -16.14 -29.38 -6.41
C SER C 447 -16.23 -29.18 -7.92
N GLY C 448 -16.17 -30.28 -8.64
CA GLY C 448 -16.26 -30.26 -10.09
C GLY C 448 -16.91 -31.50 -10.65
N TRP C 449 -17.71 -31.35 -11.70
CA TRP C 449 -18.41 -32.48 -12.29
C TRP C 449 -17.43 -33.45 -12.92
N LEU C 450 -17.79 -34.74 -12.90
CA LEU C 450 -16.97 -35.81 -13.46
C LEU C 450 -17.85 -36.55 -14.46
N THR C 451 -17.67 -36.26 -15.74
CA THR C 451 -18.47 -36.88 -16.79
C THR C 451 -17.77 -38.12 -17.35
N ILE C 452 -18.57 -39.03 -17.88
CA ILE C 452 -18.06 -40.23 -18.52
C ILE C 452 -18.84 -40.43 -19.81
N PRO C 453 -18.18 -40.39 -20.98
CA PRO C 453 -18.90 -40.55 -22.24
C PRO C 453 -19.60 -41.89 -22.33
N PRO C 454 -20.80 -41.94 -22.89
CA PRO C 454 -21.50 -43.22 -23.03
C PRO C 454 -20.80 -44.15 -24.01
N LYS C 455 -20.94 -45.44 -23.74
CA LYS C 455 -20.37 -46.49 -24.56
C LYS C 455 -21.49 -47.36 -25.11
N ASN C 456 -21.28 -47.91 -26.31
CA ASN C 456 -22.25 -48.82 -26.91
C ASN C 456 -22.58 -49.95 -25.94
N GLY C 457 -23.84 -49.99 -25.51
CA GLY C 457 -24.27 -50.93 -24.49
C GLY C 457 -24.78 -50.24 -23.24
N THR C 458 -24.11 -49.17 -22.84
CA THR C 458 -24.53 -48.34 -21.71
C THR C 458 -25.14 -47.07 -22.29
N VAL C 459 -26.46 -46.93 -22.15
CA VAL C 459 -27.17 -45.85 -22.82
C VAL C 459 -26.84 -44.49 -22.22
N LEU C 460 -26.37 -44.46 -20.97
CA LEU C 460 -26.20 -43.22 -20.25
C LEU C 460 -24.81 -43.16 -19.61
N GLY C 461 -24.34 -41.94 -19.37
CA GLY C 461 -23.01 -41.72 -18.82
C GLY C 461 -23.09 -40.96 -17.50
N LEU C 462 -22.22 -41.32 -16.57
CA LEU C 462 -22.23 -40.74 -15.24
C LEU C 462 -21.82 -39.27 -15.28
N ILE C 463 -22.41 -38.43 -14.43
CA ILE C 463 -21.96 -37.00 -14.30
C ILE C 463 -21.63 -36.79 -12.84
N ASN C 464 -21.09 -37.83 -12.20
CA ASN C 464 -20.78 -37.78 -10.75
C ASN C 464 -20.03 -36.52 -10.31
N LYS C 465 -20.33 -36.03 -9.12
CA LYS C 465 -19.60 -34.90 -8.56
C LYS C 465 -18.26 -35.38 -8.01
N ALA C 466 -17.25 -34.53 -8.13
CA ALA C 466 -15.91 -34.84 -7.66
C ALA C 466 -15.40 -33.68 -6.81
N SER C 467 -14.56 -34.01 -5.82
CA SER C 467 -14.05 -33.04 -4.87
C SER C 467 -12.60 -32.72 -5.22
N ARG C 468 -12.32 -31.43 -5.39
CA ARG C 468 -10.99 -30.95 -5.73
C ARG C 468 -10.12 -30.68 -4.50
N GLY C 469 -10.68 -30.76 -3.30
CA GLY C 469 -9.96 -30.41 -2.10
C GLY C 469 -8.97 -31.44 -1.62
N ASP C 470 -8.71 -31.46 -0.32
CA ASP C 470 -7.73 -32.39 0.23
C ASP C 470 -8.23 -33.83 0.19
N GLN C 471 -9.52 -34.04 0.41
CA GLN C 471 -10.10 -35.37 0.41
C GLN C 471 -10.89 -35.59 -0.88
N PHE C 472 -10.58 -36.69 -1.57
CA PHE C 472 -11.27 -37.02 -2.81
C PHE C 472 -12.56 -37.75 -2.49
N THR C 473 -13.69 -37.14 -2.86
CA THR C 473 -15.01 -37.73 -2.69
C THR C 473 -15.75 -37.67 -4.02
N VAL C 474 -16.45 -38.76 -4.34
CA VAL C 474 -17.25 -38.84 -5.56
C VAL C 474 -18.70 -39.12 -5.14
N ILE C 475 -19.58 -38.15 -5.41
CA ILE C 475 -20.99 -38.25 -5.10
C ILE C 475 -21.77 -38.31 -6.42
N PRO C 476 -22.58 -39.34 -6.64
CA PRO C 476 -23.30 -39.45 -7.92
C PRO C 476 -24.43 -38.44 -8.05
N HIS C 477 -24.10 -37.24 -8.49
CA HIS C 477 -25.05 -36.14 -8.52
C HIS C 477 -26.27 -36.46 -9.38
N VAL C 478 -26.04 -37.02 -10.57
CA VAL C 478 -27.12 -37.24 -11.54
C VAL C 478 -26.69 -38.35 -12.48
N LEU C 479 -27.70 -39.04 -13.08
CA LEU C 479 -27.45 -40.10 -14.10
C LEU C 479 -26.82 -41.36 -13.51
N THR C 480 -27.24 -41.73 -12.29
CA THR C 480 -26.77 -42.97 -11.68
C THR C 480 -27.98 -43.69 -11.07
N PHE C 481 -28.37 -44.81 -11.67
CA PHE C 481 -29.56 -45.53 -11.22
C PHE C 481 -29.24 -46.29 -9.93
N ALA C 482 -29.84 -45.85 -8.83
CA ALA C 482 -29.68 -46.55 -7.56
C ALA C 482 -30.40 -47.90 -7.63
N PRO C 483 -29.78 -48.97 -7.14
CA PRO C 483 -30.40 -50.29 -7.30
C PRO C 483 -31.56 -50.50 -6.35
N ARG C 484 -32.38 -51.49 -6.68
CA ARG C 484 -33.52 -51.85 -5.85
C ARG C 484 -33.08 -52.79 -4.72
N GLU C 485 -33.67 -52.59 -3.55
CA GLU C 485 -33.34 -53.37 -2.34
C GLU C 485 -31.85 -53.26 -2.02
N SER C 486 -31.39 -52.02 -1.87
CA SER C 486 -30.00 -51.73 -1.59
C SER C 486 -29.91 -50.67 -0.51
N SER C 487 -28.77 -50.65 0.18
CA SER C 487 -28.54 -49.66 1.23
C SER C 487 -28.39 -48.25 0.67
N GLY C 488 -28.11 -48.12 -0.63
CA GLY C 488 -27.95 -46.82 -1.25
C GLY C 488 -26.53 -46.28 -1.26
N ASN C 489 -25.58 -46.97 -0.62
CA ASN C 489 -24.20 -46.50 -0.62
C ASN C 489 -23.52 -46.70 -1.96
N CYS C 490 -24.07 -47.55 -2.82
CA CYS C 490 -23.49 -47.83 -4.14
C CYS C 490 -24.53 -47.57 -5.21
N TYR C 491 -24.11 -46.93 -6.29
CA TYR C 491 -24.97 -46.62 -7.43
C TYR C 491 -24.49 -47.37 -8.66
N LEU C 492 -25.32 -47.37 -9.68
CA LEU C 492 -25.04 -48.06 -10.93
C LEU C 492 -25.52 -47.20 -12.09
N PRO C 493 -24.95 -47.38 -13.29
CA PRO C 493 -25.49 -46.69 -14.47
C PRO C 493 -26.63 -47.48 -15.08
N ILE C 494 -27.19 -46.98 -16.18
CA ILE C 494 -28.32 -47.61 -16.86
C ILE C 494 -27.82 -48.21 -18.16
N GLN C 495 -28.06 -49.51 -18.35
CA GLN C 495 -27.68 -50.21 -19.56
C GLN C 495 -28.83 -51.11 -20.00
N THR C 496 -28.87 -51.40 -21.30
CA THR C 496 -29.90 -52.24 -21.88
C THR C 496 -29.28 -53.16 -22.91
N SER C 497 -29.98 -54.26 -23.20
CA SER C 497 -29.47 -55.25 -24.15
C SER C 497 -30.03 -55.06 -25.55
N GLN C 498 -31.32 -54.73 -25.67
CA GLN C 498 -31.97 -54.62 -26.97
C GLN C 498 -32.65 -53.27 -27.20
N ILE C 499 -32.65 -52.38 -26.20
CA ILE C 499 -33.33 -51.09 -26.37
C ILE C 499 -32.57 -50.21 -27.36
N MET C 500 -31.24 -50.25 -27.31
CA MET C 500 -30.42 -49.37 -28.13
C MET C 500 -30.63 -49.67 -29.61
N ASP C 501 -30.41 -48.64 -30.42
CA ASP C 501 -30.49 -48.79 -31.88
C ASP C 501 -29.34 -49.67 -32.38
N LYS C 502 -29.66 -50.54 -33.34
CA LYS C 502 -28.63 -51.36 -33.95
C LYS C 502 -27.71 -50.58 -34.87
N ASP C 503 -28.03 -49.32 -35.16
CA ASP C 503 -27.13 -48.47 -35.92
C ASP C 503 -25.91 -48.12 -35.09
N VAL C 504 -24.85 -47.66 -35.76
CA VAL C 504 -23.62 -47.31 -35.06
C VAL C 504 -23.87 -46.14 -34.11
N LEU C 505 -24.44 -45.06 -34.62
CA LEU C 505 -24.85 -43.90 -33.83
C LEU C 505 -23.73 -43.45 -32.88
N THR C 506 -22.56 -43.18 -33.45
CA THR C 506 -21.40 -42.82 -32.64
C THR C 506 -21.66 -41.57 -31.83
N GLU C 507 -21.47 -41.66 -30.51
CA GLU C 507 -21.66 -40.54 -29.61
C GLU C 507 -20.31 -39.95 -29.20
N SER C 508 -20.37 -38.74 -28.67
CA SER C 508 -19.19 -38.03 -28.21
C SER C 508 -19.24 -37.86 -26.69
N ASN C 509 -18.18 -37.28 -26.14
CA ASN C 509 -18.15 -36.98 -24.73
C ASN C 509 -19.19 -35.91 -24.39
N LEU C 510 -19.88 -36.10 -23.27
CA LEU C 510 -20.87 -35.13 -22.84
C LEU C 510 -20.18 -34.00 -22.07
N VAL C 511 -20.57 -32.77 -22.37
CA VAL C 511 -19.87 -31.58 -21.90
C VAL C 511 -20.79 -30.81 -20.95
N VAL C 512 -20.26 -30.43 -19.79
CA VAL C 512 -20.99 -29.63 -18.82
C VAL C 512 -20.71 -28.16 -19.11
N LEU C 513 -21.75 -27.42 -19.49
CA LEU C 513 -21.58 -26.03 -19.85
C LEU C 513 -21.22 -25.19 -18.63
N PRO C 514 -20.29 -24.23 -18.77
CA PRO C 514 -19.94 -23.36 -17.65
C PRO C 514 -20.98 -22.26 -17.46
N THR C 515 -21.82 -22.42 -16.44
CA THR C 515 -22.89 -21.48 -16.13
C THR C 515 -23.52 -21.92 -14.81
N GLN C 516 -24.31 -21.00 -14.23
CA GLN C 516 -24.98 -21.30 -12.96
C GLN C 516 -25.98 -22.44 -13.13
N ASN C 517 -26.78 -22.40 -14.20
CA ASN C 517 -27.69 -23.49 -14.49
C ASN C 517 -26.91 -24.73 -14.89
N PHE C 518 -27.48 -25.90 -14.60
CA PHE C 518 -26.83 -27.18 -14.88
C PHE C 518 -27.40 -27.74 -16.18
N ARG C 519 -26.60 -27.69 -17.25
CA ARG C 519 -26.93 -28.31 -18.52
C ARG C 519 -25.72 -29.08 -19.01
N TYR C 520 -25.97 -30.20 -19.69
CA TYR C 520 -24.90 -31.01 -20.27
C TYR C 520 -25.27 -31.39 -21.70
N VAL C 521 -24.28 -31.29 -22.58
CA VAL C 521 -24.49 -31.44 -24.02
C VAL C 521 -23.73 -32.68 -24.50
N ILE C 522 -24.43 -33.54 -25.23
CA ILE C 522 -23.82 -34.71 -25.85
C ILE C 522 -24.21 -34.74 -27.33
N ALA C 523 -23.22 -34.90 -28.20
CA ALA C 523 -23.44 -34.97 -29.63
C ALA C 523 -23.38 -36.42 -30.10
N THR C 524 -24.10 -36.72 -31.17
CA THR C 524 -24.14 -38.06 -31.74
C THR C 524 -24.12 -37.95 -33.25
N TYR C 525 -23.70 -39.04 -33.89
CA TYR C 525 -23.64 -39.12 -35.35
C TYR C 525 -24.90 -39.83 -35.82
N ASP C 526 -25.96 -39.06 -36.06
CA ASP C 526 -27.24 -39.64 -36.41
C ASP C 526 -27.18 -40.28 -37.80
N ILE C 527 -27.94 -41.36 -37.97
CA ILE C 527 -27.97 -42.12 -39.21
C ILE C 527 -29.39 -42.31 -39.75
N SER C 528 -30.40 -42.16 -38.89
CA SER C 528 -31.77 -42.48 -39.28
C SER C 528 -32.23 -41.68 -40.49
N ARG C 529 -31.88 -40.40 -40.54
CA ARG C 529 -32.25 -39.59 -41.70
C ARG C 529 -31.46 -40.03 -42.94
N GLY C 530 -31.92 -39.60 -44.11
CA GLY C 530 -31.25 -39.96 -45.34
C GLY C 530 -29.83 -39.43 -45.41
N ASP C 531 -29.60 -38.24 -44.87
CA ASP C 531 -28.28 -37.63 -44.86
C ASP C 531 -27.65 -37.77 -43.48
N HIS C 532 -26.35 -38.07 -43.45
CA HIS C 532 -25.64 -38.16 -42.19
C HIS C 532 -25.65 -36.80 -41.49
N ALA C 533 -25.80 -36.82 -40.18
CA ALA C 533 -25.96 -35.59 -39.41
C ALA C 533 -25.39 -35.77 -38.01
N ILE C 534 -25.16 -34.63 -37.35
CA ILE C 534 -24.71 -34.58 -35.97
C ILE C 534 -25.79 -33.90 -35.16
N VAL C 535 -26.23 -34.55 -34.08
CA VAL C 535 -27.37 -34.10 -33.29
C VAL C 535 -26.88 -33.74 -31.89
N TYR C 536 -27.26 -32.56 -31.42
CA TYR C 536 -26.87 -32.07 -30.11
C TYR C 536 -28.04 -32.18 -29.15
N TYR C 537 -27.78 -32.73 -27.96
CA TYR C 537 -28.79 -32.89 -26.92
C TYR C 537 -28.43 -32.00 -25.74
N VAL C 538 -29.03 -30.81 -25.68
CA VAL C 538 -28.91 -29.92 -24.53
C VAL C 538 -30.07 -30.25 -23.61
N TYR C 539 -29.79 -30.98 -22.54
CA TYR C 539 -30.85 -31.58 -21.74
C TYR C 539 -31.45 -30.57 -20.76
N ASP C 540 -32.79 -30.50 -20.78
CA ASP C 540 -33.58 -29.69 -19.87
C ASP C 540 -34.84 -30.48 -19.53
N PRO C 541 -35.29 -30.43 -18.26
CA PRO C 541 -36.44 -31.25 -17.87
C PRO C 541 -37.74 -30.86 -18.55
N ILE C 542 -37.84 -29.65 -19.10
CA ILE C 542 -39.13 -29.16 -19.57
C ILE C 542 -39.49 -29.75 -20.92
N ARG C 543 -38.67 -29.51 -21.94
CA ARG C 543 -38.95 -29.96 -23.29
C ARG C 543 -37.76 -30.72 -23.84
N ALA C 544 -38.00 -31.46 -24.93
CA ALA C 544 -36.95 -32.20 -25.62
C ALA C 544 -37.29 -32.21 -27.11
N ILE C 545 -36.76 -31.24 -27.85
CA ILE C 545 -36.97 -31.14 -29.29
C ILE C 545 -35.62 -31.05 -29.97
N SER C 546 -35.42 -31.86 -31.01
CA SER C 546 -34.19 -31.84 -31.79
C SER C 546 -34.54 -31.96 -33.25
N TYR C 547 -34.12 -30.98 -34.05
CA TYR C 547 -34.33 -30.99 -35.49
C TYR C 547 -32.98 -30.83 -36.19
N THR C 548 -32.88 -31.42 -37.38
CA THR C 548 -31.63 -31.44 -38.13
C THR C 548 -31.80 -30.69 -39.44
N TYR C 549 -30.93 -29.70 -39.66
CA TYR C 549 -30.76 -29.01 -40.93
C TYR C 549 -29.74 -29.76 -41.78
N PRO C 550 -29.88 -29.76 -43.10
CA PRO C 550 -28.99 -30.57 -43.94
C PRO C 550 -27.53 -30.16 -43.79
N PHE C 551 -26.67 -31.17 -43.60
CA PHE C 551 -25.23 -30.95 -43.48
C PHE C 551 -24.57 -31.24 -44.83
N ARG C 552 -23.99 -30.19 -45.42
CA ARG C 552 -23.57 -30.25 -46.83
C ARG C 552 -22.29 -31.05 -47.02
N LEU C 553 -21.39 -31.04 -46.03
CA LEU C 553 -20.02 -31.50 -46.22
C LEU C 553 -19.92 -32.92 -46.74
N THR C 554 -20.35 -33.91 -45.94
CA THR C 554 -20.20 -35.31 -46.29
C THR C 554 -21.52 -36.04 -46.10
N THR C 555 -21.88 -36.88 -47.06
CA THR C 555 -23.07 -37.71 -46.97
C THR C 555 -22.76 -39.15 -46.62
N LYS C 556 -21.56 -39.63 -46.95
CA LYS C 556 -21.11 -40.98 -46.58
C LYS C 556 -20.14 -40.81 -45.41
N GLY C 557 -20.58 -41.25 -44.22
CA GLY C 557 -19.82 -41.06 -43.00
C GLY C 557 -19.56 -42.39 -42.30
N ARG C 558 -18.31 -42.57 -41.88
CA ARG C 558 -17.90 -43.71 -41.06
C ARG C 558 -17.13 -43.14 -39.87
N PRO C 559 -17.84 -42.60 -38.88
CA PRO C 559 -17.19 -41.90 -37.77
C PRO C 559 -16.57 -42.87 -36.79
N ASP C 560 -15.23 -42.92 -36.77
CA ASP C 560 -14.51 -43.72 -35.79
C ASP C 560 -14.06 -42.89 -34.60
N PHE C 561 -14.36 -41.60 -34.57
CA PHE C 561 -13.97 -40.73 -33.46
C PHE C 561 -14.82 -39.47 -33.52
N LEU C 562 -15.17 -38.94 -32.36
CA LEU C 562 -15.97 -37.71 -32.28
C LEU C 562 -15.79 -37.10 -30.90
N ARG C 563 -15.38 -35.82 -30.87
CA ARG C 563 -15.24 -35.09 -29.62
C ARG C 563 -15.80 -33.68 -29.81
N ILE C 564 -16.54 -33.21 -28.82
CA ILE C 564 -17.11 -31.87 -28.82
C ILE C 564 -16.65 -31.14 -27.57
N GLU C 565 -16.33 -29.86 -27.71
CA GLU C 565 -16.02 -28.99 -26.59
C GLU C 565 -16.88 -27.74 -26.72
N CYS C 566 -17.72 -27.49 -25.72
CA CYS C 566 -18.71 -26.44 -25.79
C CYS C 566 -18.44 -25.38 -24.72
N PHE C 567 -18.81 -24.14 -25.06
CA PHE C 567 -18.66 -23.02 -24.15
C PHE C 567 -19.75 -22.00 -24.45
N VAL C 568 -20.02 -21.14 -23.48
CA VAL C 568 -21.07 -20.14 -23.58
C VAL C 568 -20.46 -18.84 -24.08
N TRP C 569 -21.00 -18.31 -25.18
CA TRP C 569 -20.47 -17.10 -25.81
C TRP C 569 -21.65 -16.23 -26.23
N ASP C 570 -21.83 -15.11 -25.54
CA ASP C 570 -22.94 -14.18 -25.80
C ASP C 570 -24.29 -14.87 -25.73
N ASP C 571 -24.52 -15.57 -24.61
CA ASP C 571 -25.78 -16.27 -24.36
C ASP C 571 -26.11 -17.26 -25.47
N ASP C 572 -25.12 -18.08 -25.83
CA ASP C 572 -25.28 -19.06 -26.89
C ASP C 572 -24.50 -20.32 -26.54
N LEU C 573 -24.64 -21.33 -27.38
CA LEU C 573 -23.94 -22.60 -27.23
C LEU C 573 -22.99 -22.75 -28.42
N TRP C 574 -21.71 -22.49 -28.19
CA TRP C 574 -20.68 -22.66 -29.21
C TRP C 574 -19.92 -23.95 -28.91
N CYS C 575 -20.05 -24.92 -29.79
CA CYS C 575 -19.42 -26.23 -29.60
C CYS C 575 -18.37 -26.44 -30.70
N HIS C 576 -17.17 -26.81 -30.28
CA HIS C 576 -16.08 -27.11 -31.19
C HIS C 576 -16.00 -28.62 -31.37
N GLN C 577 -16.40 -29.12 -32.53
CA GLN C 577 -16.53 -30.55 -32.78
C GLN C 577 -15.41 -31.03 -33.69
N PHE C 578 -14.94 -32.25 -33.44
CA PHE C 578 -13.93 -32.89 -34.26
C PHE C 578 -14.33 -34.34 -34.49
N TYR C 579 -14.14 -34.82 -35.72
CA TYR C 579 -14.49 -36.21 -36.03
C TYR C 579 -13.70 -36.65 -37.25
N ARG C 580 -13.50 -37.96 -37.36
CA ARG C 580 -12.76 -38.57 -38.46
C ARG C 580 -13.66 -39.52 -39.24
N PHE C 581 -13.25 -39.82 -40.47
CA PHE C 581 -14.01 -40.67 -41.38
C PHE C 581 -13.17 -41.85 -41.84
N GLU C 582 -13.85 -42.80 -42.47
CA GLU C 582 -13.22 -43.86 -43.23
C GLU C 582 -13.93 -43.96 -44.57
N ALA C 583 -13.16 -43.95 -45.64
CA ALA C 583 -13.71 -43.88 -46.99
C ALA C 583 -13.63 -45.24 -47.67
N ASP C 584 -14.53 -45.45 -48.64
CA ASP C 584 -14.52 -46.68 -49.41
C ASP C 584 -13.23 -46.81 -50.22
N SER C 585 -12.75 -45.71 -50.78
CA SER C 585 -11.50 -45.74 -51.52
C SER C 585 -10.32 -46.12 -50.62
N THR C 586 -10.40 -45.73 -49.34
CA THR C 586 -9.37 -46.10 -48.32
C THR C 586 -8.02 -45.47 -48.69
N ASN C 587 -8.01 -44.50 -49.61
CA ASN C 587 -6.76 -43.81 -49.94
C ASN C 587 -6.28 -42.98 -48.75
N SER C 588 -7.20 -42.30 -48.07
CA SER C 588 -6.87 -41.53 -46.89
C SER C 588 -8.14 -41.35 -46.06
N THR C 589 -7.93 -41.02 -44.78
CA THR C 589 -9.02 -40.71 -43.87
C THR C 589 -9.02 -39.22 -43.59
N THR C 590 -10.18 -38.58 -43.76
CA THR C 590 -10.30 -37.14 -43.63
C THR C 590 -10.88 -36.80 -42.27
N SER C 591 -10.19 -35.94 -41.52
CA SER C 591 -10.63 -35.46 -40.22
C SER C 591 -11.15 -34.05 -40.38
N VAL C 592 -12.39 -33.82 -39.96
CA VAL C 592 -13.09 -32.56 -40.16
C VAL C 592 -13.47 -31.99 -38.82
N GLU C 593 -13.12 -30.72 -38.59
CA GLU C 593 -13.49 -30.01 -37.38
C GLU C 593 -13.96 -28.61 -37.72
N ASN C 594 -14.86 -28.08 -36.89
CA ASN C 594 -15.40 -26.74 -37.10
C ASN C 594 -16.09 -26.30 -35.81
N LEU C 595 -16.48 -25.03 -35.79
CA LEU C 595 -17.26 -24.45 -34.71
C LEU C 595 -18.72 -24.36 -35.14
N VAL C 596 -19.62 -24.72 -34.22
CA VAL C 596 -21.06 -24.68 -34.47
C VAL C 596 -21.74 -23.96 -33.32
N ARG C 597 -22.74 -23.14 -33.66
CA ARG C 597 -23.52 -22.41 -32.68
C ARG C 597 -24.98 -22.81 -32.82
N ILE C 598 -25.61 -23.14 -31.69
CA ILE C 598 -27.02 -23.49 -31.65
C ILE C 598 -27.74 -22.40 -30.87
N ARG C 599 -28.66 -21.71 -31.53
CA ARG C 599 -29.38 -20.59 -30.94
C ARG C 599 -30.79 -21.04 -30.59
N PHE C 600 -31.15 -20.93 -29.31
CA PHE C 600 -32.48 -21.29 -28.81
C PHE C 600 -33.31 -20.02 -28.74
N SER C 601 -34.11 -19.78 -29.77
CA SER C 601 -34.93 -18.58 -29.87
C SER C 601 -36.35 -18.87 -29.39
N CYS C 602 -36.86 -18.00 -28.53
CA CYS C 602 -38.22 -18.13 -28.00
C CYS C 602 -39.26 -18.07 -29.12
N PHE D 133 31.66 -23.36 2.76
CA PHE D 133 31.95 -24.27 3.87
C PHE D 133 31.57 -23.66 5.21
N ARG D 134 31.72 -22.33 5.31
CA ARG D 134 31.46 -21.64 6.56
C ARG D 134 29.96 -21.45 6.75
N ASP D 135 29.36 -22.29 7.60
CA ASP D 135 27.97 -22.12 8.01
C ASP D 135 27.95 -21.20 9.22
N LEU D 136 26.92 -20.35 9.29
CA LEU D 136 26.86 -19.37 10.37
C LEU D 136 26.83 -20.05 11.73
N HIS D 137 25.85 -20.94 11.93
CA HIS D 137 25.75 -21.79 13.12
C HIS D 137 24.50 -22.64 12.94
N TRP D 138 24.34 -23.61 13.83
CA TRP D 138 23.11 -24.38 13.89
C TRP D 138 21.95 -23.44 14.22
N CYS D 139 20.76 -23.71 13.70
CA CYS D 139 19.63 -22.81 13.92
C CYS D 139 18.48 -23.56 14.55
N ILE D 140 17.58 -22.78 15.15
CA ILE D 140 16.34 -23.29 15.72
C ILE D 140 15.19 -22.64 14.95
N ASN D 141 14.17 -23.42 14.63
CA ASN D 141 13.01 -22.91 13.94
C ASN D 141 12.39 -21.77 14.76
N PRO D 142 12.24 -20.58 14.19
CA PRO D 142 11.63 -19.47 14.92
C PRO D 142 10.16 -19.74 15.18
N PRO D 143 9.52 -18.97 16.05
CA PRO D 143 8.09 -19.17 16.31
C PRO D 143 7.26 -18.96 15.06
N SER D 144 6.16 -19.71 14.97
CA SER D 144 5.30 -19.71 13.79
C SER D 144 4.56 -18.40 13.59
N LYS D 145 4.80 -17.39 14.43
CA LYS D 145 4.16 -16.09 14.23
C LYS D 145 4.63 -15.44 12.94
N ILE D 146 5.89 -15.65 12.56
CA ILE D 146 6.48 -15.01 11.39
C ILE D 146 6.21 -15.88 10.18
N LYS D 147 5.49 -15.31 9.20
CA LYS D 147 5.28 -15.96 7.91
C LYS D 147 5.95 -15.11 6.83
N VAL D 148 6.85 -15.73 6.08
CA VAL D 148 7.68 -15.02 5.11
C VAL D 148 7.17 -15.34 3.71
N ASN D 149 6.82 -14.29 2.96
CA ASN D 149 6.42 -14.42 1.57
C ASN D 149 7.58 -13.95 0.71
N PHE D 150 8.25 -14.89 0.05
CA PHE D 150 9.46 -14.60 -0.71
C PHE D 150 9.20 -13.80 -1.99
N THR D 151 7.94 -13.63 -2.39
CA THR D 151 7.65 -12.91 -3.62
C THR D 151 7.84 -11.41 -3.48
N ASN D 152 7.76 -10.87 -2.26
CA ASN D 152 7.79 -9.43 -2.07
C ASN D 152 9.21 -8.86 -2.02
N TYR D 153 10.23 -9.72 -1.95
CA TYR D 153 11.58 -9.25 -1.69
C TYR D 153 12.25 -8.69 -2.95
N CYS D 154 11.95 -9.25 -4.12
CA CYS D 154 12.53 -8.76 -5.36
C CYS D 154 11.53 -7.90 -6.12
N ASP D 155 12.10 -7.20 -7.10
CA ASP D 155 11.32 -6.19 -7.86
C ASP D 155 10.60 -6.77 -9.06
N THR D 156 9.64 -6.01 -9.54
CA THR D 156 8.82 -6.46 -10.66
C THR D 156 9.43 -5.96 -11.96
N ILE D 157 9.16 -6.68 -13.04
CA ILE D 157 9.68 -6.34 -14.36
C ILE D 157 8.58 -5.69 -15.18
N GLY D 158 8.95 -4.70 -16.00
CA GLY D 158 7.98 -4.02 -16.82
C GLY D 158 7.40 -4.93 -17.89
N ILE D 159 6.22 -4.54 -18.38
CA ILE D 159 5.52 -5.35 -19.37
C ILE D 159 6.31 -5.42 -20.68
N ARG D 160 6.82 -4.28 -21.15
CA ARG D 160 7.57 -4.27 -22.40
C ARG D 160 8.86 -5.07 -22.27
N LYS D 161 9.59 -4.91 -21.17
CA LYS D 161 10.84 -5.65 -20.98
C LYS D 161 10.58 -7.15 -20.87
N SER D 162 9.54 -7.55 -20.12
CA SER D 162 9.21 -8.96 -20.00
C SER D 162 8.79 -9.54 -21.34
N ILE D 163 7.99 -8.79 -22.10
CA ILE D 163 7.57 -9.27 -23.42
C ILE D 163 8.77 -9.45 -24.35
N ALA D 164 9.70 -8.49 -24.33
CA ALA D 164 10.89 -8.61 -25.15
C ALA D 164 11.74 -9.81 -24.73
N SER D 165 11.90 -10.01 -23.42
CA SER D 165 12.67 -11.14 -22.94
C SER D 165 12.03 -12.46 -23.33
N ALA D 166 10.70 -12.53 -23.27
CA ALA D 166 10.00 -13.75 -23.68
C ALA D 166 10.16 -13.99 -25.19
N ALA D 167 10.03 -12.94 -26.00
CA ALA D 167 10.08 -13.10 -27.44
C ALA D 167 11.49 -13.25 -27.98
N ASN D 168 12.50 -12.98 -27.17
CA ASN D 168 13.89 -13.06 -27.66
C ASN D 168 14.29 -14.43 -28.21
N PRO D 169 14.01 -15.55 -27.55
CA PRO D 169 14.39 -16.85 -28.15
C PRO D 169 13.79 -17.09 -29.52
N ILE D 170 12.52 -16.69 -29.72
CA ILE D 170 11.89 -16.89 -31.02
C ILE D 170 12.53 -16.00 -32.08
N LEU D 171 12.91 -14.77 -31.72
CA LEU D 171 13.61 -13.91 -32.65
C LEU D 171 14.98 -14.46 -33.00
N LEU D 172 15.70 -15.00 -32.01
CA LEU D 172 17.03 -15.54 -32.26
C LEU D 172 16.96 -16.78 -33.13
N SER D 173 15.94 -17.62 -32.94
CA SER D 173 15.81 -18.84 -33.73
C SER D 173 15.64 -18.54 -35.22
N ALA D 174 15.22 -17.33 -35.57
CA ALA D 174 15.13 -16.90 -36.97
C ALA D 174 16.32 -16.07 -37.40
N LEU D 175 16.87 -15.25 -36.50
CA LEU D 175 18.04 -14.44 -36.85
C LEU D 175 19.26 -15.31 -37.13
N SER D 176 19.44 -16.38 -36.34
CA SER D 176 20.55 -17.30 -36.58
C SER D 176 20.41 -17.97 -37.94
N GLY D 177 19.19 -18.42 -38.28
CA GLY D 177 18.97 -19.03 -39.57
C GLY D 177 19.22 -18.06 -40.72
N GLY D 178 18.80 -16.80 -40.54
CA GLY D 178 19.04 -15.81 -41.57
C GLY D 178 20.52 -15.49 -41.75
N ARG D 179 21.26 -15.40 -40.65
CA ARG D 179 22.67 -15.02 -40.68
C ARG D 179 23.61 -16.20 -40.82
N GLY D 180 23.08 -17.42 -40.95
CA GLY D 180 23.96 -18.57 -41.14
C GLY D 180 24.79 -18.48 -42.40
N ASP D 181 24.15 -18.13 -43.52
CA ASP D 181 24.86 -17.94 -44.78
C ASP D 181 24.02 -17.07 -45.70
N ILE D 182 24.67 -16.49 -46.69
CA ILE D 182 24.01 -15.57 -47.62
C ILE D 182 24.10 -16.12 -49.04
N PHE D 183 25.32 -16.42 -49.49
CA PHE D 183 25.59 -16.86 -50.84
C PHE D 183 26.43 -18.13 -50.81
N PRO D 184 26.38 -18.95 -51.88
CA PRO D 184 27.15 -20.18 -51.92
C PRO D 184 28.65 -19.93 -51.77
N PRO D 185 29.37 -20.76 -51.00
CA PRO D 185 30.79 -20.53 -50.84
C PRO D 185 31.69 -20.62 -52.05
N TYR D 186 31.40 -21.64 -52.86
CA TYR D 186 32.20 -21.84 -54.10
C TYR D 186 31.26 -22.30 -55.21
N ARG D 187 31.65 -22.02 -56.44
CA ARG D 187 30.93 -22.49 -57.62
C ARG D 187 31.29 -23.95 -57.84
N CYS D 188 30.47 -24.84 -57.27
CA CYS D 188 30.77 -26.27 -57.31
C CYS D 188 30.75 -26.79 -58.74
N SER D 189 29.76 -26.40 -59.54
CA SER D 189 29.64 -26.84 -60.93
C SER D 189 30.02 -25.76 -61.92
N GLY D 190 30.43 -24.59 -61.46
CA GLY D 190 30.74 -23.49 -62.37
C GLY D 190 29.54 -22.72 -62.86
N ALA D 191 28.34 -23.11 -62.45
CA ALA D 191 27.11 -22.44 -62.84
C ALA D 191 26.02 -22.81 -61.86
N THR D 192 25.16 -21.85 -61.53
CA THR D 192 24.11 -22.05 -60.54
C THR D 192 22.75 -21.91 -61.19
N THR D 193 21.88 -22.88 -60.93
CA THR D 193 20.50 -22.87 -61.39
C THR D 193 19.58 -22.46 -60.25
N SER D 194 18.28 -22.45 -60.53
CA SER D 194 17.28 -22.03 -59.55
C SER D 194 16.23 -23.12 -59.38
N VAL D 195 15.90 -23.41 -58.13
CA VAL D 195 14.85 -24.36 -57.79
C VAL D 195 13.83 -23.64 -56.91
N GLY D 196 12.57 -23.70 -57.29
CA GLY D 196 11.52 -22.98 -56.59
C GLY D 196 10.33 -23.87 -56.28
N ARG D 197 9.69 -23.57 -55.16
CA ARG D 197 8.51 -24.30 -54.73
C ARG D 197 7.66 -23.40 -53.84
N VAL D 198 6.37 -23.72 -53.75
CA VAL D 198 5.41 -22.96 -52.97
C VAL D 198 5.23 -23.64 -51.62
N PHE D 199 4.98 -22.84 -50.59
CA PHE D 199 4.79 -23.32 -49.21
C PHE D 199 3.43 -22.83 -48.74
N PRO D 200 2.36 -23.60 -48.98
CA PRO D 200 1.01 -23.11 -48.67
C PRO D 200 0.71 -23.01 -47.18
N LEU D 201 1.47 -23.69 -46.32
CA LEU D 201 1.15 -23.70 -44.91
C LEU D 201 1.46 -22.36 -44.26
N SER D 202 0.50 -21.84 -43.50
CA SER D 202 0.65 -20.59 -42.77
C SER D 202 -0.51 -20.47 -41.79
N VAL D 203 -0.22 -19.95 -40.60
CA VAL D 203 -1.22 -19.85 -39.55
C VAL D 203 -1.54 -18.38 -39.31
N SER D 204 -1.39 -17.57 -40.36
CA SER D 204 -1.70 -16.16 -40.29
C SER D 204 -3.21 -15.94 -40.46
N LEU D 205 -3.65 -14.74 -40.08
CA LEU D 205 -5.07 -14.41 -40.18
C LEU D 205 -5.48 -14.09 -41.62
N SER D 206 -4.59 -13.46 -42.39
CA SER D 206 -4.91 -13.14 -43.77
C SER D 206 -5.13 -14.40 -44.59
N MET D 207 -4.28 -15.42 -44.38
CA MET D 207 -4.46 -16.69 -45.09
C MET D 207 -5.79 -17.34 -44.71
N SER D 208 -6.15 -17.28 -43.43
CA SER D 208 -7.42 -17.86 -42.99
C SER D 208 -8.59 -17.14 -43.63
N LEU D 209 -8.54 -15.80 -43.69
CA LEU D 209 -9.63 -15.05 -44.32
C LEU D 209 -9.71 -15.36 -45.81
N ILE D 210 -8.56 -15.51 -46.47
CA ILE D 210 -8.56 -15.83 -47.90
C ILE D 210 -9.14 -17.23 -48.12
N SER D 211 -8.85 -18.16 -47.22
CA SER D 211 -9.36 -19.53 -47.35
C SER D 211 -10.89 -19.57 -47.29
N ARG D 212 -11.51 -18.59 -46.61
CA ARG D 212 -12.96 -18.48 -46.54
C ARG D 212 -13.53 -17.57 -47.62
N THR D 213 -12.88 -17.53 -48.79
CA THR D 213 -13.23 -16.70 -49.95
C THR D 213 -13.70 -15.30 -49.56
N SER D 214 -13.01 -14.70 -48.59
CA SER D 214 -13.28 -13.32 -48.21
C SER D 214 -12.36 -12.39 -49.00
N GLU D 215 -12.92 -11.30 -49.50
CA GLU D 215 -12.17 -10.39 -50.37
C GLU D 215 -11.23 -9.53 -49.53
N ILE D 216 -9.94 -9.54 -49.87
CA ILE D 216 -8.92 -8.75 -49.20
C ILE D 216 -8.25 -7.89 -50.25
N ILE D 217 -8.14 -6.59 -49.99
CA ILE D 217 -7.67 -5.61 -50.96
C ILE D 217 -6.48 -4.86 -50.38
N ASN D 218 -5.42 -4.73 -51.17
CA ASN D 218 -4.28 -3.85 -50.89
C ASN D 218 -3.62 -4.20 -49.55
N MET D 219 -3.04 -5.39 -49.50
CA MET D 219 -2.29 -5.82 -48.34
C MET D 219 -0.81 -5.47 -48.50
N LEU D 220 -0.25 -4.79 -47.51
CA LEU D 220 1.17 -4.47 -47.46
C LEU D 220 1.81 -5.25 -46.32
N THR D 221 2.87 -5.99 -46.61
CA THR D 221 3.55 -6.80 -45.61
C THR D 221 5.00 -6.35 -45.51
N ALA D 222 5.52 -6.33 -44.29
CA ALA D 222 6.88 -5.86 -44.00
C ALA D 222 7.56 -6.86 -43.08
N ILE D 223 8.24 -7.83 -43.67
CA ILE D 223 8.97 -8.84 -42.92
C ILE D 223 10.32 -8.27 -42.50
N SER D 224 10.65 -8.40 -41.22
CA SER D 224 11.92 -7.90 -40.71
C SER D 224 12.27 -8.63 -39.43
N ASP D 225 13.49 -9.19 -39.38
CA ASP D 225 14.07 -9.82 -38.19
C ASP D 225 13.09 -10.75 -37.48
N GLY D 226 12.38 -11.57 -38.26
CA GLY D 226 11.47 -12.54 -37.71
C GLY D 226 10.17 -11.98 -37.17
N VAL D 227 9.80 -10.77 -37.56
CA VAL D 227 8.51 -10.18 -37.18
C VAL D 227 7.89 -9.62 -38.46
N TYR D 228 6.60 -9.89 -38.65
CA TYR D 228 5.90 -9.46 -39.85
C TYR D 228 4.65 -8.67 -39.46
N GLY D 229 4.19 -7.84 -40.37
CA GLY D 229 2.97 -7.08 -40.16
C GLY D 229 2.25 -6.88 -41.46
N LYS D 230 0.92 -6.81 -41.38
CA LYS D 230 0.09 -6.68 -42.57
C LYS D 230 -0.97 -5.62 -42.35
N THR D 231 -1.29 -4.88 -43.42
CA THR D 231 -2.38 -3.91 -43.42
C THR D 231 -3.19 -4.13 -44.68
N TYR D 232 -4.45 -4.57 -44.52
CA TYR D 232 -5.29 -4.89 -45.66
C TYR D 232 -6.70 -4.38 -45.42
N LEU D 233 -7.42 -4.18 -46.53
CA LEU D 233 -8.81 -3.73 -46.49
C LEU D 233 -9.71 -4.93 -46.71
N LEU D 234 -10.53 -5.25 -45.71
CA LEU D 234 -11.46 -6.36 -45.81
C LEU D 234 -12.76 -5.91 -46.47
N VAL D 235 -13.33 -6.80 -47.28
CA VAL D 235 -14.65 -6.59 -47.87
C VAL D 235 -15.54 -7.74 -47.39
N PRO D 236 -16.26 -7.57 -46.30
CA PRO D 236 -17.04 -8.69 -45.75
C PRO D 236 -18.11 -9.16 -46.72
N ASP D 237 -18.28 -10.48 -46.81
CA ASP D 237 -19.30 -11.08 -47.64
C ASP D 237 -20.41 -11.77 -46.85
N TYR D 238 -20.14 -12.17 -45.61
CA TYR D 238 -21.19 -12.72 -44.76
C TYR D 238 -22.23 -11.64 -44.42
N ILE D 239 -21.78 -10.39 -44.25
CA ILE D 239 -22.70 -9.29 -44.03
C ILE D 239 -23.43 -8.98 -45.33
N GLU D 240 -24.77 -8.98 -45.27
CA GLU D 240 -25.60 -8.79 -46.46
C GLU D 240 -26.44 -7.53 -46.27
N GLY D 241 -26.02 -6.43 -46.90
CA GLY D 241 -26.79 -5.21 -46.91
C GLY D 241 -26.52 -4.39 -48.15
N GLY D 242 -27.58 -4.05 -48.89
CA GLY D 242 -27.39 -3.36 -50.16
C GLY D 242 -26.54 -4.20 -51.10
N PHE D 243 -25.53 -3.56 -51.69
CA PHE D 243 -24.55 -4.26 -52.51
C PHE D 243 -23.14 -4.17 -51.94
N ASP D 244 -22.68 -2.96 -51.63
CA ASP D 244 -21.40 -2.76 -50.96
C ASP D 244 -21.67 -2.13 -49.60
N THR D 245 -21.16 -2.76 -48.54
CA THR D 245 -21.43 -2.28 -47.19
C THR D 245 -20.35 -1.35 -46.68
N GLN D 246 -19.11 -1.83 -46.57
CA GLN D 246 -18.00 -1.06 -46.02
C GLN D 246 -16.72 -1.87 -46.16
N LYS D 247 -15.60 -1.16 -46.22
CA LYS D 247 -14.28 -1.77 -46.19
C LYS D 247 -13.59 -1.38 -44.89
N ILE D 248 -13.06 -2.37 -44.17
CA ILE D 248 -12.46 -2.17 -42.86
C ILE D 248 -10.97 -2.44 -42.94
N ARG D 249 -10.18 -1.57 -42.32
CA ARG D 249 -8.73 -1.71 -42.28
C ARG D 249 -8.34 -2.62 -41.12
N VAL D 250 -7.53 -3.64 -41.42
CA VAL D 250 -7.13 -4.64 -40.45
C VAL D 250 -5.61 -4.59 -40.32
N PHE D 251 -5.12 -4.65 -39.08
CA PHE D 251 -3.70 -4.72 -38.79
C PHE D 251 -3.41 -6.02 -38.05
N GLU D 252 -2.26 -6.63 -38.34
CA GLU D 252 -1.85 -7.82 -37.60
C GLU D 252 -0.34 -7.90 -37.57
N ILE D 253 0.19 -8.50 -36.51
CA ILE D 253 1.62 -8.64 -36.33
C ILE D 253 1.87 -10.01 -35.70
N GLY D 254 3.06 -10.56 -35.94
CA GLY D 254 3.38 -11.85 -35.40
C GLY D 254 4.78 -12.28 -35.77
N PHE D 255 5.15 -13.46 -35.30
CA PHE D 255 6.50 -13.98 -35.43
C PHE D 255 6.67 -14.74 -36.75
N ILE D 256 7.87 -15.29 -36.93
CA ILE D 256 8.18 -16.24 -37.99
C ILE D 256 8.81 -17.44 -37.30
N LYS D 257 8.00 -18.45 -37.00
CA LYS D 257 8.45 -19.59 -36.23
C LYS D 257 9.01 -20.68 -37.12
N ARG D 258 9.92 -21.47 -36.57
CA ARG D 258 10.53 -22.59 -37.28
C ARG D 258 9.57 -23.77 -37.24
N TRP D 259 8.90 -24.02 -38.37
CA TRP D 259 8.11 -25.24 -38.48
C TRP D 259 9.02 -26.44 -38.70
N LEU D 260 8.43 -27.62 -38.70
CA LEU D 260 9.19 -28.83 -38.95
C LEU D 260 9.78 -28.82 -40.35
N ASN D 261 10.89 -29.53 -40.51
CA ASN D 261 11.70 -29.52 -41.73
C ASN D 261 12.34 -28.17 -41.99
N ASP D 262 12.45 -27.32 -40.96
CA ASP D 262 13.08 -26.01 -41.05
C ASP D 262 12.42 -25.15 -42.14
N MET D 263 11.15 -24.86 -41.94
CA MET D 263 10.38 -24.02 -42.83
C MET D 263 9.86 -22.78 -42.09
N PRO D 264 9.62 -21.67 -42.80
CA PRO D 264 9.09 -20.48 -42.13
C PRO D 264 7.58 -20.53 -42.01
N LEU D 265 7.09 -20.54 -40.78
CA LEU D 265 5.66 -20.55 -40.49
C LEU D 265 5.30 -19.18 -39.91
N LEU D 266 4.56 -18.38 -40.69
CA LEU D 266 4.13 -17.06 -40.25
C LEU D 266 3.00 -17.22 -39.25
N GLN D 267 3.23 -16.83 -38.01
CA GLN D 267 2.23 -16.92 -36.95
C GLN D 267 1.79 -15.52 -36.55
N THR D 268 0.50 -15.38 -36.30
CA THR D 268 -0.08 -14.10 -35.85
C THR D 268 -0.30 -14.17 -34.35
N THR D 269 0.29 -13.22 -33.62
CA THR D 269 0.13 -13.16 -32.17
C THR D 269 -0.74 -12.01 -31.69
N ASN D 270 -0.89 -10.96 -32.50
CA ASN D 270 -1.75 -9.85 -32.14
C ASN D 270 -2.32 -9.24 -33.42
N TYR D 271 -3.49 -8.63 -33.30
CA TYR D 271 -4.13 -8.00 -34.44
C TYR D 271 -5.13 -6.97 -33.95
N MET D 272 -5.55 -6.10 -34.86
CA MET D 272 -6.46 -5.01 -34.50
C MET D 272 -7.26 -4.60 -35.73
N VAL D 273 -8.56 -4.45 -35.55
CA VAL D 273 -9.47 -4.02 -36.62
C VAL D 273 -9.96 -2.62 -36.27
N LEU D 274 -9.78 -1.69 -37.19
CA LEU D 274 -10.16 -0.31 -36.92
C LEU D 274 -11.67 -0.14 -37.05
N PRO D 275 -12.33 0.51 -36.09
CA PRO D 275 -13.72 0.92 -36.30
C PRO D 275 -13.80 1.89 -37.47
N GLU D 276 -14.98 1.94 -38.10
CA GLU D 276 -15.14 2.64 -39.37
C GLU D 276 -14.64 4.07 -39.29
N ASN D 277 -13.56 4.35 -40.01
CA ASN D 277 -12.94 5.67 -40.07
C ASN D 277 -12.66 6.04 -41.51
N SER D 278 -12.76 7.33 -41.81
CA SER D 278 -12.44 7.79 -43.15
C SER D 278 -10.94 7.78 -43.43
N LYS D 279 -10.11 7.85 -42.39
CA LYS D 279 -8.68 8.04 -42.54
C LYS D 279 -7.91 6.73 -42.70
N ALA D 280 -8.59 5.59 -42.78
CA ALA D 280 -7.92 4.31 -42.86
C ALA D 280 -7.88 3.74 -44.28
N LYS D 281 -8.20 4.55 -45.29
CA LYS D 281 -8.25 4.05 -46.66
C LYS D 281 -6.88 3.60 -47.16
N VAL D 282 -5.84 4.40 -46.90
CA VAL D 282 -4.49 4.07 -47.33
C VAL D 282 -3.57 4.17 -46.11
N CYS D 283 -2.74 3.15 -45.92
CA CYS D 283 -1.85 3.08 -44.77
C CYS D 283 -0.46 2.64 -45.23
N THR D 284 0.52 2.90 -44.37
CA THR D 284 1.89 2.46 -44.57
C THR D 284 2.28 1.52 -43.44
N ILE D 285 3.01 0.46 -43.77
CA ILE D 285 3.41 -0.55 -42.81
C ILE D 285 4.87 -0.37 -42.46
N ALA D 286 5.20 -0.52 -41.18
CA ALA D 286 6.58 -0.41 -40.72
C ALA D 286 6.72 -1.30 -39.49
N VAL D 287 7.39 -2.44 -39.66
CA VAL D 287 7.50 -3.45 -38.62
C VAL D 287 8.94 -3.54 -38.17
N GLY D 288 9.14 -3.68 -36.86
CA GLY D 288 10.46 -3.85 -36.30
C GLY D 288 10.49 -3.66 -34.81
N GLU D 289 11.42 -4.33 -34.12
CA GLU D 289 11.59 -4.25 -32.67
C GLU D 289 10.30 -4.59 -31.93
N LEU D 290 9.67 -5.69 -32.34
CA LEU D 290 8.52 -6.26 -31.64
C LEU D 290 7.36 -5.28 -31.54
N THR D 291 7.19 -4.46 -32.57
CA THR D 291 6.06 -3.53 -32.60
C THR D 291 5.74 -3.18 -34.05
N LEU D 292 4.55 -2.64 -34.23
CA LEU D 292 4.07 -2.24 -35.56
C LEU D 292 3.77 -0.74 -35.54
N ALA D 293 3.96 -0.11 -36.69
CA ALA D 293 3.63 1.30 -36.86
C ALA D 293 2.86 1.47 -38.15
N SER D 294 2.01 2.49 -38.20
CA SER D 294 1.22 2.74 -39.39
C SER D 294 0.83 4.20 -39.43
N LEU D 295 0.72 4.74 -40.65
CA LEU D 295 0.38 6.14 -40.90
C LEU D 295 -0.77 6.16 -41.90
N CYS D 296 -2.00 6.09 -41.39
CA CYS D 296 -3.18 6.02 -42.22
C CYS D 296 -3.74 7.42 -42.47
N VAL D 297 -4.13 7.67 -43.72
CA VAL D 297 -4.73 8.94 -44.12
C VAL D 297 -5.94 8.66 -44.99
N ASP D 298 -6.81 9.66 -45.10
CA ASP D 298 -8.01 9.53 -45.91
C ASP D 298 -7.72 9.86 -47.37
N GLU D 299 -7.29 11.09 -47.63
CA GLU D 299 -6.98 11.52 -48.99
C GLU D 299 -5.57 11.07 -49.37
N SER D 300 -5.38 10.81 -50.67
CA SER D 300 -4.08 10.37 -51.15
C SER D 300 -3.03 11.45 -50.93
N THR D 301 -3.38 12.71 -51.22
CA THR D 301 -2.46 13.83 -51.07
C THR D 301 -2.80 14.57 -49.78
N VAL D 302 -1.95 14.41 -48.76
CA VAL D 302 -2.14 15.11 -47.50
C VAL D 302 -1.62 16.53 -47.65
N LEU D 303 -2.46 17.51 -47.35
CA LEU D 303 -2.09 18.91 -47.49
C LEU D 303 -1.45 19.42 -46.21
N LEU D 304 -0.36 20.18 -46.36
CA LEU D 304 0.42 20.71 -45.24
C LEU D 304 0.48 22.23 -45.41
N TYR D 305 -0.50 22.92 -44.84
CA TYR D 305 -0.59 24.37 -44.91
C TYR D 305 -0.60 24.96 -43.51
N HIS D 306 -0.23 26.24 -43.43
CA HIS D 306 -0.18 26.93 -42.14
C HIS D 306 -1.56 26.98 -41.52
N ASP D 307 -1.63 26.69 -40.21
CA ASP D 307 -2.87 26.66 -39.46
C ASP D 307 -3.91 25.77 -40.13
N SER D 308 -5.16 26.20 -40.15
CA SER D 308 -6.25 25.43 -40.76
C SER D 308 -6.95 26.31 -41.79
N ASP D 309 -6.74 25.99 -43.07
CA ASP D 309 -7.42 26.69 -44.17
C ASP D 309 -8.56 25.80 -44.63
N GLY D 310 -9.78 26.13 -44.20
CA GLY D 310 -10.92 25.28 -44.51
C GLY D 310 -10.77 23.93 -43.85
N SER D 311 -10.95 22.87 -44.64
CA SER D 311 -10.77 21.52 -44.13
C SER D 311 -9.29 21.16 -44.08
N GLN D 312 -8.88 20.54 -42.98
CA GLN D 312 -7.50 20.17 -42.75
C GLN D 312 -7.36 18.66 -42.74
N ASP D 313 -6.28 18.16 -43.33
CA ASP D 313 -6.01 16.72 -43.38
C ASP D 313 -5.04 16.34 -42.28
N GLY D 314 -5.40 15.32 -41.50
CA GLY D 314 -4.56 14.81 -40.42
C GLY D 314 -4.11 13.41 -40.74
N ILE D 315 -2.96 13.02 -40.19
CA ILE D 315 -2.37 11.72 -40.43
C ILE D 315 -2.62 10.86 -39.21
N LEU D 316 -3.49 9.86 -39.35
CA LEU D 316 -3.77 8.92 -38.28
C LEU D 316 -2.56 8.03 -38.04
N VAL D 317 -2.31 7.71 -36.79
CA VAL D 317 -1.14 6.91 -36.39
C VAL D 317 -1.63 5.69 -35.63
N VAL D 318 -1.21 4.51 -36.07
CA VAL D 318 -1.58 3.25 -35.44
C VAL D 318 -0.31 2.59 -34.92
N THR D 319 -0.45 1.79 -33.87
CA THR D 319 0.68 1.09 -33.28
C THR D 319 0.17 -0.19 -32.64
N LEU D 320 0.93 -1.27 -32.80
CA LEU D 320 0.58 -2.56 -32.24
C LEU D 320 1.78 -3.18 -31.56
N GLY D 321 1.55 -3.78 -30.39
CA GLY D 321 2.56 -4.60 -29.76
C GLY D 321 2.53 -6.03 -30.28
N ILE D 322 3.56 -6.80 -29.92
CA ILE D 322 3.63 -8.17 -30.38
C ILE D 322 2.65 -9.07 -29.64
N PHE D 323 2.17 -8.66 -28.47
CA PHE D 323 1.27 -9.49 -27.69
C PHE D 323 0.53 -8.65 -26.66
N GLY D 324 -0.74 -8.96 -26.47
CA GLY D 324 -1.52 -8.40 -25.39
C GLY D 324 -1.85 -6.92 -25.58
N ALA D 325 -2.44 -6.36 -24.52
CA ALA D 325 -2.77 -4.94 -24.47
C ALA D 325 -1.61 -4.21 -23.81
N THR D 326 -0.63 -3.84 -24.63
CA THR D 326 0.55 -3.12 -24.19
C THR D 326 0.36 -1.65 -24.57
N PRO D 327 1.16 -0.72 -24.01
CA PRO D 327 1.08 0.67 -24.48
C PRO D 327 1.14 0.79 -25.98
N MET D 328 0.02 1.22 -26.57
CA MET D 328 -0.13 1.34 -28.01
C MET D 328 -1.08 2.49 -28.30
N ASP D 329 -0.97 3.06 -29.50
CA ASP D 329 -1.66 4.29 -29.83
C ASP D 329 -2.50 4.12 -31.09
N GLN D 330 -3.66 4.75 -31.09
CA GLN D 330 -4.52 4.87 -32.25
C GLN D 330 -4.98 6.33 -32.32
N VAL D 331 -4.02 7.24 -32.27
CA VAL D 331 -4.28 8.66 -32.11
C VAL D 331 -4.10 9.38 -33.44
N GLU D 332 -5.09 10.19 -33.80
CA GLU D 332 -4.93 11.09 -34.94
C GLU D 332 -3.92 12.17 -34.60
N GLU D 333 -3.07 12.51 -35.56
CA GLU D 333 -1.94 13.40 -35.31
C GLU D 333 -1.87 14.49 -36.38
N VAL D 334 -1.49 15.68 -35.94
CA VAL D 334 -1.26 16.82 -36.84
C VAL D 334 0.23 16.89 -37.12
N ILE D 335 0.58 16.94 -38.40
CA ILE D 335 1.99 16.90 -38.83
C ILE D 335 2.72 18.16 -38.40
N PRO D 336 3.83 18.04 -37.68
CA PRO D 336 4.75 19.18 -37.58
C PRO D 336 5.53 19.33 -38.89
N VAL D 337 5.21 20.38 -39.63
CA VAL D 337 5.67 20.50 -41.02
C VAL D 337 7.17 20.68 -41.08
N ALA D 338 7.80 20.99 -39.94
CA ALA D 338 9.24 21.28 -39.88
C ALA D 338 9.49 22.48 -40.78
N HIS D 339 10.28 22.35 -41.85
CA HIS D 339 10.51 23.47 -42.74
C HIS D 339 9.23 23.76 -43.51
N PRO D 340 8.69 24.98 -43.45
CA PRO D 340 7.36 25.24 -44.03
C PRO D 340 7.32 25.18 -45.55
N SER D 341 8.40 24.79 -46.22
CA SER D 341 8.37 24.66 -47.67
C SER D 341 7.54 23.46 -48.15
N VAL D 342 7.32 22.46 -47.29
CA VAL D 342 6.49 21.34 -47.67
C VAL D 342 5.03 21.78 -47.75
N GLU D 343 4.37 21.40 -48.83
CA GLU D 343 2.99 21.81 -49.05
C GLU D 343 2.03 20.64 -49.15
N LYS D 344 2.45 19.54 -49.77
CA LYS D 344 1.64 18.34 -49.90
C LYS D 344 2.48 17.13 -49.56
N ILE D 345 1.80 16.03 -49.23
CA ILE D 345 2.44 14.75 -48.97
C ILE D 345 1.60 13.66 -49.66
N HIS D 346 2.25 12.83 -50.45
CA HIS D 346 1.59 11.74 -51.16
C HIS D 346 1.91 10.42 -50.47
N ILE D 347 0.87 9.64 -50.18
CA ILE D 347 1.00 8.37 -49.47
C ILE D 347 0.15 7.35 -50.23
N THR D 348 0.78 6.58 -51.12
CA THR D 348 0.06 5.55 -51.86
C THR D 348 0.18 4.17 -51.21
N ASN D 349 1.41 3.64 -51.14
CA ASN D 349 1.67 2.38 -50.43
C ASN D 349 3.16 2.32 -50.16
N HIS D 350 3.55 2.49 -48.90
CA HIS D 350 4.94 2.61 -48.52
C HIS D 350 5.30 1.61 -47.43
N ARG D 351 6.56 1.21 -47.41
CA ARG D 351 7.09 0.33 -46.39
C ARG D 351 8.26 1.02 -45.69
N GLY D 352 8.28 0.92 -44.36
CA GLY D 352 9.38 1.46 -43.59
C GLY D 352 9.93 0.44 -42.63
N PHE D 353 10.61 0.90 -41.58
CA PHE D 353 11.08 -0.01 -40.55
C PHE D 353 11.29 0.78 -39.27
N ILE D 354 11.34 0.05 -38.16
CA ILE D 354 11.53 0.64 -36.84
C ILE D 354 12.93 0.23 -36.39
N LYS D 355 13.82 1.21 -36.27
CA LYS D 355 15.18 0.98 -35.80
C LYS D 355 15.51 2.00 -34.74
N ASP D 356 15.99 1.52 -33.59
CA ASP D 356 16.29 2.36 -32.44
C ASP D 356 15.07 3.19 -32.03
N SER D 357 13.90 2.52 -32.00
CA SER D 357 12.63 3.13 -31.62
C SER D 357 12.27 4.33 -32.50
N ILE D 358 12.62 4.25 -33.79
CA ILE D 358 12.31 5.30 -34.75
C ILE D 358 11.72 4.63 -35.98
N ALA D 359 10.53 5.07 -36.38
CA ALA D 359 9.86 4.56 -37.56
C ALA D 359 10.08 5.54 -38.71
N THR D 360 10.63 5.04 -39.82
CA THR D 360 11.00 5.88 -40.95
C THR D 360 10.27 5.43 -42.21
N TRP D 361 9.57 6.37 -42.84
CA TRP D 361 8.98 6.17 -44.16
C TRP D 361 9.54 7.21 -45.10
N MET D 362 9.38 6.96 -46.40
CA MET D 362 9.82 7.89 -47.43
C MET D 362 8.69 8.09 -48.41
N VAL D 363 8.26 9.34 -48.56
CA VAL D 363 7.08 9.65 -49.38
C VAL D 363 7.39 10.85 -50.25
N PRO D 364 6.85 10.92 -51.47
CA PRO D 364 7.01 12.14 -52.27
C PRO D 364 6.32 13.32 -51.61
N ALA D 365 6.86 14.51 -51.84
CA ALA D 365 6.31 15.74 -51.29
C ALA D 365 6.42 16.84 -52.34
N LEU D 366 5.62 17.89 -52.16
CA LEU D 366 5.65 19.02 -53.13
C LEU D 366 6.18 20.27 -52.44
N VAL D 367 7.38 20.70 -52.82
CA VAL D 367 7.98 21.95 -52.26
C VAL D 367 8.02 22.99 -53.39
N SER D 368 8.07 24.28 -53.07
CA SER D 368 8.02 25.32 -54.12
C SER D 368 9.23 26.23 -54.05
N GLU D 369 10.35 25.76 -53.47
CA GLU D 369 11.50 26.63 -53.32
C GLU D 369 12.49 26.47 -54.47
N LYS D 370 13.07 25.27 -54.61
CA LYS D 370 14.19 25.05 -55.52
C LYS D 370 13.75 24.14 -56.67
N GLN D 371 13.32 24.75 -57.76
CA GLN D 371 12.88 24.01 -58.93
C GLN D 371 13.65 24.39 -60.20
N GLU D 372 14.41 25.49 -60.17
CA GLU D 372 15.09 25.96 -61.37
C GLU D 372 16.17 24.98 -61.82
N GLU D 373 16.91 24.38 -60.88
CA GLU D 373 17.95 23.44 -61.26
C GLU D 373 17.36 22.21 -61.95
N GLN D 374 16.26 21.68 -61.41
CA GLN D 374 15.61 20.54 -62.04
C GLN D 374 15.03 20.92 -63.39
N LYS D 375 14.46 22.12 -63.51
CA LYS D 375 13.93 22.56 -64.80
C LYS D 375 15.03 22.68 -65.84
N ASN D 376 16.19 23.24 -65.46
CA ASN D 376 17.31 23.36 -66.38
C ASN D 376 17.82 21.99 -66.78
N CYS D 377 17.91 21.06 -65.84
CA CYS D 377 18.35 19.71 -66.16
C CYS D 377 17.38 19.02 -67.13
N LEU D 378 16.08 19.20 -66.90
CA LEU D 378 15.09 18.62 -67.80
C LEU D 378 15.17 19.23 -69.19
N GLU D 379 15.37 20.55 -69.27
CA GLU D 379 15.52 21.20 -70.56
C GLU D 379 16.77 20.70 -71.29
N SER D 380 17.86 20.50 -70.55
CA SER D 380 19.08 19.97 -71.15
C SER D 380 18.87 18.54 -71.66
N ALA D 381 18.12 17.73 -70.90
CA ALA D 381 17.87 16.35 -71.29
C ALA D 381 16.81 16.24 -72.39
N CYS D 382 16.03 17.29 -72.62
CA CYS D 382 14.97 17.23 -73.63
C CYS D 382 15.53 17.10 -75.04
N GLN D 383 16.67 17.73 -75.32
CA GLN D 383 17.27 17.64 -76.65
C GLN D 383 17.72 16.22 -76.97
N ARG D 384 17.91 15.37 -75.96
CA ARG D 384 18.30 13.99 -76.17
C ARG D 384 17.09 13.18 -76.63
N LYS D 385 17.26 11.86 -76.74
CA LYS D 385 16.16 10.99 -77.16
C LYS D 385 15.06 10.88 -76.12
N SER D 386 15.31 11.32 -74.89
CA SER D 386 14.31 11.24 -73.82
C SER D 386 13.27 12.36 -74.01
N TYR D 387 12.45 12.20 -75.05
CA TYR D 387 11.43 13.16 -75.41
C TYR D 387 10.17 13.06 -74.54
N PRO D 388 9.60 11.87 -74.30
CA PRO D 388 8.35 11.81 -73.52
C PRO D 388 8.47 12.41 -72.14
N MET D 389 9.62 12.25 -71.49
CA MET D 389 9.80 12.79 -70.15
C MET D 389 9.76 14.31 -70.15
N CYS D 390 10.43 14.95 -71.11
CA CYS D 390 10.43 16.40 -71.20
C CYS D 390 9.18 16.95 -71.86
N ASN D 391 8.34 16.10 -72.46
CA ASN D 391 7.10 16.54 -73.06
C ASN D 391 5.98 16.72 -72.05
N GLN D 392 6.15 16.22 -70.82
CA GLN D 392 5.09 16.29 -69.82
C GLN D 392 5.00 17.69 -69.24
N THR D 393 3.85 18.34 -69.47
CA THR D 393 3.58 19.62 -68.82
C THR D 393 3.18 19.44 -67.37
N SER D 394 2.49 18.34 -67.05
CA SER D 394 2.10 18.03 -65.68
C SER D 394 2.59 16.62 -65.33
N TRP D 395 3.07 16.47 -64.10
CA TRP D 395 3.66 15.21 -63.66
C TRP D 395 2.61 14.33 -62.97
N GLU D 396 3.02 13.09 -62.69
CA GLU D 396 2.05 12.10 -62.21
C GLU D 396 1.66 12.30 -60.75
N PRO D 397 2.60 12.38 -59.79
CA PRO D 397 2.18 12.41 -58.38
C PRO D 397 1.33 13.63 -58.02
N PHE D 398 1.82 14.83 -58.29
CA PHE D 398 1.08 16.06 -58.04
C PHE D 398 0.83 16.74 -59.38
N GLY D 399 -0.42 17.02 -59.68
CA GLY D 399 -0.79 17.62 -60.95
C GLY D 399 -0.18 18.99 -61.18
N GLY D 400 0.55 19.13 -62.29
CA GLY D 400 1.16 20.39 -62.63
C GLY D 400 2.26 20.78 -61.66
N GLY D 401 2.73 22.02 -61.83
CA GLY D 401 3.73 22.58 -60.93
C GLY D 401 5.06 21.86 -61.03
N GLN D 402 5.81 21.89 -59.93
CA GLN D 402 7.12 21.28 -59.87
C GLN D 402 7.00 19.78 -59.62
N LEU D 403 7.98 19.03 -60.12
CA LEU D 403 8.07 17.59 -59.90
C LEU D 403 8.24 17.31 -58.41
N PRO D 404 7.80 16.16 -57.92
CA PRO D 404 7.90 15.87 -56.49
C PRO D 404 9.34 15.72 -56.03
N SER D 405 9.54 15.96 -54.74
CA SER D 405 10.83 15.78 -54.08
C SER D 405 10.74 14.60 -53.11
N TYR D 406 11.85 14.32 -52.45
CA TYR D 406 11.91 13.20 -51.51
C TYR D 406 11.63 13.69 -50.10
N GLY D 407 10.61 13.11 -49.47
CA GLY D 407 10.28 13.40 -48.10
C GLY D 407 10.65 12.24 -47.19
N ARG D 408 10.40 12.44 -45.90
CA ARG D 408 10.71 11.42 -44.90
C ARG D 408 9.86 11.67 -43.66
N LEU D 409 9.03 10.70 -43.31
CA LEU D 409 8.18 10.79 -42.12
C LEU D 409 8.85 10.02 -40.99
N THR D 410 9.17 10.72 -39.91
CA THR D 410 9.88 10.16 -38.77
C THR D 410 8.97 10.15 -37.57
N LEU D 411 8.81 8.99 -36.95
CA LEU D 411 7.91 8.81 -35.81
C LEU D 411 8.67 8.18 -34.65
N PRO D 412 9.15 8.98 -33.69
CA PRO D 412 9.79 8.41 -32.50
C PRO D 412 8.78 7.68 -31.64
N LEU D 413 9.00 6.37 -31.45
CA LEU D 413 8.11 5.53 -30.68
C LEU D 413 8.51 5.43 -29.21
N ASP D 414 9.20 6.42 -28.68
CA ASP D 414 9.51 6.46 -27.26
C ASP D 414 8.22 6.72 -26.50
N PRO D 415 7.78 5.82 -25.62
CA PRO D 415 6.48 6.05 -24.94
C PRO D 415 6.49 7.22 -23.98
N SER D 416 7.65 7.56 -23.39
CA SER D 416 7.70 8.74 -22.53
C SER D 416 7.45 10.02 -23.31
N ILE D 417 8.00 10.12 -24.51
CA ILE D 417 7.84 11.31 -25.34
C ILE D 417 6.52 11.22 -26.09
N ASP D 418 5.85 12.37 -26.24
CA ASP D 418 4.65 12.42 -27.06
C ASP D 418 5.00 12.23 -28.53
N LEU D 419 4.06 11.68 -29.28
CA LEU D 419 4.30 11.35 -30.67
C LEU D 419 4.41 12.61 -31.51
N GLN D 420 5.46 12.70 -32.33
CA GLN D 420 5.64 13.76 -33.30
C GLN D 420 6.03 13.14 -34.63
N LEU D 421 5.51 13.68 -35.73
CA LEU D 421 5.74 13.12 -37.06
C LEU D 421 6.55 14.13 -37.87
N ASN D 422 7.88 14.08 -37.70
CA ASN D 422 8.74 15.05 -38.37
C ASN D 422 8.80 14.77 -39.87
N ILE D 423 9.18 15.79 -40.63
CA ILE D 423 9.33 15.69 -42.07
C ILE D 423 10.65 16.34 -42.46
N SER D 424 11.48 15.62 -43.21
CA SER D 424 12.80 16.08 -43.63
C SER D 424 12.92 15.88 -45.14
N PHE D 425 12.54 16.90 -45.90
CA PHE D 425 12.62 16.82 -47.35
C PHE D 425 14.04 17.06 -47.84
N THR D 426 14.33 16.56 -49.04
CA THR D 426 15.61 16.77 -49.69
C THR D 426 15.49 16.35 -51.14
N TYR D 427 15.95 17.21 -52.05
CA TYR D 427 15.86 16.91 -53.48
C TYR D 427 16.86 15.83 -53.85
N GLY D 428 16.60 15.17 -54.97
CA GLY D 428 17.47 14.14 -55.47
C GLY D 428 17.27 13.92 -56.96
N PRO D 429 17.27 12.61 -57.35
CA PRO D 429 17.06 12.21 -58.71
C PRO D 429 15.60 12.39 -59.10
N VAL D 430 15.35 12.61 -60.38
CA VAL D 430 13.97 12.95 -60.78
C VAL D 430 13.07 11.77 -60.48
N ILE D 431 11.86 12.05 -59.99
CA ILE D 431 10.85 10.98 -59.71
C ILE D 431 9.98 10.90 -60.94
N LEU D 432 9.81 9.70 -61.49
CA LEU D 432 8.90 9.52 -62.60
C LEU D 432 7.66 8.71 -62.27
N ASN D 433 7.70 7.91 -61.21
CA ASN D 433 6.51 7.11 -60.82
C ASN D 433 5.74 7.88 -59.74
N GLY D 434 6.33 8.01 -58.55
CA GLY D 434 5.68 8.68 -57.44
C GLY D 434 4.55 7.92 -56.79
N ASP D 435 4.04 6.87 -57.41
CA ASP D 435 2.93 6.10 -56.84
C ASP D 435 3.48 4.89 -56.08
N GLY D 436 4.09 5.18 -54.95
CA GLY D 436 4.68 4.15 -54.11
C GLY D 436 6.18 4.28 -54.02
N MET D 437 6.71 4.22 -52.80
CA MET D 437 8.16 4.28 -52.59
C MET D 437 8.46 3.62 -51.25
N ASP D 438 9.06 2.44 -51.30
CA ASP D 438 9.41 1.68 -50.11
C ASP D 438 10.76 2.14 -49.58
N TYR D 439 11.09 1.71 -48.38
CA TYR D 439 12.33 2.11 -47.72
C TYR D 439 12.87 0.95 -46.88
N TYR D 440 14.03 0.44 -47.26
CA TYR D 440 14.60 -0.75 -46.66
C TYR D 440 15.86 -0.41 -45.88
N GLU D 441 16.17 -1.24 -44.88
CA GLU D 441 17.31 -1.00 -44.01
C GLU D 441 18.61 -1.30 -44.75
N SER D 442 19.70 -0.70 -44.24
CA SER D 442 21.02 -0.82 -44.81
C SER D 442 22.02 -1.26 -43.73
N PRO D 443 23.07 -1.98 -44.11
CA PRO D 443 24.09 -2.38 -43.12
C PRO D 443 24.81 -1.22 -42.48
N LEU D 444 24.83 -0.04 -43.11
CA LEU D 444 25.54 1.10 -42.56
C LEU D 444 24.82 1.64 -41.33
N LEU D 445 25.46 2.63 -40.68
CA LEU D 445 24.95 3.13 -39.41
C LEU D 445 23.61 3.84 -39.57
N ASP D 446 23.54 4.78 -40.51
CA ASP D 446 22.34 5.61 -40.70
C ASP D 446 21.98 5.68 -42.17
N SER D 447 21.95 4.54 -42.84
CA SER D 447 21.66 4.47 -44.26
C SER D 447 20.42 3.62 -44.50
N GLY D 448 19.88 3.74 -45.71
CA GLY D 448 18.75 2.95 -46.14
C GLY D 448 18.71 2.89 -47.64
N TRP D 449 17.82 2.06 -48.18
CA TRP D 449 17.67 1.89 -49.62
C TRP D 449 16.21 2.14 -49.97
N LEU D 450 15.87 3.41 -50.20
CA LEU D 450 14.54 3.71 -50.69
C LEU D 450 14.42 3.32 -52.15
N THR D 451 13.30 2.69 -52.50
CA THR D 451 13.10 2.13 -53.83
C THR D 451 11.84 2.70 -54.45
N ILE D 452 11.78 2.67 -55.78
CA ILE D 452 10.62 3.11 -56.54
C ILE D 452 10.23 1.98 -57.48
N PRO D 453 9.00 1.47 -57.41
CA PRO D 453 8.62 0.37 -58.30
C PRO D 453 8.57 0.83 -59.75
N PRO D 454 8.78 -0.07 -60.70
CA PRO D 454 8.68 0.31 -62.12
C PRO D 454 7.25 0.71 -62.47
N LYS D 455 7.13 1.60 -63.45
CA LYS D 455 5.85 2.13 -63.88
C LYS D 455 5.62 1.77 -65.34
N ASN D 456 4.64 0.90 -65.60
CA ASN D 456 4.20 0.53 -66.94
C ASN D 456 5.31 -0.08 -67.79
N GLY D 457 6.41 -0.50 -67.18
CA GLY D 457 7.49 -1.12 -67.92
C GLY D 457 8.42 -0.13 -68.59
N THR D 458 7.85 0.96 -69.11
CA THR D 458 8.66 1.95 -69.81
C THR D 458 9.69 2.59 -68.89
N VAL D 459 9.28 2.91 -67.66
CA VAL D 459 10.17 3.53 -66.67
C VAL D 459 10.62 2.46 -65.70
N LEU D 460 11.93 2.26 -65.61
CA LEU D 460 12.47 1.27 -64.69
C LEU D 460 12.53 1.84 -63.28
N GLY D 461 12.79 0.96 -62.31
CA GLY D 461 12.82 1.34 -60.92
C GLY D 461 14.08 2.07 -60.54
N LEU D 462 14.11 2.54 -59.30
CA LEU D 462 15.25 3.24 -58.72
C LEU D 462 15.55 2.65 -57.36
N ILE D 463 16.84 2.66 -56.99
CA ILE D 463 17.28 2.28 -55.66
C ILE D 463 18.27 3.35 -55.22
N ASN D 464 17.80 4.29 -54.41
CA ASN D 464 18.62 5.39 -53.93
C ASN D 464 19.28 5.01 -52.61
N LYS D 465 19.89 5.99 -51.94
CA LYS D 465 20.49 5.79 -50.63
C LYS D 465 20.10 6.99 -49.77
N ALA D 466 19.27 6.74 -48.75
CA ALA D 466 18.71 7.78 -47.92
C ALA D 466 19.36 7.75 -46.54
N SER D 467 19.62 8.93 -45.99
CA SER D 467 20.22 9.03 -44.67
C SER D 467 19.14 9.01 -43.59
N ARG D 468 19.58 8.73 -42.37
CA ARG D 468 18.71 8.71 -41.20
C ARG D 468 19.28 9.64 -40.13
N GLY D 469 18.39 10.28 -39.39
CA GLY D 469 18.80 11.19 -38.33
C GLY D 469 18.36 12.62 -38.58
N ASP D 470 19.08 13.57 -37.98
CA ASP D 470 18.73 14.98 -38.17
C ASP D 470 18.93 15.40 -39.62
N GLN D 471 20.01 14.95 -40.25
CA GLN D 471 20.25 15.25 -41.65
C GLN D 471 19.57 14.19 -42.53
N PHE D 472 19.38 14.53 -43.80
CA PHE D 472 18.75 13.63 -44.75
C PHE D 472 19.23 13.95 -46.15
N THR D 473 20.00 13.04 -46.74
CA THR D 473 20.53 13.21 -48.08
C THR D 473 20.18 11.98 -48.91
N VAL D 474 20.11 12.19 -50.24
CA VAL D 474 19.78 11.13 -51.19
C VAL D 474 20.92 11.03 -52.18
N ILE D 475 21.55 9.85 -52.23
CA ILE D 475 22.69 9.58 -53.09
C ILE D 475 22.27 8.50 -54.09
N PRO D 476 22.23 8.79 -55.38
CA PRO D 476 21.84 7.77 -56.37
C PRO D 476 22.83 6.61 -56.37
N HIS D 477 22.29 5.39 -56.33
CA HIS D 477 23.13 4.20 -56.26
C HIS D 477 23.00 3.30 -57.48
N VAL D 478 21.80 2.82 -57.80
CA VAL D 478 21.61 1.82 -58.85
C VAL D 478 20.45 2.24 -59.74
N LEU D 479 20.48 1.76 -60.97
CA LEU D 479 19.43 2.01 -61.97
C LEU D 479 19.21 3.51 -62.19
N THR D 480 20.31 4.27 -62.15
CA THR D 480 20.24 5.72 -62.27
C THR D 480 21.14 6.16 -63.42
N PHE D 481 20.65 7.12 -64.20
CA PHE D 481 21.33 7.60 -65.38
C PHE D 481 21.76 9.04 -65.15
N ALA D 482 23.06 9.30 -65.23
CA ALA D 482 23.60 10.65 -65.04
C ALA D 482 23.73 11.33 -66.39
N PRO D 483 23.05 12.46 -66.63
CA PRO D 483 23.17 13.14 -67.93
C PRO D 483 24.58 13.63 -68.18
N ARG D 484 24.98 13.61 -69.44
CA ARG D 484 26.28 14.10 -69.85
C ARG D 484 26.25 15.60 -70.06
N GLU D 485 27.33 16.28 -69.64
CA GLU D 485 27.47 17.73 -69.77
C GLU D 485 26.29 18.46 -69.14
N SER D 486 25.92 18.02 -67.95
CA SER D 486 24.84 18.62 -67.18
C SER D 486 25.41 19.39 -66.00
N SER D 487 24.50 19.92 -65.16
CA SER D 487 24.94 20.64 -63.97
C SER D 487 25.62 19.72 -62.98
N GLY D 488 25.27 18.44 -62.97
CA GLY D 488 25.87 17.45 -62.10
C GLY D 488 25.05 17.13 -60.87
N ASN D 489 24.08 17.97 -60.53
CA ASN D 489 23.25 17.74 -59.35
C ASN D 489 21.96 16.99 -59.66
N CYS D 490 21.69 16.68 -60.92
CA CYS D 490 20.48 16.00 -61.33
C CYS D 490 20.82 14.62 -61.87
N TYR D 491 20.22 13.59 -61.31
CA TYR D 491 20.42 12.25 -61.88
C TYR D 491 19.06 11.85 -62.43
N LEU D 492 19.01 11.17 -63.56
CA LEU D 492 17.69 10.85 -64.17
C LEU D 492 17.46 9.34 -64.15
N PRO D 493 16.20 8.84 -64.07
CA PRO D 493 15.95 7.40 -64.13
C PRO D 493 16.08 6.81 -65.53
N ILE D 494 16.55 5.56 -65.62
CA ILE D 494 16.63 4.86 -66.93
C ILE D 494 15.23 4.71 -67.53
N GLN D 495 15.04 5.12 -68.78
CA GLN D 495 13.69 5.11 -69.39
C GLN D 495 13.80 4.75 -70.87
N THR D 496 13.43 3.52 -71.24
CA THR D 496 13.52 3.00 -72.60
C THR D 496 12.16 2.46 -73.02
N SER D 497 11.62 2.98 -74.13
CA SER D 497 10.36 2.47 -74.66
C SER D 497 10.49 1.10 -75.28
N GLN D 498 11.72 0.63 -75.51
CA GLN D 498 11.92 -0.70 -76.09
C GLN D 498 11.48 -1.80 -75.12
N ILE D 499 11.70 -1.60 -73.82
CA ILE D 499 11.29 -2.59 -72.83
C ILE D 499 9.79 -2.77 -72.82
N MET D 500 9.04 -1.71 -73.15
CA MET D 500 7.58 -1.80 -73.18
C MET D 500 7.13 -2.88 -74.15
N ASP D 501 6.21 -3.72 -73.69
CA ASP D 501 5.72 -4.84 -74.46
C ASP D 501 4.20 -4.88 -74.40
N LYS D 502 3.57 -5.33 -75.49
CA LYS D 502 2.13 -5.51 -75.49
C LYS D 502 1.69 -6.59 -74.50
N ASP D 503 2.61 -7.46 -74.08
CA ASP D 503 2.33 -8.43 -73.04
C ASP D 503 1.95 -7.71 -71.75
N VAL D 504 0.88 -8.17 -71.12
CA VAL D 504 0.36 -7.52 -69.91
C VAL D 504 1.33 -7.84 -68.77
N LEU D 505 2.07 -6.83 -68.33
CA LEU D 505 3.05 -6.98 -67.27
C LEU D 505 2.64 -6.12 -66.07
N THR D 506 2.64 -6.72 -64.88
CA THR D 506 2.33 -6.03 -63.64
C THR D 506 3.56 -6.17 -62.73
N GLU D 507 4.51 -5.26 -62.88
CA GLU D 507 5.72 -5.30 -62.07
C GLU D 507 5.40 -4.99 -60.62
N SER D 508 6.15 -5.64 -59.73
CA SER D 508 5.99 -5.45 -58.29
C SER D 508 7.02 -4.42 -57.81
N ASN D 509 7.11 -4.26 -56.49
CA ASN D 509 8.06 -3.35 -55.90
C ASN D 509 9.45 -3.98 -55.87
N LEU D 510 10.48 -3.13 -55.85
CA LEU D 510 11.84 -3.61 -55.68
C LEU D 510 12.08 -3.92 -54.21
N VAL D 511 12.56 -5.13 -53.94
CA VAL D 511 12.79 -5.59 -52.56
C VAL D 511 14.28 -5.82 -52.37
N VAL D 512 14.88 -5.01 -51.50
CA VAL D 512 16.30 -5.16 -51.16
C VAL D 512 16.40 -6.19 -50.06
N LEU D 513 17.17 -7.24 -50.30
CA LEU D 513 17.31 -8.32 -49.33
C LEU D 513 18.11 -7.83 -48.11
N PRO D 514 17.82 -8.37 -46.92
CA PRO D 514 18.54 -7.99 -45.70
C PRO D 514 19.88 -8.70 -45.55
N THR D 515 20.67 -8.69 -46.61
CA THR D 515 21.97 -9.36 -46.65
C THR D 515 23.07 -8.33 -46.89
N GLN D 516 24.30 -8.72 -46.56
CA GLN D 516 25.44 -7.84 -46.78
C GLN D 516 25.63 -7.52 -48.26
N ASN D 517 25.53 -8.53 -49.11
CA ASN D 517 25.58 -8.31 -50.55
C ASN D 517 24.32 -7.61 -51.02
N PHE D 518 24.48 -6.55 -51.81
CA PHE D 518 23.36 -5.76 -52.28
C PHE D 518 22.66 -6.50 -53.41
N ARG D 519 21.50 -7.10 -53.11
CA ARG D 519 20.69 -7.80 -54.09
C ARG D 519 19.25 -7.32 -53.95
N TYR D 520 18.59 -7.11 -55.09
CA TYR D 520 17.20 -6.69 -55.10
C TYR D 520 16.39 -7.60 -56.02
N VAL D 521 15.13 -7.83 -55.67
CA VAL D 521 14.28 -8.82 -56.31
C VAL D 521 13.15 -8.10 -57.04
N ILE D 522 12.84 -8.58 -58.24
CA ILE D 522 11.73 -8.06 -59.03
C ILE D 522 10.83 -9.23 -59.40
N ALA D 523 9.53 -9.05 -59.19
CA ALA D 523 8.54 -10.05 -59.57
C ALA D 523 7.64 -9.45 -60.65
N THR D 524 7.41 -10.21 -61.71
CA THR D 524 6.63 -9.74 -62.84
C THR D 524 5.56 -10.77 -63.17
N TYR D 525 4.37 -10.28 -63.52
CA TYR D 525 3.27 -11.11 -63.97
C TYR D 525 3.22 -11.05 -65.49
N ASP D 526 3.42 -12.18 -66.15
CA ASP D 526 3.47 -12.24 -67.61
C ASP D 526 2.56 -13.36 -68.11
N ILE D 527 1.96 -13.12 -69.27
CA ILE D 527 1.09 -14.11 -69.91
C ILE D 527 1.73 -14.71 -71.15
N SER D 528 3.02 -14.43 -71.38
CA SER D 528 3.72 -15.00 -72.53
C SER D 528 3.78 -16.53 -72.40
N ARG D 529 4.08 -17.02 -71.21
CA ARG D 529 4.03 -18.46 -70.97
C ARG D 529 2.61 -18.97 -71.10
N GLY D 530 2.49 -20.21 -71.58
CA GLY D 530 1.18 -20.83 -71.68
C GLY D 530 0.54 -21.13 -70.34
N ASP D 531 1.32 -21.10 -69.27
CA ASP D 531 0.82 -21.41 -67.93
C ASP D 531 0.40 -20.18 -67.15
N HIS D 532 0.46 -18.99 -67.75
CA HIS D 532 0.05 -17.75 -67.09
C HIS D 532 0.84 -17.54 -65.80
N ALA D 533 2.16 -17.69 -65.90
CA ALA D 533 3.03 -17.81 -64.75
C ALA D 533 3.45 -16.45 -64.20
N ILE D 534 4.20 -16.48 -63.10
CA ILE D 534 4.79 -15.30 -62.47
C ILE D 534 6.31 -15.50 -62.44
N VAL D 535 7.05 -14.51 -62.93
CA VAL D 535 8.49 -14.60 -63.06
C VAL D 535 9.15 -13.71 -62.01
N TYR D 536 10.17 -14.25 -61.35
CA TYR D 536 10.97 -13.51 -60.38
C TYR D 536 12.32 -13.20 -61.00
N TYR D 537 12.74 -11.94 -60.90
CA TYR D 537 14.00 -11.48 -61.49
C TYR D 537 14.93 -11.03 -60.37
N VAL D 538 15.72 -11.98 -59.86
CA VAL D 538 16.71 -11.67 -58.84
C VAL D 538 17.92 -11.05 -59.53
N TYR D 539 18.30 -9.85 -59.10
CA TYR D 539 19.36 -9.09 -59.74
C TYR D 539 20.57 -8.96 -58.81
N ASP D 540 21.76 -8.99 -59.42
CA ASP D 540 23.03 -8.82 -58.74
C ASP D 540 23.86 -7.79 -59.49
N PRO D 541 24.76 -7.08 -58.80
CA PRO D 541 25.65 -6.16 -59.52
C PRO D 541 26.55 -6.84 -60.54
N ILE D 542 26.76 -8.15 -60.43
CA ILE D 542 27.60 -8.89 -61.34
C ILE D 542 26.78 -9.62 -62.42
N ARG D 543 25.76 -10.34 -62.00
CA ARG D 543 24.96 -11.18 -62.89
C ARG D 543 23.48 -10.92 -62.66
N ALA D 544 22.65 -11.59 -63.46
CA ALA D 544 21.20 -11.53 -63.30
C ALA D 544 20.62 -12.92 -63.44
N ILE D 545 19.80 -13.33 -62.48
CA ILE D 545 19.21 -14.67 -62.44
C ILE D 545 17.69 -14.52 -62.45
N SER D 546 17.05 -15.25 -63.35
CA SER D 546 15.61 -15.18 -63.52
C SER D 546 15.00 -16.56 -63.34
N TYR D 547 13.96 -16.66 -62.52
CA TYR D 547 13.25 -17.90 -62.28
C TYR D 547 11.75 -17.68 -62.45
N THR D 548 11.11 -18.59 -63.18
CA THR D 548 9.68 -18.52 -63.44
C THR D 548 8.93 -19.45 -62.50
N TYR D 549 7.63 -19.19 -62.36
CA TYR D 549 6.74 -19.98 -61.50
C TYR D 549 5.56 -20.47 -62.32
N PRO D 550 5.76 -21.52 -63.13
CA PRO D 550 4.63 -22.12 -63.85
C PRO D 550 3.62 -22.81 -62.95
N PHE D 551 3.79 -22.73 -61.63
CA PHE D 551 2.84 -23.31 -60.69
C PHE D 551 1.46 -22.67 -60.77
N ARG D 552 1.36 -21.51 -61.42
CA ARG D 552 0.05 -20.87 -61.63
C ARG D 552 -0.90 -21.83 -62.33
N LEU D 553 -2.08 -22.00 -61.75
CA LEU D 553 -3.09 -22.89 -62.30
C LEU D 553 -4.23 -22.14 -62.96
N THR D 554 -4.69 -21.06 -62.35
CA THR D 554 -5.75 -20.25 -62.96
C THR D 554 -5.17 -19.42 -64.10
N THR D 555 -5.56 -19.76 -65.33
CA THR D 555 -5.10 -19.01 -66.50
C THR D 555 -5.93 -17.76 -66.74
N LYS D 556 -7.25 -17.87 -66.64
CA LYS D 556 -8.11 -16.71 -66.83
C LYS D 556 -7.89 -15.70 -65.71
N GLY D 557 -7.91 -14.42 -66.06
CA GLY D 557 -7.74 -13.37 -65.07
C GLY D 557 -6.60 -12.43 -65.35
N ARG D 558 -6.88 -11.12 -65.29
CA ARG D 558 -5.85 -10.11 -65.45
C ARG D 558 -5.45 -9.57 -64.09
N PRO D 559 -4.17 -9.66 -63.71
CA PRO D 559 -3.76 -9.15 -62.39
C PRO D 559 -3.98 -7.65 -62.28
N ASP D 560 -4.33 -7.21 -61.08
CA ASP D 560 -4.56 -5.80 -60.79
C ASP D 560 -3.56 -5.20 -59.82
N PHE D 561 -3.03 -6.00 -58.90
CA PHE D 561 -2.16 -5.48 -57.84
C PHE D 561 -1.32 -6.62 -57.32
N LEU D 562 -0.01 -6.58 -57.59
CA LEU D 562 0.92 -7.62 -57.16
C LEU D 562 1.99 -7.01 -56.27
N ARG D 563 2.20 -7.61 -55.11
CA ARG D 563 3.22 -7.15 -54.17
C ARG D 563 3.98 -8.34 -53.62
N ILE D 564 5.26 -8.11 -53.31
CA ILE D 564 6.14 -9.13 -52.74
C ILE D 564 6.91 -8.50 -51.58
N GLU D 565 7.38 -9.38 -50.68
CA GLU D 565 8.22 -8.94 -49.57
C GLU D 565 9.15 -10.09 -49.22
N CYS D 566 10.38 -10.04 -49.71
CA CYS D 566 11.31 -11.15 -49.61
C CYS D 566 12.16 -11.02 -48.35
N PHE D 567 12.65 -12.18 -47.88
CA PHE D 567 13.54 -12.23 -46.73
C PHE D 567 14.40 -13.48 -46.86
N VAL D 568 15.55 -13.46 -46.18
CA VAL D 568 16.49 -14.58 -46.20
C VAL D 568 16.17 -15.52 -45.05
N TRP D 569 16.36 -16.82 -45.29
CA TRP D 569 16.01 -17.83 -44.30
C TRP D 569 16.80 -19.09 -44.61
N ASP D 570 17.73 -19.43 -43.71
CA ASP D 570 18.55 -20.64 -43.84
C ASP D 570 19.29 -20.67 -45.17
N ASP D 571 19.93 -19.55 -45.51
CA ASP D 571 20.67 -19.39 -46.76
C ASP D 571 19.77 -19.69 -47.96
N ASP D 572 18.62 -19.01 -47.99
CA ASP D 572 17.64 -19.23 -49.04
C ASP D 572 16.82 -17.95 -49.20
N LEU D 573 16.10 -17.88 -50.31
CA LEU D 573 15.26 -16.72 -50.64
C LEU D 573 13.80 -17.11 -50.50
N TRP D 574 13.10 -16.45 -49.59
CA TRP D 574 11.66 -16.62 -49.40
C TRP D 574 10.98 -15.29 -49.70
N CYS D 575 9.93 -15.33 -50.51
CA CYS D 575 9.24 -14.13 -50.97
C CYS D 575 7.74 -14.27 -50.75
N HIS D 576 7.23 -13.64 -49.69
CA HIS D 576 5.80 -13.60 -49.48
C HIS D 576 5.16 -12.70 -50.54
N GLN D 577 4.19 -13.25 -51.28
CA GLN D 577 3.59 -12.53 -52.39
C GLN D 577 2.07 -12.48 -52.25
N PHE D 578 1.49 -11.42 -52.80
CA PHE D 578 0.05 -11.23 -52.80
C PHE D 578 -0.34 -10.60 -54.12
N TYR D 579 -1.40 -11.13 -54.75
CA TYR D 579 -1.86 -10.56 -56.00
C TYR D 579 -3.33 -10.87 -56.20
N ARG D 580 -4.03 -9.95 -56.86
CA ARG D 580 -5.45 -10.08 -57.17
C ARG D 580 -5.63 -10.02 -58.67
N PHE D 581 -6.47 -10.90 -59.21
CA PHE D 581 -6.80 -10.89 -60.62
C PHE D 581 -8.31 -11.01 -60.80
N GLU D 582 -8.82 -10.36 -61.84
CA GLU D 582 -10.24 -10.32 -62.13
C GLU D 582 -10.56 -11.35 -63.21
N ALA D 583 -11.47 -12.26 -62.91
CA ALA D 583 -11.80 -13.34 -63.82
C ALA D 583 -12.76 -12.82 -64.91
N ASP D 584 -13.30 -13.74 -65.71
CA ASP D 584 -14.20 -13.38 -66.79
C ASP D 584 -15.58 -12.94 -66.30
N SER D 585 -15.90 -13.17 -65.04
CA SER D 585 -17.19 -12.78 -64.50
C SER D 585 -17.36 -11.28 -64.39
N THR D 586 -16.27 -10.51 -64.52
CA THR D 586 -16.26 -9.05 -64.46
C THR D 586 -16.69 -8.50 -63.10
N ASN D 587 -16.95 -9.38 -62.13
CA ASN D 587 -17.32 -8.94 -60.78
C ASN D 587 -16.66 -9.76 -59.70
N SER D 588 -15.73 -10.65 -60.04
CA SER D 588 -15.06 -11.50 -59.06
C SER D 588 -13.56 -11.29 -59.15
N THR D 589 -12.96 -10.90 -58.03
CA THR D 589 -11.51 -10.74 -57.92
C THR D 589 -11.03 -11.61 -56.77
N THR D 590 -10.29 -12.67 -57.10
CA THR D 590 -9.81 -13.62 -56.10
C THR D 590 -8.44 -13.18 -55.60
N SER D 591 -8.34 -12.91 -54.30
CA SER D 591 -7.06 -12.53 -53.70
C SER D 591 -6.29 -13.79 -53.34
N VAL D 592 -5.14 -13.98 -53.97
CA VAL D 592 -4.32 -15.17 -53.79
C VAL D 592 -3.01 -14.75 -53.15
N GLU D 593 -2.69 -15.36 -52.01
CA GLU D 593 -1.47 -15.05 -51.26
C GLU D 593 -0.80 -16.36 -50.85
N ASN D 594 0.51 -16.45 -51.08
CA ASN D 594 1.26 -17.64 -50.71
C ASN D 594 2.73 -17.28 -50.63
N LEU D 595 3.49 -18.15 -49.96
CA LEU D 595 4.93 -18.02 -49.88
C LEU D 595 5.60 -18.85 -50.98
N VAL D 596 6.70 -18.33 -51.51
CA VAL D 596 7.49 -19.03 -52.51
C VAL D 596 8.96 -18.96 -52.12
N ARG D 597 9.66 -20.06 -52.30
CA ARG D 597 11.07 -20.18 -51.94
C ARG D 597 11.87 -20.51 -53.18
N ILE D 598 12.90 -19.72 -53.46
CA ILE D 598 13.77 -19.91 -54.61
C ILE D 598 15.17 -20.26 -54.08
N ARG D 599 15.68 -21.42 -54.52
CA ARG D 599 16.95 -21.92 -54.05
C ARG D 599 17.93 -21.96 -55.21
N PHE D 600 19.10 -21.34 -55.03
CA PHE D 600 20.18 -21.35 -55.99
C PHE D 600 21.29 -22.24 -55.45
N SER D 601 21.62 -23.30 -56.18
CA SER D 601 22.60 -24.29 -55.75
C SER D 601 23.80 -24.26 -56.69
N CYS D 602 24.99 -24.42 -56.12
CA CYS D 602 26.22 -24.43 -56.90
C CYS D 602 26.28 -25.67 -57.80
#